data_9MQ9
#
_entry.id   9MQ9
#
_cell.length_a   1.00
_cell.length_b   1.00
_cell.length_c   1.00
_cell.angle_alpha   90.00
_cell.angle_beta   90.00
_cell.angle_gamma   90.00
#
_symmetry.space_group_name_H-M   'P 1'
#
loop_
_entity.id
_entity.type
_entity.pdbx_description
1 polymer 'Hemagglutinin HA1 chain'
2 polymer 'Hemagglutinin HA2 chain'
3 polymer '326-289.74 Fab heavy chain'
4 polymer '326-289.74 Fab light chain'
#
loop_
_entity_poly.entity_id
_entity_poly.type
_entity_poly.pdbx_seq_one_letter_code
_entity_poly.pdbx_strand_id
1 'polypeptide(L)'
;MENIVLLLAIVSLVKSDQICIGYHANNSTEQVDTIMEKNVTVTHAQDILEKTHNGKLCDLNGVKPLILKDCSVAGWLLGN
PMCDEFIRVPEWSYIVERANPANDLCFPGSLNDYEELKHMLSRINHFEKIQIIPKSSWPNHETSLGVSAACPYQGAPSFF
RNVVWLIKKNDAYPTIKISYNNTNREDLLILWGIHHSNNAEEQTNLYKNPITYISVGTSTLNQRLAPKIATRSQVNGQRG
RMDFFWTILKPDDAIHFESNGNFIAPEYAYKIVKKGDSTIMKSGVEYGHCNTKCQTPVGAINSSMPFHNIHPLTIGECPK
YVKSNKLVLATGLRNSPLREKR
;
A,C,E
2 'polypeptide(L)'
;GLFGAIAGFIEGGWQGMVDGWYGYHHSNEQGSGYAADKESTQKAIDGVTNKVNSIIDKMNTQFEAVGREFNNLERRIENL
NKKMEDGFLDVWTYNAELLVLMENERTLDFHDSNVKNLYDKVRLQLRDNAKELGNGCFEFYHKCDNECMESVRNGTYDYP
QYSEEARLKREEISGSGYIPEAPRDGQAYVRKDGEWVLLSTFLGSGLNDIFEAQKIEWHEGHHHHHH
;
B,D,F
3 'polypeptide(L)'
;QVQLVQSGAEVKKPGSSVKVSCKASGGTFSIYTFTWVRQAPGHGLEWMGGILPISGSAKYAQKFLGRVTITADESTSTVY
MELSSLRSEDTAIYYCARDPYSNYFYGLDVWGQGTTVTVSS
;
J,H,I
4 'polypeptide(L)'
;EIVLTQSPVTLSLSPGERATLSCRASQSVSRFLAWYQQKPGQAPRLLFYDASTRATGIPARFSGTGSGTDFTLTISGLEP
EDFAVYYCQQRSNWPPEYSFGQGTKLEIK
;
L,M,N
#
# COMPACT_ATOMS: atom_id res chain seq x y z
N HIS A 24 14.99 -5.85 -59.13
CA HIS A 24 13.99 -4.80 -59.01
C HIS A 24 14.62 -3.50 -58.52
N ALA A 25 14.06 -2.37 -58.94
CA ALA A 25 14.57 -1.06 -58.55
C ALA A 25 13.50 -0.01 -58.82
N ASN A 26 13.43 0.99 -57.94
CA ASN A 26 12.46 2.07 -58.08
C ASN A 26 13.08 3.33 -57.47
N ASN A 27 12.24 4.33 -57.21
CA ASN A 27 12.71 5.58 -56.63
C ASN A 27 11.73 6.06 -55.58
N SER A 28 12.21 6.26 -54.36
CA SER A 28 11.40 6.74 -53.24
C SER A 28 12.36 7.35 -52.22
N THR A 29 11.81 7.99 -51.20
CA THR A 29 12.60 8.74 -50.23
C THR A 29 12.15 8.45 -48.80
N GLU A 30 12.00 7.18 -48.47
CA GLU A 30 11.71 6.77 -47.09
C GLU A 30 12.96 6.23 -46.42
N GLN A 31 12.86 6.00 -45.11
CA GLN A 31 13.97 5.51 -44.31
C GLN A 31 13.43 4.54 -43.25
N VAL A 32 14.33 3.70 -42.74
CA VAL A 32 14.00 2.75 -41.68
C VAL A 32 15.25 2.47 -40.87
N ASP A 33 15.06 1.95 -39.66
CA ASP A 33 16.15 1.64 -38.75
C ASP A 33 16.20 0.13 -38.53
N THR A 34 17.40 -0.43 -38.58
CA THR A 34 17.63 -1.86 -38.39
C THR A 34 18.57 -2.07 -37.21
N ILE A 35 18.92 -3.34 -36.96
CA ILE A 35 19.78 -3.67 -35.84
C ILE A 35 21.20 -3.16 -36.06
N MET A 36 21.67 -3.22 -37.31
CA MET A 36 23.05 -2.85 -37.61
C MET A 36 23.21 -1.35 -37.81
N GLU A 37 22.39 -0.75 -38.68
CA GLU A 37 22.48 0.65 -39.00
C GLU A 37 21.22 1.37 -38.58
N LYS A 38 21.31 2.71 -38.50
CA LYS A 38 20.21 3.52 -38.03
C LYS A 38 19.73 4.57 -39.03
N ASN A 39 20.46 4.79 -40.13
CA ASN A 39 20.11 5.82 -41.10
C ASN A 39 19.93 5.23 -42.50
N VAL A 40 19.51 3.98 -42.58
CA VAL A 40 19.27 3.35 -43.88
C VAL A 40 18.00 3.92 -44.50
N THR A 41 18.09 4.31 -45.76
CA THR A 41 16.95 4.79 -46.52
C THR A 41 16.37 3.65 -47.34
N VAL A 42 15.04 3.50 -47.29
CA VAL A 42 14.35 2.38 -47.91
C VAL A 42 13.22 2.92 -48.79
N THR A 43 12.60 2.01 -49.55
CA THR A 43 11.50 2.39 -50.43
C THR A 43 10.22 2.56 -49.63
N HIS A 44 9.09 2.58 -50.31
CA HIS A 44 7.79 2.78 -49.67
C HIS A 44 7.63 1.89 -48.44
N ALA A 45 7.46 2.52 -47.29
CA ALA A 45 7.30 1.84 -46.01
C ALA A 45 5.90 2.09 -45.49
N GLN A 46 5.63 1.59 -44.29
CA GLN A 46 4.33 1.72 -43.64
C GLN A 46 4.53 2.22 -42.23
N ASP A 47 4.11 3.45 -41.97
CA ASP A 47 4.20 4.05 -40.64
C ASP A 47 3.15 3.44 -39.74
N ILE A 48 3.47 3.32 -38.45
CA ILE A 48 2.59 2.69 -37.49
C ILE A 48 2.24 3.60 -36.32
N LEU A 49 2.92 4.72 -36.15
CA LEU A 49 2.71 5.63 -35.03
C LEU A 49 1.96 6.86 -35.51
N GLU A 50 0.91 7.23 -34.78
CA GLU A 50 0.07 8.37 -35.13
C GLU A 50 0.43 9.53 -34.21
N LYS A 51 0.77 10.67 -34.80
CA LYS A 51 1.32 11.79 -34.03
C LYS A 51 0.41 13.02 -33.98
N THR A 52 -0.50 13.18 -34.93
CA THR A 52 -1.38 14.35 -34.95
C THR A 52 -2.63 14.09 -34.10
N HIS A 53 -3.29 15.18 -33.72
CA HIS A 53 -4.52 15.09 -32.94
C HIS A 53 -5.35 16.34 -33.16
N ASN A 54 -6.63 16.25 -32.78
CA ASN A 54 -7.57 17.34 -33.01
C ASN A 54 -7.37 18.51 -32.04
N GLY A 55 -6.97 18.23 -30.80
CA GLY A 55 -6.77 19.27 -29.82
C GLY A 55 -8.01 19.99 -29.38
N LYS A 56 -9.09 19.27 -29.11
CA LYS A 56 -10.34 19.87 -28.66
C LYS A 56 -11.24 18.77 -28.10
N LEU A 57 -11.91 19.07 -26.98
CA LEU A 57 -12.79 18.10 -26.34
C LEU A 57 -14.11 18.02 -27.09
N CYS A 58 -14.58 16.80 -27.33
CA CYS A 58 -15.77 16.56 -28.12
C CYS A 58 -16.58 15.43 -27.46
N ASP A 59 -17.60 14.95 -28.16
CA ASP A 59 -18.56 14.01 -27.59
C ASP A 59 -18.22 12.57 -27.95
N LEU A 60 -18.51 11.66 -27.03
CA LEU A 60 -18.11 10.25 -27.12
C LEU A 60 -19.30 9.41 -27.53
N ASN A 61 -19.29 8.93 -28.78
CA ASN A 61 -20.28 7.99 -29.30
C ASN A 61 -21.71 8.51 -29.17
N GLY A 62 -21.88 9.84 -29.28
CA GLY A 62 -23.19 10.42 -29.16
C GLY A 62 -23.49 10.91 -27.76
N VAL A 63 -23.08 10.13 -26.76
CA VAL A 63 -23.22 10.53 -25.37
C VAL A 63 -22.38 11.78 -25.13
N LYS A 64 -22.95 12.75 -24.43
CA LYS A 64 -22.35 14.08 -24.40
C LYS A 64 -21.76 14.35 -23.04
N PRO A 65 -20.48 14.77 -22.96
CA PRO A 65 -19.76 14.76 -21.69
C PRO A 65 -20.21 15.80 -20.67
N LEU A 66 -19.55 15.82 -19.52
CA LEU A 66 -19.81 16.78 -18.46
C LEU A 66 -18.57 17.63 -18.27
N ILE A 67 -18.72 18.95 -18.37
CA ILE A 67 -17.61 19.89 -18.26
C ILE A 67 -17.81 20.70 -17.00
N LEU A 68 -17.03 20.40 -15.96
CA LEU A 68 -16.99 21.22 -14.75
C LEU A 68 -15.95 22.30 -14.99
N LYS A 69 -16.42 23.48 -15.40
CA LYS A 69 -15.55 24.54 -15.88
C LYS A 69 -14.51 24.95 -14.83
N ASP A 70 -14.96 25.55 -13.74
CA ASP A 70 -14.11 25.83 -12.58
C ASP A 70 -14.88 25.37 -11.34
N CYS A 71 -14.76 24.08 -11.04
CA CYS A 71 -15.46 23.46 -9.91
C CYS A 71 -14.86 22.09 -9.61
N SER A 72 -14.60 21.81 -8.34
CA SER A 72 -14.07 20.51 -7.95
C SER A 72 -15.22 19.52 -7.75
N VAL A 73 -14.84 18.25 -7.56
CA VAL A 73 -15.85 17.22 -7.33
C VAL A 73 -16.58 17.45 -6.02
N ALA A 74 -15.84 17.85 -4.98
CA ALA A 74 -16.47 18.14 -3.69
C ALA A 74 -17.45 19.30 -3.82
N GLY A 75 -17.08 20.35 -4.54
CA GLY A 75 -17.98 21.48 -4.73
C GLY A 75 -19.24 21.10 -5.47
N TRP A 76 -19.13 20.22 -6.46
CA TRP A 76 -20.31 19.76 -7.18
C TRP A 76 -21.21 18.92 -6.28
N LEU A 77 -20.64 17.93 -5.59
CA LEU A 77 -21.46 17.03 -4.79
C LEU A 77 -22.04 17.71 -3.56
N LEU A 78 -21.42 18.78 -3.08
CA LEU A 78 -21.96 19.51 -1.94
C LEU A 78 -22.87 20.66 -2.35
N GLY A 79 -22.73 21.19 -3.57
CA GLY A 79 -23.59 22.26 -4.02
C GLY A 79 -23.02 23.64 -3.77
N ASN A 80 -21.81 23.90 -4.27
CA ASN A 80 -21.18 25.19 -4.08
C ASN A 80 -22.07 26.31 -4.64
N PRO A 81 -22.25 27.42 -3.92
CA PRO A 81 -23.16 28.47 -4.41
C PRO A 81 -22.80 28.99 -5.80
N MET A 82 -21.52 29.17 -6.10
CA MET A 82 -21.12 29.57 -7.44
C MET A 82 -20.79 28.36 -8.31
N CYS A 83 -21.66 27.35 -8.27
CA CYS A 83 -21.56 26.21 -9.18
C CYS A 83 -22.94 25.71 -9.58
N ASP A 84 -23.95 26.59 -9.57
CA ASP A 84 -25.34 26.19 -9.75
C ASP A 84 -25.68 25.86 -11.20
N GLU A 85 -24.69 25.75 -12.08
CA GLU A 85 -24.93 25.35 -13.46
C GLU A 85 -25.07 23.84 -13.62
N PHE A 86 -24.88 23.07 -12.55
CA PHE A 86 -24.93 21.61 -12.61
C PHE A 86 -25.94 21.04 -11.62
N ILE A 87 -27.04 21.75 -11.40
CA ILE A 87 -28.05 21.26 -10.46
C ILE A 87 -28.74 20.02 -11.01
N ARG A 88 -28.84 19.89 -12.33
CA ARG A 88 -29.34 18.69 -12.98
C ARG A 88 -28.55 18.47 -14.26
N VAL A 89 -28.12 17.22 -14.48
CA VAL A 89 -27.26 16.90 -15.60
C VAL A 89 -27.71 15.59 -16.24
N PRO A 90 -27.84 15.53 -17.56
CA PRO A 90 -28.21 14.26 -18.22
C PRO A 90 -27.08 13.25 -18.24
N GLU A 91 -27.27 12.13 -18.95
CA GLU A 91 -26.25 11.10 -19.02
C GLU A 91 -24.97 11.65 -19.64
N TRP A 92 -23.83 11.25 -19.06
CA TRP A 92 -22.54 11.70 -19.54
C TRP A 92 -21.64 10.51 -19.84
N SER A 93 -20.37 10.77 -20.16
CA SER A 93 -19.42 9.70 -20.44
C SER A 93 -18.18 9.84 -19.57
N TYR A 94 -17.77 11.07 -19.29
CA TYR A 94 -16.59 11.32 -18.48
C TYR A 94 -16.70 12.69 -17.82
N ILE A 95 -15.88 12.90 -16.80
CA ILE A 95 -15.86 14.16 -16.06
C ILE A 95 -14.54 14.85 -16.37
N VAL A 96 -14.63 16.04 -16.95
CA VAL A 96 -13.43 16.84 -17.25
C VAL A 96 -13.27 17.90 -16.17
N GLU A 97 -12.06 18.01 -15.64
CA GLU A 97 -11.77 18.97 -14.58
C GLU A 97 -10.52 19.76 -14.93
N ARG A 98 -10.37 20.91 -14.29
CA ARG A 98 -9.25 21.81 -14.51
C ARG A 98 -8.35 21.83 -13.27
N ALA A 99 -7.05 21.90 -13.52
CA ALA A 99 -6.10 22.04 -12.42
C ALA A 99 -6.28 23.40 -11.75
N ASN A 100 -5.83 23.48 -10.50
CA ASN A 100 -6.02 24.62 -9.60
C ASN A 100 -7.40 25.26 -9.77
N PRO A 101 -8.48 24.53 -9.45
CA PRO A 101 -9.83 25.07 -9.67
C PRO A 101 -10.18 26.10 -8.59
N ALA A 102 -10.60 27.27 -9.03
CA ALA A 102 -10.77 28.40 -8.13
C ALA A 102 -11.91 28.16 -7.13
N ASN A 103 -13.07 27.77 -7.64
CA ASN A 103 -14.27 27.71 -6.80
C ASN A 103 -14.11 26.70 -5.67
N ASP A 104 -14.04 25.42 -6.00
CA ASP A 104 -13.81 24.34 -5.04
C ASP A 104 -14.65 24.48 -3.78
N LEU A 105 -14.04 24.22 -2.64
CA LEU A 105 -14.71 24.34 -1.35
C LEU A 105 -14.38 25.68 -0.71
N CYS A 106 -15.34 26.23 0.04
CA CYS A 106 -15.22 27.57 0.59
C CYS A 106 -14.96 27.59 2.09
N PHE A 107 -15.82 26.98 2.89
CA PHE A 107 -15.62 26.99 4.33
C PHE A 107 -14.61 25.91 4.71
N PRO A 108 -13.38 26.27 5.08
CA PRO A 108 -12.27 25.32 5.02
C PRO A 108 -12.51 24.08 5.85
N GLY A 109 -12.03 22.95 5.33
CA GLY A 109 -12.23 21.67 5.99
C GLY A 109 -11.63 20.54 5.18
N SER A 110 -12.28 19.39 5.24
CA SER A 110 -11.79 18.24 4.48
C SER A 110 -12.94 17.26 4.25
N LEU A 111 -12.74 16.42 3.24
CA LEU A 111 -13.61 15.28 2.97
C LEU A 111 -12.87 14.01 3.35
N ASN A 112 -13.44 13.23 4.27
CA ASN A 112 -12.79 12.01 4.70
C ASN A 112 -12.83 10.96 3.60
N ASP A 113 -11.69 10.30 3.37
CA ASP A 113 -11.55 9.30 2.32
C ASP A 113 -11.95 9.87 0.96
N TYR A 114 -11.52 11.12 0.71
CA TYR A 114 -11.89 11.81 -0.52
C TYR A 114 -11.35 11.11 -1.76
N GLU A 115 -10.19 10.46 -1.67
CA GLU A 115 -9.66 9.72 -2.80
C GLU A 115 -10.43 8.43 -3.07
N GLU A 116 -11.05 7.85 -2.04
CA GLU A 116 -11.90 6.68 -2.26
C GLU A 116 -13.18 7.05 -2.99
N LEU A 117 -13.75 8.22 -2.68
CA LEU A 117 -14.96 8.67 -3.36
C LEU A 117 -14.71 8.87 -4.86
N LYS A 118 -13.57 9.45 -5.20
CA LYS A 118 -13.25 9.67 -6.61
C LYS A 118 -12.84 8.38 -7.31
N HIS A 119 -12.64 7.29 -6.57
CA HIS A 119 -12.50 5.97 -7.16
C HIS A 119 -13.83 5.27 -7.36
N MET A 120 -14.82 5.56 -6.50
CA MET A 120 -16.18 5.08 -6.75
C MET A 120 -16.74 5.70 -8.01
N LEU A 121 -16.51 7.00 -8.23
CA LEU A 121 -16.76 7.58 -9.54
C LEU A 121 -15.81 6.97 -10.56
N SER A 122 -16.04 7.31 -11.82
CA SER A 122 -15.50 6.61 -12.98
C SER A 122 -16.05 5.19 -13.08
N ARG A 123 -17.03 4.84 -12.24
CA ARG A 123 -17.79 3.62 -12.37
C ARG A 123 -19.28 3.89 -12.42
N ILE A 124 -19.71 5.14 -12.28
CA ILE A 124 -21.11 5.53 -12.36
C ILE A 124 -21.27 6.47 -13.56
N ASN A 125 -22.20 6.14 -14.45
CA ASN A 125 -22.43 6.93 -15.66
C ASN A 125 -23.68 7.80 -15.59
N HIS A 126 -24.61 7.50 -14.68
CA HIS A 126 -25.83 8.25 -14.57
C HIS A 126 -26.17 8.43 -13.10
N PHE A 127 -26.75 9.58 -12.77
CA PHE A 127 -27.11 9.93 -11.40
C PHE A 127 -28.59 10.32 -11.38
N GLU A 128 -29.14 10.48 -10.17
CA GLU A 128 -30.53 10.92 -10.05
C GLU A 128 -30.70 11.54 -8.67
N LYS A 129 -30.94 12.85 -8.64
CA LYS A 129 -31.13 13.53 -7.37
C LYS A 129 -32.52 13.22 -6.83
N ILE A 130 -32.59 12.84 -5.57
CA ILE A 130 -33.83 12.45 -4.91
C ILE A 130 -33.96 13.24 -3.62
N GLN A 131 -35.18 13.63 -3.28
CA GLN A 131 -35.45 14.39 -2.07
C GLN A 131 -35.70 13.43 -0.93
N ILE A 132 -34.82 13.45 0.07
CA ILE A 132 -35.00 12.75 1.33
C ILE A 132 -35.20 13.84 2.37
N ILE A 133 -35.31 13.46 3.65
CA ILE A 133 -36.03 14.21 4.68
C ILE A 133 -35.92 15.72 4.45
N PRO A 134 -37.06 16.39 4.22
CA PRO A 134 -37.02 17.74 3.63
C PRO A 134 -36.81 18.85 4.64
N LYS A 135 -36.90 20.09 4.17
CA LYS A 135 -36.82 21.26 5.02
C LYS A 135 -38.03 21.41 5.92
N SER A 136 -39.09 20.64 5.69
CA SER A 136 -40.30 20.70 6.49
C SER A 136 -40.37 19.58 7.53
N SER A 137 -39.27 18.86 7.74
CA SER A 137 -39.21 17.79 8.71
C SER A 137 -38.46 18.20 9.98
N TRP A 138 -38.17 19.49 10.14
CA TRP A 138 -37.46 20.01 11.32
C TRP A 138 -38.35 21.05 11.97
N PRO A 139 -39.27 20.67 12.85
CA PRO A 139 -40.13 21.65 13.50
C PRO A 139 -39.37 22.54 14.48
N ASN A 140 -38.68 21.93 15.43
CA ASN A 140 -37.93 22.68 16.44
C ASN A 140 -36.44 22.74 16.09
N HIS A 141 -36.16 23.35 14.94
CA HIS A 141 -34.78 23.50 14.46
C HIS A 141 -34.72 24.54 13.35
N GLU A 142 -33.83 25.52 13.51
CA GLU A 142 -33.72 26.59 12.52
C GLU A 142 -32.89 26.12 11.33
N THR A 143 -33.34 26.49 10.12
CA THR A 143 -32.70 26.04 8.90
C THR A 143 -32.41 27.13 7.88
N SER A 144 -32.81 28.38 8.12
CA SER A 144 -32.65 29.44 7.14
C SER A 144 -31.61 30.49 7.51
N LEU A 145 -31.23 30.59 8.78
CA LEU A 145 -30.24 31.56 9.22
C LEU A 145 -28.84 30.97 9.32
N GLY A 146 -28.52 29.98 8.48
CA GLY A 146 -27.16 29.48 8.40
C GLY A 146 -26.48 29.89 7.12
N VAL A 147 -25.60 30.89 7.21
CA VAL A 147 -24.86 31.40 6.06
C VAL A 147 -23.47 31.82 6.53
N SER A 148 -22.63 32.19 5.56
CA SER A 148 -21.29 32.65 5.86
C SER A 148 -20.78 33.52 4.72
N ALA A 149 -19.79 34.35 5.03
CA ALA A 149 -19.17 35.20 4.02
C ALA A 149 -18.12 34.47 3.20
N ALA A 150 -17.79 33.22 3.54
CA ALA A 150 -16.83 32.46 2.76
C ALA A 150 -17.41 32.05 1.41
N CYS A 151 -18.71 31.79 1.35
CA CYS A 151 -19.38 31.39 0.11
C CYS A 151 -20.55 32.33 -0.13
N PRO A 152 -20.30 33.47 -0.77
CA PRO A 152 -21.39 34.42 -1.04
C PRO A 152 -22.09 34.14 -2.36
N TYR A 153 -23.17 34.87 -2.64
CA TYR A 153 -23.87 34.76 -3.91
C TYR A 153 -24.35 36.16 -4.30
N GLN A 154 -23.75 36.71 -5.36
CA GLN A 154 -24.06 38.07 -5.82
C GLN A 154 -23.95 39.07 -4.66
N GLY A 155 -22.93 38.89 -3.84
CA GLY A 155 -22.72 39.72 -2.67
C GLY A 155 -23.32 39.18 -1.40
N ALA A 156 -24.54 38.64 -1.49
CA ALA A 156 -25.21 38.12 -0.32
C ALA A 156 -24.56 36.80 0.13
N PRO A 157 -24.47 36.55 1.43
CA PRO A 157 -23.90 35.28 1.91
C PRO A 157 -24.79 34.10 1.52
N SER A 158 -24.18 32.92 1.50
CA SER A 158 -24.87 31.72 1.06
C SER A 158 -24.22 30.50 1.72
N PHE A 159 -24.53 29.33 1.19
CA PHE A 159 -24.18 28.04 1.80
C PHE A 159 -24.46 26.96 0.76
N PHE A 160 -23.79 25.82 0.92
CA PHE A 160 -24.03 24.67 0.04
C PHE A 160 -25.51 24.34 -0.04
N ARG A 161 -25.93 23.73 -1.15
CA ARG A 161 -27.35 23.54 -1.43
C ARG A 161 -27.83 22.11 -1.25
N ASN A 162 -26.94 21.14 -1.14
CA ASN A 162 -27.30 19.75 -0.91
C ASN A 162 -27.19 19.35 0.55
N VAL A 163 -26.95 20.30 1.44
CA VAL A 163 -26.67 20.02 2.85
C VAL A 163 -27.17 21.19 3.68
N VAL A 164 -27.72 20.88 4.85
CA VAL A 164 -28.32 21.87 5.74
C VAL A 164 -27.47 22.01 6.99
N TRP A 165 -27.26 23.25 7.43
CA TRP A 165 -26.62 23.55 8.70
C TRP A 165 -27.72 23.87 9.70
N LEU A 166 -27.76 23.13 10.80
CA LEU A 166 -28.78 23.28 11.83
C LEU A 166 -28.24 24.11 12.98
N ILE A 167 -29.03 25.09 13.41
CA ILE A 167 -28.68 25.97 14.52
C ILE A 167 -29.85 25.97 15.49
N LYS A 168 -29.55 26.31 16.75
CA LYS A 168 -30.56 26.33 17.80
C LYS A 168 -31.69 27.29 17.44
N LYS A 169 -32.85 27.07 18.06
CA LYS A 169 -34.05 27.83 17.75
C LYS A 169 -34.85 27.99 19.03
N ASN A 170 -35.06 29.25 19.44
CA ASN A 170 -35.68 29.59 20.72
C ASN A 170 -34.93 28.95 21.90
N ASP A 171 -33.60 28.99 21.83
CA ASP A 171 -32.72 28.53 22.91
C ASP A 171 -32.99 27.06 23.22
N ALA A 172 -32.77 26.22 22.21
CA ALA A 172 -32.97 24.78 22.35
C ALA A 172 -32.37 24.08 21.15
N TYR A 173 -31.69 22.95 21.41
CA TYR A 173 -31.21 22.05 20.38
C TYR A 173 -31.58 20.63 20.79
N PRO A 174 -32.83 20.24 20.62
CA PRO A 174 -33.26 18.89 21.04
C PRO A 174 -32.56 17.81 20.22
N THR A 175 -32.42 16.64 20.85
CA THR A 175 -31.77 15.52 20.21
C THR A 175 -32.52 15.10 18.95
N ILE A 176 -31.78 14.69 17.93
CA ILE A 176 -32.34 14.31 16.64
C ILE A 176 -32.31 12.79 16.51
N LYS A 177 -33.47 12.20 16.21
CA LYS A 177 -33.58 10.77 15.97
C LYS A 177 -34.38 10.58 14.70
N ILE A 178 -33.68 10.31 13.59
CA ILE A 178 -34.31 10.16 12.29
C ILE A 178 -33.77 8.91 11.62
N SER A 179 -34.54 8.39 10.67
CA SER A 179 -34.17 7.17 9.97
C SER A 179 -34.72 7.21 8.56
N TYR A 180 -34.16 6.37 7.70
CA TYR A 180 -34.60 6.27 6.30
C TYR A 180 -34.45 4.83 5.83
N ASN A 181 -35.48 4.32 5.18
CA ASN A 181 -35.49 2.97 4.64
C ASN A 181 -35.49 3.06 3.13
N ASN A 182 -34.52 2.43 2.49
CA ASN A 182 -34.35 2.49 1.04
C ASN A 182 -35.37 1.57 0.39
N THR A 183 -36.58 2.11 0.16
CA THR A 183 -37.63 1.32 -0.47
C THR A 183 -37.37 1.07 -1.95
N ASN A 184 -36.58 1.92 -2.60
CA ASN A 184 -36.32 1.77 -4.01
C ASN A 184 -35.42 0.56 -4.28
N ARG A 185 -35.32 0.20 -5.55
CA ARG A 185 -34.45 -0.89 -5.99
C ARG A 185 -33.05 -0.41 -6.34
N GLU A 186 -32.70 0.81 -5.95
CA GLU A 186 -31.40 1.39 -6.23
C GLU A 186 -30.70 1.74 -4.92
N ASP A 187 -29.42 2.10 -5.03
CA ASP A 187 -28.59 2.44 -3.89
C ASP A 187 -28.41 3.94 -3.80
N LEU A 188 -28.13 4.42 -2.60
CA LEU A 188 -28.03 5.84 -2.33
C LEU A 188 -26.67 6.20 -1.74
N LEU A 189 -26.30 7.47 -1.91
CA LEU A 189 -25.07 8.03 -1.37
C LEU A 189 -25.44 9.23 -0.52
N ILE A 190 -25.25 9.11 0.79
CA ILE A 190 -25.67 10.13 1.75
C ILE A 190 -24.43 10.81 2.33
N LEU A 191 -24.49 12.14 2.44
CA LEU A 191 -23.39 12.94 2.95
C LEU A 191 -23.85 13.78 4.12
N TRP A 192 -23.12 13.73 5.23
CA TRP A 192 -23.38 14.57 6.38
C TRP A 192 -22.08 15.20 6.86
N GLY A 193 -22.09 15.89 8.01
CA GLY A 193 -20.88 16.56 8.43
C GLY A 193 -20.88 16.94 9.89
N ILE A 194 -19.75 17.48 10.32
CA ILE A 194 -19.53 17.95 11.69
C ILE A 194 -18.90 19.33 11.62
N HIS A 195 -19.10 20.10 12.68
CA HIS A 195 -18.56 21.46 12.78
C HIS A 195 -17.46 21.50 13.84
N HIS A 196 -16.29 21.99 13.45
CA HIS A 196 -15.14 22.13 14.36
C HIS A 196 -15.09 23.59 14.79
N SER A 197 -15.75 23.90 15.91
CA SER A 197 -15.79 25.26 16.40
C SER A 197 -14.43 25.70 16.91
N ASN A 198 -14.20 27.01 16.90
CA ASN A 198 -12.90 27.56 17.28
C ASN A 198 -12.76 27.66 18.80
N ASN A 199 -13.61 28.46 19.44
CA ASN A 199 -13.56 28.67 20.88
C ASN A 199 -14.78 28.03 21.54
N ALA A 200 -14.92 28.25 22.85
CA ALA A 200 -16.09 27.80 23.59
C ALA A 200 -17.26 28.78 23.45
N GLU A 201 -16.96 30.07 23.36
CA GLU A 201 -18.01 31.07 23.22
C GLU A 201 -18.78 30.88 21.93
N GLU A 202 -18.08 30.56 20.84
CA GLU A 202 -18.75 30.30 19.57
C GLU A 202 -19.70 29.12 19.67
N GLN A 203 -19.24 28.03 20.29
CA GLN A 203 -20.08 26.84 20.44
C GLN A 203 -21.31 27.15 21.29
N THR A 204 -21.11 27.90 22.38
CA THR A 204 -22.25 28.30 23.19
C THR A 204 -23.23 29.15 22.40
N ASN A 205 -22.72 30.06 21.58
CA ASN A 205 -23.59 30.93 20.78
C ASN A 205 -24.42 30.12 19.79
N LEU A 206 -23.81 29.12 19.16
CA LEU A 206 -24.55 28.35 18.16
C LEU A 206 -25.43 27.28 18.82
N TYR A 207 -24.86 26.49 19.73
CA TYR A 207 -25.57 25.38 20.37
C TYR A 207 -25.46 25.49 21.89
N LYS A 208 -26.54 25.16 22.58
CA LYS A 208 -26.56 25.34 24.03
C LYS A 208 -25.62 24.37 24.74
N ASN A 209 -25.60 23.10 24.31
CA ASN A 209 -24.85 22.08 25.03
C ASN A 209 -23.36 22.17 24.69
N PRO A 210 -22.49 22.30 25.69
CA PRO A 210 -21.05 22.35 25.42
C PRO A 210 -20.50 21.04 24.85
N ILE A 211 -20.78 19.92 25.53
CA ILE A 211 -20.30 18.62 25.10
C ILE A 211 -21.27 18.06 24.08
N THR A 212 -20.75 17.66 22.91
CA THR A 212 -21.59 17.26 21.80
C THR A 212 -21.01 16.04 21.11
N TYR A 213 -21.87 15.31 20.41
CA TYR A 213 -21.48 14.09 19.71
C TYR A 213 -22.47 13.83 18.59
N ILE A 214 -22.06 12.98 17.64
CA ILE A 214 -22.92 12.49 16.58
C ILE A 214 -22.69 11.00 16.41
N SER A 215 -23.78 10.24 16.23
CA SER A 215 -23.71 8.81 16.03
C SER A 215 -24.47 8.44 14.78
N VAL A 216 -23.90 7.56 13.97
CA VAL A 216 -24.54 7.02 12.77
C VAL A 216 -24.48 5.50 12.85
N GLY A 217 -25.62 4.86 12.65
CA GLY A 217 -25.69 3.41 12.72
C GLY A 217 -26.43 2.75 11.56
N THR A 218 -25.75 1.87 10.85
CA THR A 218 -26.37 1.10 9.77
C THR A 218 -26.17 -0.39 10.03
N SER A 219 -26.48 -1.22 9.03
CA SER A 219 -26.29 -2.66 9.16
C SER A 219 -24.82 -3.06 9.08
N THR A 220 -23.93 -2.15 8.69
CA THR A 220 -22.51 -2.45 8.60
C THR A 220 -21.66 -1.35 9.23
N LEU A 221 -22.21 -0.17 9.50
CA LEU A 221 -21.46 0.99 9.95
C LEU A 221 -21.66 1.21 11.43
N ASN A 222 -20.64 1.77 12.08
CA ASN A 222 -20.72 2.14 13.49
C ASN A 222 -19.72 3.26 13.72
N GLN A 223 -20.22 4.47 13.99
CA GLN A 223 -19.36 5.65 14.08
C GLN A 223 -19.77 6.51 15.27
N ARG A 224 -18.77 7.03 15.98
CA ARG A 224 -18.98 8.02 17.04
C ARG A 224 -17.89 9.08 16.91
N LEU A 225 -18.28 10.35 17.01
CA LEU A 225 -17.36 11.46 16.81
C LEU A 225 -17.69 12.59 17.78
N ALA A 226 -16.68 13.42 18.03
CA ALA A 226 -16.80 14.59 18.89
C ALA A 226 -16.05 15.75 18.26
N PRO A 227 -16.46 16.99 18.54
CA PRO A 227 -15.78 18.15 17.93
C PRO A 227 -14.42 18.40 18.56
N LYS A 228 -13.69 19.33 17.95
CA LYS A 228 -12.37 19.74 18.42
C LYS A 228 -12.33 21.26 18.54
N ILE A 229 -11.85 21.74 19.68
CA ILE A 229 -11.75 23.17 19.97
C ILE A 229 -10.28 23.49 20.22
N ALA A 230 -9.75 24.45 19.48
CA ALA A 230 -8.34 24.83 19.59
C ALA A 230 -8.16 26.21 18.96
N THR A 231 -6.91 26.62 18.80
CA THR A 231 -6.57 27.89 18.17
C THR A 231 -5.88 27.60 16.85
N ARG A 232 -6.41 28.16 15.76
CA ARG A 232 -5.85 27.91 14.44
C ARG A 232 -5.54 29.22 13.72
N SER A 233 -5.15 29.13 12.46
CA SER A 233 -4.76 30.27 11.65
C SER A 233 -5.95 30.75 10.83
N GLN A 234 -5.68 31.65 9.89
CA GLN A 234 -6.70 32.23 9.03
C GLN A 234 -6.48 31.75 7.60
N VAL A 235 -7.47 31.05 7.05
CA VAL A 235 -7.51 30.72 5.63
C VAL A 235 -8.89 31.10 5.11
N ASN A 236 -8.92 31.76 3.96
CA ASN A 236 -10.14 32.35 3.41
C ASN A 236 -10.85 33.25 4.42
N GLY A 237 -10.10 33.76 5.39
CA GLY A 237 -10.66 34.65 6.39
C GLY A 237 -11.56 33.98 7.41
N GLN A 238 -11.44 32.67 7.60
CA GLN A 238 -12.30 31.94 8.52
C GLN A 238 -11.44 31.14 9.49
N ARG A 239 -11.66 31.34 10.79
CA ARG A 239 -10.98 30.59 11.84
C ARG A 239 -11.91 29.48 12.33
N GLY A 240 -12.03 28.44 11.51
CA GLY A 240 -12.88 27.31 11.83
C GLY A 240 -12.77 26.28 10.74
N ARG A 241 -13.27 25.08 11.03
CA ARG A 241 -13.15 23.96 10.10
C ARG A 241 -14.45 23.16 10.10
N MET A 242 -14.60 22.35 9.06
CA MET A 242 -15.74 21.45 8.90
C MET A 242 -15.23 20.11 8.36
N ASP A 243 -15.94 19.04 8.69
CA ASP A 243 -15.58 17.71 8.21
C ASP A 243 -16.84 16.97 7.78
N PHE A 244 -16.81 16.40 6.58
CA PHE A 244 -17.94 15.66 6.03
C PHE A 244 -17.58 14.18 5.91
N PHE A 245 -18.61 13.35 5.76
CA PHE A 245 -18.45 11.91 5.64
C PHE A 245 -19.47 11.38 4.65
N TRP A 246 -19.22 10.18 4.13
CA TRP A 246 -20.11 9.59 3.13
C TRP A 246 -20.27 8.09 3.39
N THR A 247 -21.34 7.54 2.83
CA THR A 247 -21.65 6.12 2.97
C THR A 247 -22.51 5.69 1.79
N ILE A 248 -22.71 4.38 1.69
CA ILE A 248 -23.57 3.79 0.67
C ILE A 248 -24.62 2.92 1.35
N LEU A 249 -25.88 3.10 0.97
CA LEU A 249 -26.99 2.31 1.49
C LEU A 249 -27.33 1.18 0.53
N LYS A 250 -28.21 0.30 0.97
CA LYS A 250 -28.60 -0.89 0.23
C LYS A 250 -30.12 -1.00 0.21
N PRO A 251 -30.67 -1.72 -0.77
CA PRO A 251 -32.11 -1.99 -0.75
C PRO A 251 -32.49 -2.79 0.48
N ASP A 252 -33.65 -2.44 1.05
CA ASP A 252 -34.20 -2.99 2.29
C ASP A 252 -33.36 -2.65 3.52
N ASP A 253 -32.30 -1.85 3.36
CA ASP A 253 -31.45 -1.48 4.49
C ASP A 253 -31.98 -0.19 5.11
N ALA A 254 -31.42 0.20 6.25
CA ALA A 254 -31.88 1.39 6.96
C ALA A 254 -30.69 2.12 7.56
N ILE A 255 -30.81 3.43 7.67
CA ILE A 255 -29.77 4.29 8.23
C ILE A 255 -30.37 5.07 9.39
N HIS A 256 -29.63 5.15 10.49
CA HIS A 256 -30.12 5.78 11.71
C HIS A 256 -29.15 6.88 12.13
N PHE A 257 -29.68 8.08 12.31
CA PHE A 257 -28.90 9.25 12.70
C PHE A 257 -29.30 9.69 14.10
N GLU A 258 -28.30 10.06 14.91
CA GLU A 258 -28.53 10.57 16.25
C GLU A 258 -27.44 11.58 16.57
N SER A 259 -27.83 12.74 17.10
CA SER A 259 -26.86 13.78 17.40
C SER A 259 -27.39 14.68 18.50
N ASN A 260 -26.47 15.39 19.14
CA ASN A 260 -26.78 16.34 20.19
C ASN A 260 -26.27 17.75 19.88
N GLY A 261 -25.49 17.92 18.83
CA GLY A 261 -24.98 19.22 18.47
C GLY A 261 -23.95 19.10 17.37
N ASN A 262 -23.63 20.25 16.78
CA ASN A 262 -22.65 20.35 15.70
C ASN A 262 -23.01 19.41 14.56
N PHE A 263 -24.31 19.34 14.24
CA PHE A 263 -24.81 18.45 13.20
C PHE A 263 -25.07 19.24 11.93
N ILE A 264 -24.58 18.72 10.81
CA ILE A 264 -24.83 19.31 9.50
C ILE A 264 -25.69 18.33 8.71
N ALA A 265 -27.01 18.48 8.80
CA ALA A 265 -27.95 17.50 8.28
C ALA A 265 -28.03 17.55 6.75
N PRO A 266 -28.36 16.43 6.13
CA PRO A 266 -28.51 16.41 4.67
C PRO A 266 -29.95 16.69 4.23
N GLU A 267 -30.06 17.15 2.98
CA GLU A 267 -31.34 17.38 2.35
C GLU A 267 -31.53 16.55 1.08
N TYR A 268 -30.50 16.46 0.24
CA TYR A 268 -30.60 15.76 -1.02
C TYR A 268 -29.65 14.56 -1.04
N ALA A 269 -30.13 13.46 -1.58
CA ALA A 269 -29.36 12.24 -1.75
C ALA A 269 -29.10 12.01 -3.22
N TYR A 270 -28.35 10.95 -3.53
CA TYR A 270 -27.95 10.65 -4.89
C TYR A 270 -28.25 9.19 -5.20
N LYS A 271 -28.93 8.95 -6.31
CA LYS A 271 -29.26 7.60 -6.75
C LYS A 271 -28.22 7.08 -7.73
N ILE A 272 -28.23 5.76 -7.91
CA ILE A 272 -27.38 5.09 -8.89
C ILE A 272 -28.29 4.25 -9.78
N VAL A 273 -28.27 4.53 -11.08
CA VAL A 273 -29.13 3.84 -12.04
C VAL A 273 -28.36 3.24 -13.21
N LYS A 274 -27.05 3.51 -13.32
CA LYS A 274 -26.26 2.95 -14.40
C LYS A 274 -24.82 2.83 -13.95
N LYS A 275 -24.16 1.77 -14.40
CA LYS A 275 -22.76 1.53 -14.09
C LYS A 275 -22.03 1.14 -15.37
N GLY A 276 -20.93 1.81 -15.64
CA GLY A 276 -20.17 1.57 -16.84
C GLY A 276 -18.76 2.06 -16.72
N ASP A 277 -18.17 2.43 -17.86
CA ASP A 277 -16.79 2.89 -17.93
C ASP A 277 -16.75 4.40 -18.10
N SER A 278 -15.96 5.06 -17.26
CA SER A 278 -15.78 6.51 -17.33
C SER A 278 -14.33 6.82 -16.98
N THR A 279 -14.02 8.10 -16.78
CA THR A 279 -12.67 8.54 -16.43
C THR A 279 -12.74 9.99 -15.97
N ILE A 280 -12.03 10.29 -14.88
CA ILE A 280 -11.91 11.65 -14.37
C ILE A 280 -10.54 12.18 -14.79
N MET A 281 -10.53 13.19 -15.65
CA MET A 281 -9.30 13.74 -16.20
C MET A 281 -9.03 15.13 -15.62
N LYS A 282 -7.90 15.71 -16.04
CA LYS A 282 -7.48 17.04 -15.62
C LYS A 282 -6.87 17.73 -16.83
N SER A 283 -7.56 18.74 -17.36
CA SER A 283 -7.13 19.38 -18.59
C SER A 283 -7.76 20.77 -18.67
N GLY A 284 -7.27 21.56 -19.62
CA GLY A 284 -7.75 22.91 -19.80
C GLY A 284 -8.07 23.28 -21.24
N VAL A 285 -8.56 22.32 -22.02
CA VAL A 285 -8.92 22.57 -23.41
C VAL A 285 -10.40 22.95 -23.47
N GLU A 286 -10.76 23.73 -24.49
CA GLU A 286 -12.12 24.21 -24.65
C GLU A 286 -13.04 23.11 -25.17
N TYR A 287 -14.31 23.44 -25.35
CA TYR A 287 -15.33 22.48 -25.79
C TYR A 287 -15.81 22.86 -27.18
N GLY A 288 -15.83 21.87 -28.08
CA GLY A 288 -16.33 22.08 -29.42
C GLY A 288 -17.13 20.88 -29.87
N HIS A 289 -18.07 21.14 -30.79
CA HIS A 289 -18.99 20.11 -31.24
C HIS A 289 -18.29 19.15 -32.21
N CYS A 290 -18.29 17.86 -31.87
CA CYS A 290 -17.68 16.83 -32.70
C CYS A 290 -18.48 15.54 -32.51
N ASN A 291 -17.86 14.41 -32.90
CA ASN A 291 -18.27 13.09 -32.45
C ASN A 291 -17.00 12.24 -32.38
N THR A 292 -16.39 12.20 -31.20
CA THR A 292 -15.11 11.55 -30.99
C THR A 292 -15.30 10.17 -30.37
N LYS A 293 -14.26 9.34 -30.52
CA LYS A 293 -14.31 7.94 -30.10
C LYS A 293 -13.34 7.63 -28.97
N CYS A 294 -12.08 8.04 -29.09
CA CYS A 294 -11.12 8.00 -27.99
C CYS A 294 -10.69 9.42 -27.67
N GLN A 295 -10.65 9.76 -26.38
CA GLN A 295 -10.42 11.12 -25.94
C GLN A 295 -9.17 11.16 -25.06
N THR A 296 -8.03 11.50 -25.66
CA THR A 296 -6.84 11.73 -24.87
C THR A 296 -6.99 13.04 -24.09
N PRO A 297 -6.34 13.16 -22.94
CA PRO A 297 -6.60 14.30 -22.06
C PRO A 297 -6.32 15.66 -22.66
N VAL A 298 -5.64 15.71 -23.80
CA VAL A 298 -5.18 16.98 -24.34
C VAL A 298 -5.76 17.23 -25.72
N GLY A 299 -6.37 16.21 -26.31
CA GLY A 299 -6.94 16.37 -27.63
C GLY A 299 -7.60 15.12 -28.17
N ALA A 300 -8.70 15.30 -28.91
CA ALA A 300 -9.40 14.17 -29.49
C ALA A 300 -8.53 13.48 -30.54
N ILE A 301 -8.65 12.16 -30.62
CA ILE A 301 -7.89 11.36 -31.56
C ILE A 301 -8.85 10.42 -32.29
N ASN A 302 -8.68 10.31 -33.60
CA ASN A 302 -9.43 9.34 -34.40
C ASN A 302 -8.51 8.83 -35.50
N SER A 303 -8.10 7.57 -35.38
CA SER A 303 -7.18 6.98 -36.34
C SER A 303 -7.30 5.46 -36.26
N SER A 304 -6.61 4.77 -37.17
CA SER A 304 -6.64 3.33 -37.24
C SER A 304 -5.27 2.70 -37.03
N MET A 305 -4.24 3.50 -36.76
CA MET A 305 -2.91 2.96 -36.55
C MET A 305 -2.81 2.30 -35.17
N PRO A 306 -2.05 1.21 -35.06
CA PRO A 306 -2.02 0.46 -33.79
C PRO A 306 -1.10 1.02 -32.73
N PHE A 307 -0.66 2.27 -32.86
CA PHE A 307 0.23 2.86 -31.87
C PHE A 307 0.05 4.36 -31.82
N HIS A 308 0.02 4.92 -30.61
CA HIS A 308 -0.09 6.36 -30.42
C HIS A 308 0.94 6.82 -29.39
N ASN A 309 1.10 8.14 -29.29
CA ASN A 309 2.20 8.72 -28.53
C ASN A 309 1.80 9.90 -27.65
N ILE A 310 0.53 10.31 -27.65
CA ILE A 310 0.17 11.61 -27.07
C ILE A 310 0.18 11.54 -25.54
N HIS A 311 -0.68 10.72 -24.95
CA HIS A 311 -0.84 10.76 -23.49
C HIS A 311 -1.40 9.43 -22.98
N PRO A 312 -0.77 8.83 -21.95
CA PRO A 312 -1.13 7.47 -21.54
C PRO A 312 -2.23 7.38 -20.47
N LEU A 313 -3.33 8.09 -20.69
CA LEU A 313 -4.53 7.93 -19.86
C LEU A 313 -5.74 8.20 -20.75
N THR A 314 -6.24 7.15 -21.40
CA THR A 314 -7.28 7.30 -22.40
C THR A 314 -8.60 6.70 -21.93
N ILE A 315 -9.68 7.19 -22.55
CA ILE A 315 -11.03 6.70 -22.29
C ILE A 315 -11.58 6.14 -23.58
N GLY A 316 -12.15 4.94 -23.51
CA GLY A 316 -12.63 4.27 -24.69
C GLY A 316 -11.56 3.41 -25.33
N GLU A 317 -11.83 3.00 -26.57
CA GLU A 317 -10.91 2.14 -27.31
C GLU A 317 -10.05 2.97 -28.25
N CYS A 318 -8.75 2.69 -28.22
CA CYS A 318 -7.74 3.37 -29.04
C CYS A 318 -6.41 2.66 -28.82
N PRO A 319 -5.43 2.85 -29.73
CA PRO A 319 -4.21 2.03 -29.67
C PRO A 319 -3.37 2.23 -28.42
N LYS A 320 -2.30 1.43 -28.30
CA LYS A 320 -1.45 1.42 -27.12
C LYS A 320 -0.51 2.64 -27.13
N TYR A 321 0.22 2.79 -26.03
CA TYR A 321 1.08 3.95 -25.81
C TYR A 321 2.54 3.52 -25.76
N VAL A 322 3.37 4.21 -26.54
CA VAL A 322 4.81 4.01 -26.55
C VAL A 322 5.47 5.38 -26.48
N LYS A 323 6.77 5.38 -26.14
CA LYS A 323 7.51 6.63 -25.99
C LYS A 323 8.45 6.93 -27.14
N SER A 324 8.85 5.93 -27.92
CA SER A 324 9.78 6.18 -29.01
C SER A 324 9.15 7.09 -30.06
N ASN A 325 9.99 7.94 -30.66
CA ASN A 325 9.54 8.98 -31.56
C ASN A 325 9.36 8.52 -32.99
N LYS A 326 9.72 7.27 -33.31
CA LYS A 326 9.67 6.80 -34.69
C LYS A 326 9.52 5.30 -34.68
N LEU A 327 8.38 4.80 -35.15
CA LEU A 327 8.05 3.38 -35.12
C LEU A 327 7.74 2.82 -36.51
N VAL A 328 8.29 3.44 -37.56
CA VAL A 328 8.04 2.95 -38.90
C VAL A 328 8.69 1.59 -39.08
N LEU A 329 8.02 0.71 -39.82
CA LEU A 329 8.52 -0.62 -40.11
C LEU A 329 8.54 -0.84 -41.62
N ALA A 330 9.67 -1.33 -42.13
CA ALA A 330 9.86 -1.43 -43.56
C ALA A 330 8.98 -2.53 -44.15
N THR A 331 8.67 -2.37 -45.44
CA THR A 331 7.87 -3.37 -46.16
C THR A 331 8.52 -3.71 -47.49
N GLY A 332 9.32 -2.80 -48.03
CA GLY A 332 9.92 -2.97 -49.34
C GLY A 332 11.31 -3.57 -49.28
N LEU A 333 12.02 -3.43 -50.40
CA LEU A 333 13.37 -3.95 -50.56
C LEU A 333 14.36 -2.81 -50.73
N ARG A 334 15.62 -3.18 -50.91
CA ARG A 334 16.74 -2.23 -51.06
C ARG A 334 16.90 -1.41 -49.78
N SER B 40 4.59 -13.28 -58.02
CA SER B 40 5.14 -14.30 -57.14
C SER B 40 5.27 -13.78 -55.72
N THR B 41 5.53 -12.48 -55.59
CA THR B 41 5.63 -11.86 -54.27
C THR B 41 4.29 -11.87 -53.54
N GLN B 42 3.18 -11.96 -54.28
CA GLN B 42 1.88 -12.06 -53.63
C GLN B 42 1.76 -13.32 -52.79
N LYS B 43 2.46 -14.38 -53.18
CA LYS B 43 2.40 -15.63 -52.44
C LYS B 43 3.18 -15.59 -51.13
N ALA B 44 4.10 -14.65 -50.98
CA ALA B 44 4.97 -14.62 -49.82
C ALA B 44 4.80 -13.37 -48.96
N ILE B 45 4.91 -12.18 -49.54
CA ILE B 45 4.96 -10.94 -48.77
C ILE B 45 3.68 -10.12 -48.94
N ASP B 46 3.13 -10.04 -50.15
CA ASP B 46 1.92 -9.25 -50.33
C ASP B 46 0.72 -9.90 -49.67
N GLY B 47 0.69 -11.24 -49.60
CA GLY B 47 -0.36 -11.93 -48.90
C GLY B 47 -0.23 -11.93 -47.39
N VAL B 48 0.93 -11.52 -46.87
CA VAL B 48 1.18 -11.43 -45.44
C VAL B 48 1.18 -9.98 -44.96
N THR B 49 0.81 -9.03 -45.83
CA THR B 49 0.78 -7.63 -45.43
C THR B 49 -0.20 -7.40 -44.28
N ASN B 50 -1.30 -8.15 -44.24
CA ASN B 50 -2.26 -8.01 -43.15
C ASN B 50 -1.68 -8.52 -41.82
N LYS B 51 -0.62 -9.32 -41.86
CA LYS B 51 0.00 -9.82 -40.64
C LYS B 51 1.14 -8.94 -40.17
N VAL B 52 2.00 -8.50 -41.08
CA VAL B 52 3.08 -7.59 -40.69
C VAL B 52 2.50 -6.25 -40.22
N ASN B 53 1.44 -5.79 -40.86
CA ASN B 53 0.65 -4.70 -40.31
C ASN B 53 -0.32 -5.25 -39.27
N SER B 54 -0.82 -4.34 -38.43
CA SER B 54 -1.71 -4.71 -37.33
C SER B 54 -1.04 -5.72 -36.40
N ILE B 55 0.03 -5.26 -35.76
CA ILE B 55 0.80 -6.06 -34.80
C ILE B 55 -0.01 -6.30 -33.54
N ILE B 56 -1.23 -5.72 -33.50
CA ILE B 56 -2.08 -5.76 -32.32
C ILE B 56 -2.36 -7.18 -31.86
N ASP B 57 -2.37 -8.14 -32.80
CA ASP B 57 -2.72 -9.51 -32.44
C ASP B 57 -1.72 -10.14 -31.48
N LYS B 58 -0.47 -9.67 -31.46
CA LYS B 58 0.44 -10.10 -30.39
C LYS B 58 0.56 -9.07 -29.27
N MET B 59 0.53 -7.79 -29.59
CA MET B 59 0.58 -6.74 -28.57
C MET B 59 -0.84 -6.25 -28.26
N ASN B 60 -1.62 -7.17 -27.69
CA ASN B 60 -3.01 -6.88 -27.36
C ASN B 60 -3.26 -6.65 -25.87
N THR B 61 -2.48 -7.28 -25.00
CA THR B 61 -2.63 -7.15 -23.56
C THR B 61 -1.50 -6.25 -23.05
N GLN B 62 -1.75 -4.94 -23.06
CA GLN B 62 -0.80 -3.96 -22.59
C GLN B 62 -1.30 -3.35 -21.29
N PHE B 63 -0.35 -2.92 -20.45
CA PHE B 63 -0.69 -2.37 -19.14
C PHE B 63 -1.35 -1.01 -19.35
N GLU B 64 -2.68 -0.99 -19.26
CA GLU B 64 -3.42 0.27 -19.38
C GLU B 64 -3.29 1.06 -18.09
N ALA B 65 -2.85 2.30 -18.19
CA ALA B 65 -2.62 3.13 -17.03
C ALA B 65 -3.94 3.67 -16.49
N VAL B 66 -4.12 3.58 -15.17
CA VAL B 66 -5.31 4.08 -14.50
C VAL B 66 -4.87 5.07 -13.43
N GLY B 67 -5.53 6.23 -13.40
CA GLY B 67 -5.13 7.30 -12.49
C GLY B 67 -5.70 7.10 -11.10
N ARG B 68 -4.82 7.17 -10.10
CA ARG B 68 -5.21 7.13 -8.69
C ARG B 68 -4.55 8.28 -7.96
N GLU B 69 -5.26 8.83 -6.98
CA GLU B 69 -4.79 9.99 -6.23
C GLU B 69 -4.56 9.63 -4.77
N PHE B 70 -3.50 10.20 -4.19
CA PHE B 70 -3.14 9.99 -2.81
C PHE B 70 -2.93 11.35 -2.13
N ASN B 71 -3.06 11.36 -0.81
CA ASN B 71 -2.90 12.58 -0.05
C ASN B 71 -1.42 12.79 0.30
N ASN B 72 -1.14 13.74 1.20
CA ASN B 72 0.22 14.11 1.53
C ASN B 72 0.81 13.29 2.66
N LEU B 73 0.09 12.29 3.16
CA LEU B 73 0.62 11.40 4.20
C LEU B 73 0.68 9.95 3.74
N GLU B 74 0.67 9.72 2.42
CA GLU B 74 0.83 8.40 1.83
C GLU B 74 1.84 8.48 0.69
N ARG B 75 2.98 9.12 0.95
CA ARG B 75 3.96 9.37 -0.10
C ARG B 75 4.62 8.09 -0.57
N ARG B 76 4.81 7.11 0.33
CA ARG B 76 5.45 5.86 -0.07
C ARG B 76 4.61 5.12 -1.10
N ILE B 77 3.30 5.05 -0.88
CA ILE B 77 2.44 4.32 -1.80
C ILE B 77 2.36 5.03 -3.15
N GLU B 78 2.26 6.36 -3.15
CA GLU B 78 2.22 7.10 -4.40
C GLU B 78 3.52 6.95 -5.16
N ASN B 79 4.65 6.99 -4.45
CA ASN B 79 5.94 6.76 -5.08
C ASN B 79 6.00 5.37 -5.69
N LEU B 80 5.53 4.36 -4.96
CA LEU B 80 5.53 2.99 -5.46
C LEU B 80 4.69 2.88 -6.73
N ASN B 81 3.51 3.51 -6.73
CA ASN B 81 2.64 3.49 -7.89
C ASN B 81 3.33 4.13 -9.10
N LYS B 82 3.98 5.28 -8.87
CA LYS B 82 4.69 5.96 -9.96
C LYS B 82 5.77 5.07 -10.55
N LYS B 83 6.62 4.49 -9.70
CA LYS B 83 7.72 3.68 -10.22
C LYS B 83 7.21 2.43 -10.94
N MET B 84 6.17 1.78 -10.42
CA MET B 84 5.69 0.58 -11.09
C MET B 84 5.06 0.90 -12.44
N GLU B 85 4.29 2.00 -12.52
CA GLU B 85 3.71 2.39 -13.80
C GLU B 85 4.79 2.73 -14.81
N ASP B 86 5.79 3.51 -14.39
CA ASP B 86 6.88 3.86 -15.30
C ASP B 86 7.65 2.63 -15.75
N GLY B 87 7.88 1.69 -14.83
CA GLY B 87 8.58 0.48 -15.20
C GLY B 87 7.82 -0.35 -16.22
N PHE B 88 6.51 -0.49 -16.03
CA PHE B 88 5.71 -1.25 -17.01
C PHE B 88 5.74 -0.58 -18.37
N LEU B 89 5.59 0.75 -18.40
CA LEU B 89 5.63 1.46 -19.68
C LEU B 89 6.99 1.28 -20.36
N ASP B 90 8.06 1.37 -19.59
CA ASP B 90 9.41 1.19 -20.13
C ASP B 90 9.60 -0.20 -20.69
N VAL B 91 9.10 -1.22 -19.97
CA VAL B 91 9.22 -2.59 -20.45
C VAL B 91 8.49 -2.75 -21.79
N TRP B 92 7.29 -2.20 -21.88
CA TRP B 92 6.51 -2.35 -23.11
C TRP B 92 7.14 -1.63 -24.29
N THR B 93 7.65 -0.41 -24.08
CA THR B 93 8.28 0.28 -25.21
C THR B 93 9.57 -0.42 -25.62
N TYR B 94 10.32 -0.94 -24.65
CA TYR B 94 11.47 -1.77 -24.94
C TYR B 94 11.07 -2.93 -25.85
N ASN B 95 10.03 -3.67 -25.46
CA ASN B 95 9.59 -4.81 -26.25
C ASN B 95 9.18 -4.38 -27.66
N ALA B 96 8.44 -3.28 -27.77
CA ALA B 96 7.97 -2.83 -29.07
C ALA B 96 9.13 -2.45 -29.99
N GLU B 97 10.08 -1.68 -29.47
CA GLU B 97 11.21 -1.24 -30.28
C GLU B 97 12.07 -2.43 -30.72
N LEU B 98 12.33 -3.35 -29.78
CA LEU B 98 13.09 -4.56 -30.10
C LEU B 98 12.37 -5.38 -31.19
N LEU B 99 11.06 -5.55 -31.04
CA LEU B 99 10.29 -6.33 -32.00
C LEU B 99 10.33 -5.71 -33.38
N VAL B 100 10.10 -4.41 -33.48
CA VAL B 100 10.10 -3.78 -34.80
C VAL B 100 11.49 -3.81 -35.42
N LEU B 101 12.54 -3.70 -34.60
CA LEU B 101 13.89 -3.80 -35.14
C LEU B 101 14.13 -5.15 -35.79
N MET B 102 13.82 -6.25 -35.07
CA MET B 102 14.04 -7.55 -35.71
C MET B 102 13.07 -7.78 -36.86
N GLU B 103 11.86 -7.21 -36.81
CA GLU B 103 10.97 -7.35 -37.96
C GLU B 103 11.57 -6.71 -39.22
N ASN B 104 12.12 -5.52 -39.08
CA ASN B 104 12.77 -4.89 -40.24
C ASN B 104 13.97 -5.71 -40.71
N GLU B 105 14.77 -6.20 -39.76
CA GLU B 105 15.95 -6.97 -40.15
C GLU B 105 15.58 -8.24 -40.90
N ARG B 106 14.60 -8.98 -40.37
CA ARG B 106 14.19 -10.21 -41.04
C ARG B 106 13.50 -9.92 -42.36
N THR B 107 12.79 -8.80 -42.48
CA THR B 107 12.15 -8.46 -43.75
C THR B 107 13.21 -8.21 -44.82
N LEU B 108 14.22 -7.40 -44.50
CA LEU B 108 15.29 -7.15 -45.46
C LEU B 108 16.04 -8.43 -45.81
N ASP B 109 16.35 -9.25 -44.81
CA ASP B 109 17.03 -10.51 -45.08
C ASP B 109 16.16 -11.43 -45.91
N PHE B 110 14.85 -11.41 -45.70
CA PHE B 110 13.93 -12.24 -46.46
C PHE B 110 13.94 -11.83 -47.93
N HIS B 111 13.87 -10.53 -48.21
CA HIS B 111 13.94 -10.07 -49.58
C HIS B 111 15.26 -10.48 -50.23
N ASP B 112 16.38 -10.27 -49.53
CA ASP B 112 17.66 -10.67 -50.08
C ASP B 112 17.67 -12.18 -50.39
N SER B 113 17.14 -12.98 -49.47
CA SER B 113 17.20 -14.43 -49.61
C SER B 113 16.36 -14.91 -50.79
N ASN B 114 15.12 -14.42 -50.93
CA ASN B 114 14.32 -15.00 -52.00
C ASN B 114 14.76 -14.49 -53.35
N VAL B 115 15.21 -13.23 -53.45
CA VAL B 115 15.74 -12.79 -54.74
C VAL B 115 17.01 -13.58 -55.08
N LYS B 116 17.82 -13.89 -54.07
CA LYS B 116 19.05 -14.65 -54.33
C LYS B 116 18.73 -16.05 -54.82
N ASN B 117 17.81 -16.76 -54.15
CA ASN B 117 17.52 -18.13 -54.56
C ASN B 117 16.77 -18.17 -55.88
N LEU B 118 15.93 -17.15 -56.16
CA LEU B 118 15.30 -17.06 -57.47
C LEU B 118 16.35 -16.89 -58.56
N TYR B 119 17.35 -16.03 -58.32
CA TYR B 119 18.44 -15.88 -59.26
C TYR B 119 19.17 -17.20 -59.45
N ASP B 120 19.41 -17.93 -58.36
CA ASP B 120 20.11 -19.20 -58.46
C ASP B 120 19.34 -20.19 -59.33
N LYS B 121 18.04 -20.32 -59.11
CA LYS B 121 17.28 -21.31 -59.88
C LYS B 121 17.15 -20.90 -61.34
N VAL B 122 16.93 -19.61 -61.62
CA VAL B 122 16.81 -19.20 -63.01
C VAL B 122 18.16 -19.32 -63.71
N ARG B 123 19.27 -19.19 -62.98
CA ARG B 123 20.58 -19.38 -63.60
C ARG B 123 20.86 -20.85 -63.87
N LEU B 124 20.49 -21.72 -62.93
CA LEU B 124 20.70 -23.15 -63.15
C LEU B 124 19.84 -23.67 -64.28
N GLN B 125 18.60 -23.20 -64.37
CA GLN B 125 17.69 -23.61 -65.44
C GLN B 125 18.06 -22.92 -66.75
N HIS C 24 16.04 -37.03 -46.15
CA HIS C 24 15.23 -37.76 -45.18
C HIS C 24 13.74 -37.47 -45.40
N ALA C 25 12.90 -38.44 -45.05
CA ALA C 25 11.46 -38.31 -45.19
C ALA C 25 10.79 -39.41 -44.38
N ASN C 26 9.61 -39.09 -43.85
CA ASN C 26 8.83 -40.02 -43.03
C ASN C 26 7.36 -39.65 -43.14
N ASN C 27 6.55 -40.24 -42.27
CA ASN C 27 5.11 -39.99 -42.27
C ASN C 27 4.61 -39.85 -40.84
N SER C 28 3.81 -38.82 -40.60
CA SER C 28 3.21 -38.55 -39.28
C SER C 28 2.20 -37.41 -39.47
N THR C 29 1.47 -37.10 -38.41
CA THR C 29 0.34 -36.19 -38.51
C THR C 29 0.32 -35.17 -37.38
N GLU C 30 1.48 -34.57 -37.09
CA GLU C 30 1.55 -33.51 -36.09
C GLU C 30 1.62 -32.13 -36.76
N GLN C 31 1.53 -31.09 -35.93
CA GLN C 31 1.56 -29.72 -36.41
C GLN C 31 2.31 -28.86 -35.39
N VAL C 32 2.76 -27.69 -35.84
CA VAL C 32 3.46 -26.75 -34.98
C VAL C 32 3.30 -25.35 -35.58
N ASP C 33 3.50 -24.33 -34.76
CA ASP C 33 3.35 -22.95 -35.16
C ASP C 33 4.71 -22.27 -35.23
N THR C 34 4.88 -21.39 -36.21
CA THR C 34 6.11 -20.62 -36.39
C THR C 34 5.75 -19.16 -36.65
N ILE C 35 6.77 -18.33 -36.80
CA ILE C 35 6.56 -16.91 -37.03
C ILE C 35 5.91 -16.68 -38.40
N MET C 36 6.35 -17.43 -39.42
CA MET C 36 5.83 -17.22 -40.77
C MET C 36 4.38 -17.67 -40.87
N GLU C 37 4.08 -18.87 -40.40
CA GLU C 37 2.75 -19.45 -40.55
C GLU C 37 2.32 -20.11 -39.25
N LYS C 38 1.01 -20.21 -39.07
CA LYS C 38 0.43 -20.76 -37.85
C LYS C 38 -0.20 -22.13 -38.03
N ASN C 39 -0.18 -22.69 -39.24
CA ASN C 39 -0.83 -23.97 -39.51
C ASN C 39 0.11 -24.95 -40.20
N VAL C 40 1.41 -24.84 -39.94
CA VAL C 40 2.37 -25.77 -40.52
C VAL C 40 2.25 -27.13 -39.84
N THR C 41 2.24 -28.18 -40.64
CA THR C 41 2.20 -29.55 -40.13
C THR C 41 3.61 -30.13 -40.13
N VAL C 42 4.07 -30.57 -38.96
CA VAL C 42 5.42 -31.04 -38.77
C VAL C 42 5.38 -32.49 -38.30
N THR C 43 6.56 -33.12 -38.26
CA THR C 43 6.66 -34.50 -37.82
C THR C 43 6.59 -34.59 -36.31
N HIS C 44 6.97 -35.73 -35.74
CA HIS C 44 6.89 -35.94 -34.30
C HIS C 44 7.53 -34.78 -33.54
N ALA C 45 6.76 -34.22 -32.62
CA ALA C 45 7.20 -33.09 -31.80
C ALA C 45 7.12 -33.49 -30.32
N GLN C 46 7.39 -32.52 -29.45
CA GLN C 46 7.39 -32.74 -28.01
C GLN C 46 6.48 -31.71 -27.37
N ASP C 47 5.49 -32.19 -26.61
CA ASP C 47 4.56 -31.30 -25.92
C ASP C 47 5.16 -30.80 -24.63
N ILE C 48 4.88 -29.53 -24.30
CA ILE C 48 5.44 -28.90 -23.12
C ILE C 48 4.37 -28.40 -22.15
N LEU C 49 3.10 -28.38 -22.55
CA LEU C 49 2.01 -27.88 -21.72
C LEU C 49 1.19 -29.03 -21.17
N GLU C 50 0.71 -28.87 -19.94
CA GLU C 50 -0.14 -29.85 -19.27
C GLU C 50 -1.59 -29.40 -19.33
N LYS C 51 -2.48 -30.30 -19.73
CA LYS C 51 -3.89 -29.99 -19.86
C LYS C 51 -4.82 -30.89 -19.07
N THR C 52 -4.32 -31.95 -18.45
CA THR C 52 -5.15 -32.89 -17.71
C THR C 52 -4.87 -32.79 -16.21
N HIS C 53 -5.93 -32.97 -15.42
CA HIS C 53 -5.81 -32.91 -13.96
C HIS C 53 -6.76 -33.93 -13.35
N ASN C 54 -6.44 -34.31 -12.10
CA ASN C 54 -7.19 -35.36 -11.42
C ASN C 54 -8.55 -34.87 -10.91
N GLY C 55 -8.64 -33.62 -10.50
CA GLY C 55 -9.90 -33.09 -10.00
C GLY C 55 -10.37 -33.67 -8.68
N LYS C 56 -9.47 -33.81 -7.71
CA LYS C 56 -9.83 -34.30 -6.38
C LYS C 56 -8.74 -33.89 -5.41
N LEU C 57 -9.15 -33.57 -4.19
CA LEU C 57 -8.22 -33.13 -3.15
C LEU C 57 -7.61 -34.33 -2.44
N CYS C 58 -6.28 -34.40 -2.41
CA CYS C 58 -5.59 -35.52 -1.79
C CYS C 58 -4.38 -35.04 -1.00
N ASP C 59 -3.62 -35.96 -0.41
CA ASP C 59 -2.58 -35.65 0.56
C ASP C 59 -1.31 -35.13 -0.09
N LEU C 60 -0.47 -34.48 0.71
CA LEU C 60 0.79 -33.89 0.28
C LEU C 60 1.96 -34.59 0.97
N ASN C 61 2.67 -35.44 0.23
CA ASN C 61 3.88 -36.11 0.71
C ASN C 61 3.63 -36.94 1.96
N GLY C 62 2.41 -37.46 2.11
CA GLY C 62 2.02 -38.27 3.25
C GLY C 62 1.33 -37.49 4.34
N VAL C 63 1.48 -36.16 4.35
CA VAL C 63 0.81 -35.33 5.35
C VAL C 63 -0.61 -35.04 4.88
N LYS C 64 -1.58 -35.31 5.74
CA LYS C 64 -3.00 -35.20 5.40
C LYS C 64 -3.48 -33.78 5.65
N PRO C 65 -4.19 -33.17 4.70
CA PRO C 65 -4.56 -31.75 4.83
C PRO C 65 -5.66 -31.50 5.84
N LEU C 66 -6.11 -30.25 5.93
CA LEU C 66 -7.21 -29.86 6.80
C LEU C 66 -8.36 -29.36 5.93
N ILE C 67 -9.51 -30.00 6.04
CA ILE C 67 -10.68 -29.66 5.24
C ILE C 67 -11.73 -29.10 6.17
N LEU C 68 -11.80 -27.78 6.26
CA LEU C 68 -12.91 -27.10 6.93
C LEU C 68 -14.11 -27.17 5.98
N LYS C 69 -15.05 -28.08 6.27
CA LYS C 69 -16.14 -28.37 5.34
C LYS C 69 -16.99 -27.14 5.07
N ASP C 70 -17.71 -26.67 6.09
CA ASP C 70 -18.44 -25.40 6.02
C ASP C 70 -18.12 -24.64 7.30
N CYS C 71 -17.00 -23.92 7.29
CA CYS C 71 -16.54 -23.21 8.47
C CYS C 71 -15.46 -22.22 8.04
N SER C 72 -15.60 -20.97 8.49
CA SER C 72 -14.60 -19.96 8.21
C SER C 72 -13.48 -20.02 9.26
N VAL C 73 -12.40 -19.27 9.02
CA VAL C 73 -11.29 -19.26 9.95
C VAL C 73 -11.68 -18.57 11.26
N ALA C 74 -12.51 -17.53 11.17
CA ALA C 74 -12.98 -16.84 12.37
C ALA C 74 -13.84 -17.74 13.24
N GLY C 75 -14.49 -18.76 12.67
CA GLY C 75 -15.28 -19.68 13.44
C GLY C 75 -14.46 -20.81 14.02
N TRP C 76 -13.35 -21.14 13.36
CA TRP C 76 -12.46 -22.18 13.88
C TRP C 76 -11.60 -21.66 15.02
N LEU C 77 -10.97 -20.49 14.83
CA LEU C 77 -10.10 -19.96 15.87
C LEU C 77 -10.87 -19.58 17.13
N LEU C 78 -12.03 -18.94 16.96
CA LEU C 78 -12.83 -18.56 18.12
C LEU C 78 -13.57 -19.74 18.71
N GLY C 79 -13.98 -20.70 17.88
CA GLY C 79 -14.71 -21.85 18.35
C GLY C 79 -16.20 -21.71 18.10
N ASN C 80 -16.68 -22.33 17.04
CA ASN C 80 -18.10 -22.25 16.70
C ASN C 80 -18.82 -23.48 17.23
N PRO C 81 -19.97 -23.32 17.88
CA PRO C 81 -20.68 -24.50 18.39
C PRO C 81 -20.94 -25.56 17.33
N MET C 82 -21.30 -25.16 16.12
CA MET C 82 -21.42 -26.12 15.01
C MET C 82 -20.15 -26.16 14.17
N CYS C 83 -19.00 -26.25 14.82
CA CYS C 83 -17.73 -26.49 14.14
C CYS C 83 -16.83 -27.38 15.01
N ASP C 84 -17.45 -28.24 15.81
CA ASP C 84 -16.73 -28.99 16.84
C ASP C 84 -15.82 -30.07 16.28
N GLU C 85 -15.91 -30.37 14.99
CA GLU C 85 -15.10 -31.45 14.41
C GLU C 85 -13.61 -31.12 14.38
N PHE C 86 -13.22 -29.88 14.63
CA PHE C 86 -11.82 -29.46 14.56
C PHE C 86 -11.33 -28.97 15.92
N ILE C 87 -11.78 -29.63 17.00
CA ILE C 87 -11.33 -29.25 18.33
C ILE C 87 -9.90 -29.70 18.58
N ARG C 88 -9.39 -30.66 17.81
CA ARG C 88 -8.00 -31.07 17.88
C ARG C 88 -7.63 -31.68 16.54
N VAL C 89 -6.53 -31.21 15.94
CA VAL C 89 -6.14 -31.66 14.62
C VAL C 89 -4.67 -32.01 14.61
N PRO C 90 -4.24 -33.01 13.82
CA PRO C 90 -2.81 -33.27 13.68
C PRO C 90 -2.09 -32.26 12.82
N GLU C 91 -0.81 -32.51 12.55
CA GLU C 91 -0.06 -31.68 11.63
C GLU C 91 -0.66 -31.76 10.23
N TRP C 92 -0.72 -30.62 9.56
CA TRP C 92 -1.34 -30.55 8.23
C TRP C 92 -0.38 -29.94 7.22
N SER C 93 -0.87 -29.67 6.02
CA SER C 93 -0.10 -29.03 4.97
C SER C 93 -0.74 -27.76 4.44
N TYR C 94 -2.07 -27.74 4.30
CA TYR C 94 -2.75 -26.56 3.78
C TYR C 94 -4.17 -26.53 4.33
N ILE C 95 -4.78 -25.35 4.24
CA ILE C 95 -6.14 -25.11 4.72
C ILE C 95 -7.02 -24.91 3.50
N VAL C 96 -8.08 -25.71 3.40
CA VAL C 96 -9.03 -25.63 2.29
C VAL C 96 -10.35 -25.07 2.82
N GLU C 97 -10.92 -24.12 2.10
CA GLU C 97 -12.14 -23.46 2.53
C GLU C 97 -13.11 -23.40 1.36
N ARG C 98 -14.40 -23.38 1.69
CA ARG C 98 -15.48 -23.31 0.71
C ARG C 98 -16.01 -21.89 0.62
N ALA C 99 -16.42 -21.50 -0.59
CA ALA C 99 -16.95 -20.17 -0.82
C ALA C 99 -18.26 -19.97 -0.06
N ASN C 100 -18.52 -18.72 0.30
CA ASN C 100 -19.65 -18.25 1.11
C ASN C 100 -20.02 -19.27 2.19
N PRO C 101 -19.13 -19.55 3.14
CA PRO C 101 -19.41 -20.60 4.13
C PRO C 101 -20.53 -20.18 5.07
N ALA C 102 -21.46 -21.10 5.30
CA ALA C 102 -22.69 -20.76 6.02
C ALA C 102 -22.43 -20.56 7.50
N ASN C 103 -21.67 -21.45 8.13
CA ASN C 103 -21.50 -21.42 9.58
C ASN C 103 -20.83 -20.14 10.04
N ASP C 104 -19.55 -19.97 9.66
CA ASP C 104 -18.82 -18.73 9.91
C ASP C 104 -18.91 -18.27 11.36
N LEU C 105 -19.17 -16.98 11.55
CA LEU C 105 -19.28 -16.36 12.87
C LEU C 105 -20.71 -15.88 13.06
N CYS C 106 -21.33 -16.31 14.16
CA CYS C 106 -22.77 -16.13 14.32
C CYS C 106 -23.13 -14.74 14.82
N PHE C 107 -22.67 -14.37 16.01
CA PHE C 107 -23.02 -13.08 16.60
C PHE C 107 -22.36 -11.96 15.81
N PRO C 108 -23.13 -11.05 15.21
CA PRO C 108 -22.53 -10.10 14.25
C PRO C 108 -21.44 -9.25 14.89
N GLY C 109 -20.40 -8.98 14.11
CA GLY C 109 -19.26 -8.24 14.62
C GLY C 109 -18.12 -8.28 13.62
N SER C 110 -16.91 -8.11 14.13
CA SER C 110 -15.74 -8.10 13.27
C SER C 110 -14.49 -8.42 14.08
N LEU C 111 -13.62 -9.23 13.49
CA LEU C 111 -12.27 -9.46 14.03
C LEU C 111 -11.34 -8.40 13.48
N ASN C 112 -10.75 -7.61 14.36
CA ASN C 112 -9.88 -6.51 13.93
C ASN C 112 -8.63 -7.06 13.27
N ASP C 113 -8.22 -6.41 12.17
CA ASP C 113 -7.09 -6.85 11.36
C ASP C 113 -7.24 -8.32 10.96
N TYR C 114 -8.45 -8.66 10.52
CA TYR C 114 -8.77 -10.04 10.15
C TYR C 114 -7.89 -10.55 9.02
N GLU C 115 -7.31 -9.65 8.22
CA GLU C 115 -6.55 -10.08 7.06
C GLU C 115 -5.05 -10.11 7.31
N GLU C 116 -4.57 -9.49 8.40
CA GLU C 116 -3.20 -9.70 8.82
C GLU C 116 -3.03 -11.07 9.46
N LEU C 117 -4.07 -11.55 10.15
CA LEU C 117 -4.02 -12.88 10.75
C LEU C 117 -3.90 -13.96 9.69
N LYS C 118 -4.64 -13.82 8.59
CA LYS C 118 -4.59 -14.81 7.52
C LYS C 118 -3.29 -14.73 6.71
N HIS C 119 -2.49 -13.69 6.91
CA HIS C 119 -1.12 -13.66 6.39
C HIS C 119 -0.13 -14.23 7.38
N MET C 120 -0.40 -14.11 8.68
CA MET C 120 0.39 -14.84 9.67
C MET C 120 0.24 -16.34 9.50
N LEU C 121 -0.98 -16.79 9.22
CA LEU C 121 -1.17 -18.18 8.81
C LEU C 121 -0.53 -18.38 7.44
N SER C 122 -0.58 -19.63 6.97
CA SER C 122 0.20 -20.10 5.82
C SER C 122 1.70 -20.05 6.11
N ARG C 123 2.07 -19.72 7.35
CA ARG C 123 3.41 -19.88 7.86
C ARG C 123 3.45 -20.73 9.12
N ILE C 124 2.30 -21.07 9.70
CA ILE C 124 2.21 -21.99 10.83
C ILE C 124 1.72 -23.33 10.31
N ASN C 125 2.47 -24.40 10.62
CA ASN C 125 2.11 -25.74 10.19
C ASN C 125 1.68 -26.63 11.33
N HIS C 126 1.60 -26.11 12.56
CA HIS C 126 1.19 -26.92 13.70
C HIS C 126 0.69 -26.01 14.80
N PHE C 127 -0.29 -26.51 15.55
CA PHE C 127 -0.86 -25.80 16.67
C PHE C 127 -0.89 -26.71 17.88
N GLU C 128 -0.90 -26.10 19.06
CA GLU C 128 -0.98 -26.85 20.33
C GLU C 128 -1.91 -26.09 21.25
N LYS C 129 -3.14 -26.55 21.36
CA LYS C 129 -4.11 -25.92 22.25
C LYS C 129 -3.66 -26.08 23.69
N ILE C 130 -3.67 -24.97 24.44
CA ILE C 130 -3.21 -24.96 25.81
C ILE C 130 -4.27 -24.29 26.68
N GLN C 131 -4.27 -24.64 27.96
CA GLN C 131 -5.26 -24.14 28.91
C GLN C 131 -4.61 -23.10 29.81
N ILE C 132 -4.92 -21.83 29.56
CA ILE C 132 -4.47 -20.73 30.40
C ILE C 132 -5.69 -20.07 31.02
N ILE C 133 -5.50 -19.53 32.22
CA ILE C 133 -6.57 -18.87 32.97
C ILE C 133 -7.76 -19.82 33.07
N PRO C 134 -7.70 -20.85 33.91
CA PRO C 134 -8.75 -21.88 33.92
C PRO C 134 -10.08 -21.31 34.36
N LYS C 135 -11.13 -22.14 34.20
CA LYS C 135 -12.48 -21.74 34.60
C LYS C 135 -12.60 -21.54 36.11
N SER C 136 -11.63 -22.04 36.89
CA SER C 136 -11.64 -21.89 38.33
C SER C 136 -10.90 -20.64 38.80
N SER C 137 -10.42 -19.82 37.87
CA SER C 137 -9.72 -18.59 38.21
C SER C 137 -10.65 -17.39 38.38
N TRP C 138 -11.96 -17.59 38.17
CA TRP C 138 -12.94 -16.52 38.34
C TRP C 138 -13.81 -16.85 39.54
N PRO C 139 -13.53 -16.31 40.72
CA PRO C 139 -14.37 -16.60 41.88
C PRO C 139 -15.54 -15.64 42.06
N ASN C 140 -15.47 -14.47 41.42
CA ASN C 140 -16.49 -13.44 41.59
C ASN C 140 -17.17 -13.07 40.28
N HIS C 141 -17.08 -13.93 39.26
CA HIS C 141 -17.70 -13.64 37.97
C HIS C 141 -18.32 -14.92 37.41
N GLU C 142 -19.52 -14.78 36.85
CA GLU C 142 -20.21 -15.91 36.27
C GLU C 142 -19.63 -16.26 34.90
N THR C 143 -19.68 -17.54 34.56
CA THR C 143 -19.14 -18.02 33.29
C THR C 143 -20.04 -19.01 32.57
N SER C 144 -21.21 -19.34 33.10
CA SER C 144 -22.08 -20.34 32.50
C SER C 144 -23.35 -19.78 31.87
N LEU C 145 -23.87 -18.66 32.37
CA LEU C 145 -25.07 -18.05 31.80
C LEU C 145 -24.72 -17.02 30.72
N GLY C 146 -23.88 -17.43 29.77
CA GLY C 146 -23.47 -16.54 28.70
C GLY C 146 -23.86 -17.04 27.33
N VAL C 147 -25.07 -17.57 27.21
CA VAL C 147 -25.53 -18.18 25.98
C VAL C 147 -26.31 -17.15 25.17
N SER C 148 -26.44 -17.42 23.87
CA SER C 148 -27.23 -16.58 22.98
C SER C 148 -27.99 -17.46 22.01
N ALA C 149 -29.10 -16.94 21.50
CA ALA C 149 -29.92 -17.66 20.54
C ALA C 149 -29.37 -17.61 19.13
N ALA C 150 -28.39 -16.75 18.87
CA ALA C 150 -27.79 -16.66 17.54
C ALA C 150 -26.82 -17.80 17.26
N CYS C 151 -26.32 -18.49 18.29
CA CYS C 151 -25.38 -19.60 18.14
C CYS C 151 -25.93 -20.78 18.92
N PRO C 152 -26.90 -21.49 18.37
CA PRO C 152 -27.50 -22.62 19.08
C PRO C 152 -26.76 -23.93 18.84
N TYR C 153 -27.04 -24.90 19.71
CA TYR C 153 -26.46 -26.24 19.63
C TYR C 153 -27.57 -27.26 19.83
N GLN C 154 -27.90 -28.00 18.77
CA GLN C 154 -28.93 -29.04 18.82
C GLN C 154 -30.26 -28.47 19.32
N GLY C 155 -30.56 -27.23 18.95
CA GLY C 155 -31.78 -26.56 19.37
C GLY C 155 -31.66 -25.79 20.66
N ALA C 156 -30.54 -25.91 21.37
CA ALA C 156 -30.38 -25.18 22.62
C ALA C 156 -29.36 -24.07 22.45
N PRO C 157 -29.55 -22.94 23.15
CA PRO C 157 -28.60 -21.83 23.02
C PRO C 157 -27.21 -22.20 23.50
N SER C 158 -26.20 -21.61 22.88
CA SER C 158 -24.81 -21.85 23.23
C SER C 158 -24.01 -20.60 22.88
N PHE C 159 -22.69 -20.73 22.86
CA PHE C 159 -21.79 -19.62 22.56
C PHE C 159 -20.47 -20.20 22.08
N PHE C 160 -19.43 -19.36 21.99
CA PHE C 160 -18.13 -19.84 21.56
C PHE C 160 -17.52 -20.74 22.63
N ARG C 161 -16.44 -21.43 22.24
CA ARG C 161 -15.80 -22.41 23.11
C ARG C 161 -14.39 -22.04 23.55
N ASN C 162 -13.68 -21.22 22.80
CA ASN C 162 -12.32 -20.81 23.16
C ASN C 162 -12.27 -19.53 23.97
N VAL C 163 -13.39 -18.84 24.14
CA VAL C 163 -13.45 -17.61 24.92
C VAL C 163 -14.62 -17.71 25.90
N VAL C 164 -14.60 -16.83 26.91
CA VAL C 164 -15.63 -16.79 27.94
C VAL C 164 -16.20 -15.38 28.00
N TRP C 165 -17.53 -15.28 28.01
CA TRP C 165 -18.24 -14.01 28.11
C TRP C 165 -18.60 -13.79 29.58
N LEU C 166 -17.89 -12.86 30.23
CA LEU C 166 -18.12 -12.59 31.63
C LEU C 166 -19.32 -11.68 31.83
N ILE C 167 -20.15 -12.01 32.82
CA ILE C 167 -21.30 -11.21 33.20
C ILE C 167 -21.26 -11.03 34.71
N LYS C 168 -22.06 -10.08 35.20
CA LYS C 168 -22.08 -9.78 36.63
C LYS C 168 -22.63 -10.98 37.42
N LYS C 169 -22.28 -11.01 38.70
CA LYS C 169 -22.69 -12.10 39.58
C LYS C 169 -22.91 -11.54 40.98
N ASN C 170 -24.10 -11.78 41.53
CA ASN C 170 -24.51 -11.25 42.82
C ASN C 170 -24.47 -9.72 42.83
N ASP C 171 -24.82 -9.12 41.70
CA ASP C 171 -24.88 -7.66 41.54
C ASP C 171 -23.52 -7.05 41.85
N ALA C 172 -22.56 -7.38 40.99
CA ALA C 172 -21.19 -6.89 41.12
C ALA C 172 -20.41 -7.25 39.87
N TYR C 173 -19.55 -6.34 39.43
CA TYR C 173 -18.56 -6.61 38.38
C TYR C 173 -17.25 -5.98 38.81
N PRO C 174 -16.53 -6.61 39.74
CA PRO C 174 -15.29 -6.02 40.24
C PRO C 174 -14.22 -5.95 39.16
N THR C 175 -13.27 -5.02 39.38
CA THR C 175 -12.19 -4.82 38.43
C THR C 175 -11.33 -6.07 38.32
N ILE C 176 -10.84 -6.33 37.12
CA ILE C 176 -10.05 -7.52 36.82
C ILE C 176 -8.59 -7.11 36.63
N LYS C 177 -7.70 -7.76 37.37
CA LYS C 177 -6.26 -7.57 37.22
C LYS C 177 -5.62 -8.96 37.12
N ILE C 178 -5.30 -9.38 35.90
CA ILE C 178 -4.73 -10.69 35.65
C ILE C 178 -3.49 -10.54 34.78
N SER C 179 -2.63 -11.54 34.82
CA SER C 179 -1.38 -11.51 34.08
C SER C 179 -0.97 -12.92 33.73
N TYR C 180 -0.07 -13.03 32.74
CA TYR C 180 0.46 -14.31 32.32
C TYR C 180 1.92 -14.13 31.93
N ASN C 181 2.70 -15.19 32.08
CA ASN C 181 4.11 -15.18 31.74
C ASN C 181 4.42 -16.41 30.90
N ASN C 182 4.93 -16.18 29.68
CA ASN C 182 5.20 -17.27 28.75
C ASN C 182 6.51 -17.95 29.16
N THR C 183 6.38 -18.94 30.05
CA THR C 183 7.54 -19.70 30.48
C THR C 183 8.04 -20.63 29.38
N ASN C 184 7.15 -21.13 28.54
CA ASN C 184 7.52 -22.04 27.48
C ASN C 184 8.39 -21.33 26.44
N ARG C 185 9.24 -22.11 25.78
CA ARG C 185 10.06 -21.59 24.71
C ARG C 185 9.21 -21.09 23.54
N GLU C 186 8.16 -21.82 23.18
CA GLU C 186 7.33 -21.47 22.04
C GLU C 186 6.48 -20.23 22.34
N ASP C 187 6.11 -19.53 21.27
CA ASP C 187 5.32 -18.31 21.38
C ASP C 187 3.85 -18.65 21.63
N LEU C 188 3.00 -17.63 21.59
CA LEU C 188 1.59 -17.81 21.89
C LEU C 188 0.76 -16.82 21.09
N LEU C 189 -0.53 -17.13 20.97
CA LEU C 189 -1.50 -16.27 20.28
C LEU C 189 -2.73 -16.16 21.16
N ILE C 190 -2.96 -14.96 21.70
CA ILE C 190 -4.02 -14.70 22.67
C ILE C 190 -5.11 -13.88 21.99
N LEU C 191 -6.37 -14.30 22.18
CA LEU C 191 -7.52 -13.63 21.58
C LEU C 191 -8.48 -13.20 22.67
N TRP C 192 -8.91 -11.94 22.63
CA TRP C 192 -9.90 -11.41 23.54
C TRP C 192 -10.85 -10.51 22.75
N GLY C 193 -11.80 -9.89 23.44
CA GLY C 193 -12.79 -9.12 22.73
C GLY C 193 -13.55 -8.13 23.60
N ILE C 194 -14.46 -7.40 22.96
CA ILE C 194 -15.26 -6.38 23.59
C ILE C 194 -16.71 -6.53 23.14
N HIS C 195 -17.62 -5.98 23.94
CA HIS C 195 -19.05 -6.03 23.65
C HIS C 195 -19.55 -4.62 23.35
N HIS C 196 -20.19 -4.46 22.19
CA HIS C 196 -20.77 -3.18 21.77
C HIS C 196 -22.27 -3.26 22.05
N SER C 197 -22.70 -2.71 23.18
CA SER C 197 -24.08 -2.83 23.61
C SER C 197 -24.99 -1.97 22.72
N ASN C 198 -26.30 -2.17 22.90
CA ASN C 198 -27.30 -1.50 22.08
C ASN C 198 -27.81 -0.23 22.74
N ASN C 199 -28.37 -0.34 23.94
CA ASN C 199 -28.88 0.80 24.68
C ASN C 199 -28.27 0.82 26.09
N ALA C 200 -28.74 1.75 26.91
CA ALA C 200 -28.25 1.84 28.29
C ALA C 200 -28.85 0.76 29.17
N GLU C 201 -30.12 0.39 28.92
CA GLU C 201 -30.77 -0.62 29.74
C GLU C 201 -30.08 -1.97 29.62
N GLU C 202 -29.68 -2.36 28.41
CA GLU C 202 -28.98 -3.62 28.23
C GLU C 202 -27.66 -3.64 29.01
N GLN C 203 -26.89 -2.56 28.91
CA GLN C 203 -25.62 -2.50 29.61
C GLN C 203 -25.83 -2.56 31.13
N THR C 204 -26.75 -1.74 31.64
CA THR C 204 -27.01 -1.76 33.08
C THR C 204 -27.62 -3.08 33.54
N ASN C 205 -28.15 -3.87 32.61
CA ASN C 205 -28.61 -5.22 32.96
C ASN C 205 -27.43 -6.18 33.07
N LEU C 206 -26.57 -6.21 32.05
CA LEU C 206 -25.44 -7.12 32.09
C LEU C 206 -24.37 -6.67 33.07
N TYR C 207 -24.04 -5.38 33.07
CA TYR C 207 -22.97 -4.84 33.91
C TYR C 207 -23.45 -3.61 34.64
N LYS C 208 -23.18 -3.53 35.95
CA LYS C 208 -23.73 -2.46 36.76
C LYS C 208 -23.11 -1.11 36.48
N ASN C 209 -21.92 -1.06 35.86
CA ASN C 209 -21.23 0.22 35.66
C ASN C 209 -21.50 0.78 34.28
N PRO C 210 -22.01 2.02 34.17
CA PRO C 210 -22.29 2.60 32.85
C PRO C 210 -21.03 2.84 32.03
N ILE C 211 -20.05 3.52 32.62
CA ILE C 211 -18.79 3.80 31.93
C ILE C 211 -17.90 2.58 31.99
N THR C 212 -17.21 2.29 30.89
CA THR C 212 -16.50 1.03 30.74
C THR C 212 -15.26 1.21 29.88
N TYR C 213 -14.19 0.51 30.25
CA TYR C 213 -12.96 0.53 29.48
C TYR C 213 -12.24 -0.81 29.64
N ILE C 214 -11.36 -1.11 28.69
CA ILE C 214 -10.46 -2.26 28.79
C ILE C 214 -9.06 -1.80 28.40
N SER C 215 -8.06 -2.31 29.11
CA SER C 215 -6.66 -1.98 28.83
C SER C 215 -5.85 -3.25 28.72
N VAL C 216 -4.95 -3.29 27.75
CA VAL C 216 -4.01 -4.38 27.57
C VAL C 216 -2.61 -3.80 27.46
N GLY C 217 -1.68 -4.33 28.26
CA GLY C 217 -0.32 -3.84 28.24
C GLY C 217 0.74 -4.93 28.18
N THR C 218 1.59 -4.88 27.16
CA THR C 218 2.71 -5.81 27.04
C THR C 218 4.01 -5.03 26.90
N SER C 219 5.11 -5.72 26.59
CA SER C 219 6.38 -5.06 26.38
C SER C 219 6.44 -4.28 25.07
N THR C 220 5.46 -4.48 24.18
CA THR C 220 5.37 -3.76 22.93
C THR C 220 4.01 -3.12 22.68
N LEU C 221 2.93 -3.72 23.15
CA LEU C 221 1.57 -3.27 22.87
C LEU C 221 1.07 -2.36 23.99
N ASN C 222 0.30 -1.35 23.61
CA ASN C 222 -0.40 -0.48 24.55
C ASN C 222 -1.73 -0.08 23.93
N GLN C 223 -2.82 -0.29 24.67
CA GLN C 223 -4.14 -0.13 24.06
C GLN C 223 -5.15 0.31 25.12
N ARG C 224 -6.16 1.05 24.68
CA ARG C 224 -7.30 1.43 25.50
C ARG C 224 -8.53 1.54 24.61
N LEU C 225 -9.65 1.01 25.08
CA LEU C 225 -10.87 0.94 24.26
C LEU C 225 -12.09 1.22 25.13
N ALA C 226 -13.15 1.67 24.48
CA ALA C 226 -14.43 1.95 25.13
C ALA C 226 -15.56 1.50 24.22
N PRO C 227 -16.73 1.14 24.78
CA PRO C 227 -17.83 0.64 23.95
C PRO C 227 -18.50 1.72 23.11
N LYS C 228 -19.52 1.31 22.36
CA LYS C 228 -20.29 2.22 21.51
C LYS C 228 -21.77 1.88 21.65
N ILE C 229 -22.55 2.79 22.22
CA ILE C 229 -23.97 2.58 22.45
C ILE C 229 -24.74 3.40 21.43
N ALA C 230 -25.45 2.72 20.54
CA ALA C 230 -26.20 3.38 19.48
C ALA C 230 -27.25 2.42 18.95
N THR C 231 -28.05 2.89 17.99
CA THR C 231 -29.10 2.09 17.38
C THR C 231 -28.66 1.60 16.01
N ARG C 232 -28.95 0.34 15.72
CA ARG C 232 -28.58 -0.28 14.45
C ARG C 232 -29.75 -1.10 13.94
N SER C 233 -29.50 -1.92 12.95
CA SER C 233 -30.52 -2.73 12.30
C SER C 233 -30.48 -4.16 12.83
N GLN C 234 -31.25 -5.03 12.20
CA GLN C 234 -31.38 -6.43 12.62
C GLN C 234 -30.58 -7.31 11.67
N VAL C 235 -29.51 -7.92 12.19
CA VAL C 235 -28.72 -8.90 11.44
C VAL C 235 -28.78 -10.22 12.21
N ASN C 236 -29.26 -11.27 11.54
CA ASN C 236 -29.45 -12.59 12.15
C ASN C 236 -30.31 -12.52 13.41
N GLY C 237 -31.22 -11.54 13.45
CA GLY C 237 -32.08 -11.37 14.60
C GLY C 237 -31.41 -10.79 15.82
N GLN C 238 -30.21 -10.25 15.69
CA GLN C 238 -29.46 -9.72 16.82
C GLN C 238 -29.14 -8.25 16.56
N ARG C 239 -29.59 -7.39 17.46
CA ARG C 239 -29.28 -5.95 17.40
C ARG C 239 -28.15 -5.66 18.37
N GLY C 240 -26.94 -6.02 17.97
CA GLY C 240 -25.77 -5.81 18.79
C GLY C 240 -24.54 -6.30 18.04
N ARG C 241 -23.38 -5.85 18.51
CA ARG C 241 -22.12 -6.18 17.86
C ARG C 241 -21.06 -6.51 18.90
N MET C 242 -20.06 -7.28 18.48
CA MET C 242 -18.90 -7.61 19.29
C MET C 242 -17.64 -7.48 18.44
N ASP C 243 -16.54 -7.10 19.07
CA ASP C 243 -15.27 -6.94 18.38
C ASP C 243 -14.19 -7.75 19.08
N PHE C 244 -13.34 -8.41 18.29
CA PHE C 244 -12.28 -9.26 18.81
C PHE C 244 -10.92 -8.74 18.34
N PHE C 245 -9.89 -9.06 19.12
CA PHE C 245 -8.52 -8.64 18.82
C PHE C 245 -7.57 -9.80 19.04
N TRP C 246 -6.31 -9.61 18.68
CA TRP C 246 -5.30 -10.66 18.82
C TRP C 246 -3.93 -10.03 18.99
N THR C 247 -2.98 -10.86 19.44
CA THR C 247 -1.61 -10.41 19.69
C THR C 247 -0.68 -11.62 19.69
N ILE C 248 0.62 -11.34 19.71
CA ILE C 248 1.66 -12.36 19.78
C ILE C 248 2.51 -12.10 21.01
N LEU C 249 2.80 -13.16 21.76
CA LEU C 249 3.61 -13.08 22.97
C LEU C 249 4.92 -13.84 22.77
N LYS C 250 6.00 -13.27 23.26
CA LYS C 250 7.34 -13.82 23.12
C LYS C 250 7.78 -14.50 24.42
N PRO C 251 8.72 -15.44 24.33
CA PRO C 251 9.24 -16.08 25.55
C PRO C 251 9.87 -15.05 26.48
N ASP C 252 9.61 -15.23 27.78
CA ASP C 252 10.09 -14.44 28.91
C ASP C 252 9.35 -13.11 29.10
N ASP C 253 8.39 -12.77 28.25
CA ASP C 253 7.62 -11.55 28.43
C ASP C 253 6.27 -11.85 29.09
N ALA C 254 5.50 -10.80 29.33
CA ALA C 254 4.25 -10.91 30.07
C ALA C 254 3.16 -10.09 29.39
N ILE C 255 1.92 -10.44 29.70
CA ILE C 255 0.75 -9.75 29.17
C ILE C 255 -0.18 -9.43 30.33
N HIS C 256 -0.71 -8.20 30.34
CA HIS C 256 -1.53 -7.72 31.45
C HIS C 256 -2.87 -7.27 30.93
N PHE C 257 -3.95 -7.72 31.58
CA PHE C 257 -5.31 -7.32 31.26
C PHE C 257 -5.91 -6.55 32.42
N GLU C 258 -6.82 -5.63 32.10
CA GLU C 258 -7.50 -4.84 33.11
C GLU C 258 -8.78 -4.30 32.49
N SER C 259 -9.92 -4.50 33.16
CA SER C 259 -11.19 -4.11 32.60
C SER C 259 -12.17 -3.77 33.71
N ASN C 260 -13.19 -2.99 33.35
CA ASN C 260 -14.29 -2.61 34.23
C ASN C 260 -15.63 -3.11 33.71
N GLY C 261 -15.65 -3.83 32.61
CA GLY C 261 -16.88 -4.31 32.03
C GLY C 261 -16.70 -4.57 30.55
N ASN C 262 -17.77 -5.07 29.94
CA ASN C 262 -17.81 -5.36 28.51
C ASN C 262 -16.61 -6.20 28.08
N PHE C 263 -16.28 -7.21 28.88
CA PHE C 263 -15.07 -7.99 28.70
C PHE C 263 -15.42 -9.39 28.22
N ILE C 264 -14.63 -9.90 27.28
CA ILE C 264 -14.72 -11.28 26.82
C ILE C 264 -13.34 -11.90 27.08
N ALA C 265 -13.18 -12.52 28.25
CA ALA C 265 -11.90 -13.08 28.66
C ALA C 265 -11.58 -14.35 27.87
N PRO C 266 -10.30 -14.65 27.69
CA PRO C 266 -9.90 -15.88 26.99
C PRO C 266 -9.79 -17.07 27.93
N GLU C 267 -9.84 -18.25 27.32
CA GLU C 267 -9.62 -19.51 28.04
C GLU C 267 -8.56 -20.39 27.39
N TYR C 268 -8.47 -20.38 26.06
CA TYR C 268 -7.53 -21.24 25.35
C TYR C 268 -6.63 -20.41 24.46
N ALA C 269 -5.36 -20.80 24.40
CA ALA C 269 -4.36 -20.14 23.58
C ALA C 269 -3.82 -21.13 22.56
N TYR C 270 -2.90 -20.65 21.72
CA TYR C 270 -2.35 -21.47 20.65
C TYR C 270 -0.83 -21.39 20.69
N LYS C 271 -0.17 -22.54 20.67
CA LYS C 271 1.28 -22.62 20.71
C LYS C 271 1.82 -22.95 19.33
N ILE C 272 2.74 -22.13 18.85
CA ILE C 272 3.38 -22.35 17.56
C ILE C 272 4.55 -23.30 17.76
N VAL C 273 4.49 -24.46 17.10
CA VAL C 273 5.52 -25.48 17.25
C VAL C 273 6.36 -25.64 15.98
N LYS C 274 5.79 -25.41 14.81
CA LYS C 274 6.49 -25.62 13.55
C LYS C 274 6.17 -24.48 12.60
N LYS C 275 7.15 -24.15 11.75
CA LYS C 275 6.99 -23.13 10.74
C LYS C 275 7.42 -23.71 9.39
N GLY C 276 6.74 -23.26 8.33
CA GLY C 276 7.04 -23.79 7.01
C GLY C 276 6.17 -23.15 5.96
N ASP C 277 6.13 -23.78 4.79
CA ASP C 277 5.37 -23.29 3.65
C ASP C 277 4.00 -23.95 3.62
N SER C 278 2.96 -23.12 3.53
CA SER C 278 1.59 -23.59 3.44
C SER C 278 0.84 -22.67 2.49
N THR C 279 -0.48 -22.83 2.42
CA THR C 279 -1.32 -22.01 1.56
C THR C 279 -2.79 -22.13 1.93
N ILE C 280 -3.46 -20.99 2.11
CA ILE C 280 -4.90 -20.95 2.32
C ILE C 280 -5.56 -20.85 0.95
N MET C 281 -6.46 -21.79 0.65
CA MET C 281 -7.04 -21.89 -0.68
C MET C 281 -8.55 -22.01 -0.59
N LYS C 282 -9.22 -21.58 -1.65
CA LYS C 282 -10.68 -21.50 -1.71
C LYS C 282 -11.16 -22.43 -2.82
N SER C 283 -12.00 -23.40 -2.46
CA SER C 283 -12.38 -24.43 -3.41
C SER C 283 -13.69 -25.08 -2.99
N GLY C 284 -14.14 -26.02 -3.81
CA GLY C 284 -15.36 -26.76 -3.54
C GLY C 284 -15.27 -28.25 -3.84
N VAL C 285 -14.08 -28.71 -4.25
CA VAL C 285 -13.91 -30.10 -4.61
C VAL C 285 -13.95 -30.98 -3.35
N GLU C 286 -14.40 -32.22 -3.51
CA GLU C 286 -14.53 -33.15 -2.42
C GLU C 286 -13.18 -33.74 -2.03
N TYR C 287 -13.19 -34.66 -1.07
CA TYR C 287 -11.98 -35.26 -0.51
C TYR C 287 -11.88 -36.72 -0.94
N GLY C 288 -10.72 -37.10 -1.47
CA GLY C 288 -10.45 -38.48 -1.80
C GLY C 288 -9.04 -38.85 -1.39
N HIS C 289 -8.83 -40.14 -1.17
CA HIS C 289 -7.54 -40.63 -0.66
C HIS C 289 -6.58 -40.83 -1.83
N CYS C 290 -5.45 -40.14 -1.80
CA CYS C 290 -4.45 -40.22 -2.86
C CYS C 290 -3.09 -39.90 -2.25
N ASN C 291 -2.13 -39.62 -3.12
CA ASN C 291 -0.89 -38.94 -2.77
C ASN C 291 -0.60 -37.89 -3.84
N THR C 292 -0.42 -36.64 -3.42
CA THR C 292 -0.30 -35.54 -4.36
C THR C 292 0.86 -34.63 -3.96
N LYS C 293 1.38 -33.90 -4.95
CA LYS C 293 2.51 -33.00 -4.76
C LYS C 293 2.28 -31.60 -5.32
N CYS C 294 1.31 -31.39 -6.19
CA CYS C 294 1.11 -30.12 -6.88
C CYS C 294 -0.36 -29.73 -6.86
N GLN C 295 -0.95 -29.77 -5.66
CA GLN C 295 -2.39 -29.56 -5.49
C GLN C 295 -2.77 -28.16 -5.97
N THR C 296 -3.58 -28.09 -7.02
CA THR C 296 -4.14 -26.83 -7.49
C THR C 296 -5.53 -26.62 -6.89
N PRO C 297 -5.99 -25.37 -6.86
CA PRO C 297 -7.29 -25.07 -6.25
C PRO C 297 -8.44 -25.95 -6.70
N VAL C 298 -8.43 -26.43 -7.95
CA VAL C 298 -9.56 -27.15 -8.51
C VAL C 298 -9.22 -28.58 -8.90
N GLY C 299 -7.96 -29.00 -8.78
CA GLY C 299 -7.61 -30.35 -9.16
C GLY C 299 -6.19 -30.76 -8.83
N ALA C 300 -6.01 -32.02 -8.43
CA ALA C 300 -4.68 -32.56 -8.18
C ALA C 300 -3.89 -32.65 -9.48
N ILE C 301 -2.57 -32.52 -9.37
CA ILE C 301 -1.68 -32.55 -10.52
C ILE C 301 -0.47 -33.40 -10.19
N ASN C 302 -0.11 -34.29 -11.10
CA ASN C 302 1.14 -35.04 -11.03
C ASN C 302 1.68 -35.16 -12.46
N SER C 303 2.55 -34.22 -12.84
CA SER C 303 3.06 -34.15 -14.19
C SER C 303 4.57 -33.97 -14.14
N SER C 304 5.20 -34.07 -15.31
CA SER C 304 6.64 -33.95 -15.43
C SER C 304 7.03 -33.09 -16.62
N MET C 305 6.29 -32.01 -16.85
CA MET C 305 6.58 -31.08 -17.93
C MET C 305 6.59 -29.65 -17.41
N PRO C 306 7.42 -28.79 -18.00
CA PRO C 306 7.70 -27.47 -17.39
C PRO C 306 6.49 -26.55 -17.23
N PHE C 307 5.50 -26.63 -18.11
CA PHE C 307 4.45 -25.61 -18.17
C PHE C 307 3.09 -26.21 -17.88
N HIS C 308 2.28 -25.48 -17.11
CA HIS C 308 0.91 -25.86 -16.82
C HIS C 308 -0.01 -24.67 -17.04
N ASN C 309 -1.32 -24.93 -17.03
CA ASN C 309 -2.29 -23.97 -17.53
C ASN C 309 -3.52 -23.81 -16.65
N ILE C 310 -3.64 -24.54 -15.54
CA ILE C 310 -4.89 -24.64 -14.81
C ILE C 310 -5.13 -23.43 -13.91
N HIS C 311 -4.26 -23.22 -12.92
CA HIS C 311 -4.54 -22.18 -11.93
C HIS C 311 -3.24 -21.63 -11.36
N PRO C 312 -3.13 -20.32 -11.18
CA PRO C 312 -1.83 -19.72 -10.84
C PRO C 312 -1.51 -19.65 -9.35
N LEU C 313 -2.27 -20.34 -8.49
CA LEU C 313 -2.05 -20.32 -7.05
C LEU C 313 -1.85 -21.75 -6.56
N THR C 314 -0.63 -22.23 -6.63
CA THR C 314 -0.32 -23.62 -6.29
C THR C 314 0.43 -23.71 -4.96
N ILE C 315 0.54 -24.94 -4.46
CA ILE C 315 1.23 -25.23 -3.21
C ILE C 315 2.29 -26.30 -3.48
N GLY C 316 3.49 -26.07 -2.94
CA GLY C 316 4.58 -27.01 -3.13
C GLY C 316 5.21 -26.89 -4.51
N GLU C 317 6.04 -27.88 -4.83
CA GLU C 317 6.70 -27.90 -6.12
C GLU C 317 5.68 -28.06 -7.23
N CYS C 318 5.78 -27.21 -8.26
CA CYS C 318 4.79 -27.17 -9.32
C CYS C 318 5.45 -26.57 -10.56
N PRO C 319 4.95 -26.90 -11.75
CA PRO C 319 5.43 -26.24 -12.96
C PRO C 319 4.93 -24.81 -13.07
N LYS C 320 5.49 -24.08 -14.04
CA LYS C 320 5.16 -22.68 -14.23
C LYS C 320 3.80 -22.52 -14.91
N TYR C 321 3.29 -21.29 -14.88
CA TYR C 321 1.94 -20.99 -15.35
C TYR C 321 2.00 -20.03 -16.54
N VAL C 322 1.29 -20.38 -17.61
CA VAL C 322 1.07 -19.52 -18.76
C VAL C 322 -0.42 -19.53 -19.08
N LYS C 323 -0.80 -18.80 -20.13
CA LYS C 323 -2.20 -18.70 -20.52
C LYS C 323 -2.51 -19.20 -21.92
N SER C 324 -1.50 -19.43 -22.76
CA SER C 324 -1.76 -19.90 -24.12
C SER C 324 -2.13 -21.39 -24.09
N ASN C 325 -2.48 -21.91 -25.26
CA ASN C 325 -3.02 -23.26 -25.37
C ASN C 325 -2.26 -24.18 -26.31
N LYS C 326 -1.24 -23.68 -27.02
CA LYS C 326 -0.54 -24.43 -28.05
C LYS C 326 0.97 -24.30 -27.89
N LEU C 327 1.46 -24.53 -26.67
CA LEU C 327 2.88 -24.39 -26.35
C LEU C 327 3.75 -25.49 -26.96
N VAL C 328 3.30 -26.37 -27.84
CA VAL C 328 4.16 -27.41 -28.37
C VAL C 328 5.29 -26.79 -29.20
N LEU C 329 6.51 -27.25 -28.97
CA LEU C 329 7.68 -26.81 -29.73
C LEU C 329 8.19 -27.97 -30.57
N ALA C 330 8.43 -27.70 -31.84
CA ALA C 330 8.81 -28.76 -32.77
C ALA C 330 10.22 -29.26 -32.48
N THR C 331 10.45 -30.53 -32.81
CA THR C 331 11.77 -31.15 -32.68
C THR C 331 12.28 -31.76 -33.97
N GLY C 332 11.42 -32.16 -34.91
CA GLY C 332 11.83 -32.83 -36.12
C GLY C 332 11.96 -31.91 -37.31
N LEU C 333 11.89 -32.50 -38.50
CA LEU C 333 12.08 -31.79 -39.75
C LEU C 333 10.81 -31.85 -40.59
N ARG C 334 10.84 -31.14 -41.73
CA ARG C 334 9.71 -31.02 -42.65
C ARG C 334 8.56 -30.29 -41.96
N SER D 40 23.66 -38.72 -38.30
CA SER D 40 24.51 -37.79 -37.57
C SER D 40 23.67 -36.84 -36.73
N THR D 41 22.35 -37.08 -36.70
CA THR D 41 21.47 -36.26 -35.88
C THR D 41 21.78 -36.41 -34.39
N GLN D 42 22.34 -37.55 -34.00
CA GLN D 42 22.77 -37.72 -32.62
C GLN D 42 23.82 -36.69 -32.24
N LYS D 43 24.78 -36.45 -33.13
CA LYS D 43 25.74 -35.38 -32.89
C LYS D 43 25.11 -34.01 -33.06
N ALA D 44 24.08 -33.90 -33.92
CA ALA D 44 23.51 -32.59 -34.21
C ALA D 44 22.49 -32.15 -33.16
N ILE D 45 21.37 -32.86 -33.07
CA ILE D 45 20.30 -32.44 -32.17
C ILE D 45 19.87 -33.56 -31.23
N ASP D 46 20.01 -34.81 -31.70
CA ASP D 46 19.45 -35.93 -30.93
C ASP D 46 20.20 -36.16 -29.63
N GLY D 47 21.51 -35.91 -29.62
CA GLY D 47 22.28 -36.00 -28.39
C GLY D 47 22.18 -34.80 -27.48
N VAL D 48 21.60 -33.71 -27.97
CA VAL D 48 21.44 -32.49 -27.18
C VAL D 48 19.96 -32.14 -27.08
N THR D 49 19.10 -33.15 -27.11
CA THR D 49 17.68 -32.93 -26.87
C THR D 49 17.41 -32.49 -25.43
N ASN D 50 18.37 -32.72 -24.53
CA ASN D 50 18.18 -32.31 -23.13
C ASN D 50 18.02 -30.80 -23.03
N LYS D 51 18.85 -30.04 -23.73
CA LYS D 51 18.74 -28.58 -23.69
C LYS D 51 17.42 -28.12 -24.30
N VAL D 52 16.97 -28.78 -25.37
CA VAL D 52 15.72 -28.39 -26.02
C VAL D 52 14.56 -28.53 -25.07
N ASN D 53 14.49 -29.63 -24.33
CA ASN D 53 13.45 -29.79 -23.33
C ASN D 53 13.77 -29.09 -22.02
N SER D 54 15.01 -28.64 -21.82
CA SER D 54 15.37 -27.87 -20.63
C SER D 54 15.21 -26.38 -20.88
N ILE D 55 13.99 -25.99 -21.23
CA ILE D 55 13.65 -24.58 -21.27
C ILE D 55 13.66 -23.99 -19.86
N ILE D 56 13.57 -24.85 -18.85
CA ILE D 56 13.46 -24.41 -17.46
C ILE D 56 14.67 -23.60 -17.03
N ASP D 57 15.85 -23.89 -17.59
CA ASP D 57 17.07 -23.22 -17.16
C ASP D 57 16.98 -21.71 -17.30
N LYS D 58 16.27 -21.22 -18.32
CA LYS D 58 16.02 -19.79 -18.42
C LYS D 58 14.92 -19.33 -17.46
N MET D 59 13.88 -20.13 -17.29
CA MET D 59 12.79 -19.81 -16.39
C MET D 59 13.00 -20.41 -15.00
N ASN D 60 14.19 -20.17 -14.42
CA ASN D 60 14.42 -20.58 -13.04
C ASN D 60 13.54 -19.78 -12.08
N THR D 61 13.42 -18.48 -12.32
CA THR D 61 12.70 -17.57 -11.42
C THR D 61 11.56 -16.93 -12.21
N GLN D 62 10.34 -17.37 -11.93
CA GLN D 62 9.13 -16.77 -12.49
C GLN D 62 8.31 -16.21 -11.34
N PHE D 63 7.57 -15.14 -11.63
CA PHE D 63 6.78 -14.47 -10.60
C PHE D 63 5.70 -15.41 -10.11
N GLU D 64 5.90 -15.97 -8.93
CA GLU D 64 4.93 -16.90 -8.35
C GLU D 64 3.83 -16.10 -7.65
N ALA D 65 2.60 -16.29 -8.08
CA ALA D 65 1.48 -15.56 -7.50
C ALA D 65 1.24 -16.02 -6.07
N VAL D 66 0.97 -15.06 -5.19
CA VAL D 66 0.70 -15.33 -3.79
C VAL D 66 -0.69 -14.79 -3.48
N GLY D 67 -1.34 -15.41 -2.49
CA GLY D 67 -2.71 -15.06 -2.15
C GLY D 67 -2.84 -14.03 -1.05
N ARG D 68 -3.15 -12.78 -1.43
CA ARG D 68 -3.47 -11.72 -0.48
C ARG D 68 -4.84 -11.17 -0.81
N GLU D 69 -5.55 -10.71 0.22
CA GLU D 69 -6.86 -10.11 0.05
C GLU D 69 -6.89 -8.77 0.78
N PHE D 70 -7.95 -8.01 0.52
CA PHE D 70 -8.13 -6.71 1.16
C PHE D 70 -9.62 -6.51 1.48
N ASN D 71 -9.88 -5.60 2.41
CA ASN D 71 -11.23 -5.41 2.95
C ASN D 71 -12.01 -4.43 2.05
N ASN D 72 -13.21 -4.05 2.50
CA ASN D 72 -14.13 -3.28 1.67
C ASN D 72 -13.73 -1.81 1.52
N LEU D 73 -12.97 -1.25 2.46
CA LEU D 73 -12.55 0.14 2.41
C LEU D 73 -11.08 0.30 2.05
N GLU D 74 -10.55 -0.60 1.22
CA GLU D 74 -9.15 -0.50 0.84
C GLU D 74 -8.97 -1.00 -0.59
N ARG D 75 -9.94 -0.73 -1.47
CA ARG D 75 -9.92 -1.16 -2.87
C ARG D 75 -8.88 -0.41 -3.69
N ARG D 76 -8.23 0.60 -3.14
CA ARG D 76 -7.26 1.38 -3.89
C ARG D 76 -5.94 0.65 -4.08
N ILE D 77 -5.56 -0.27 -3.19
CA ILE D 77 -4.35 -1.04 -3.43
C ILE D 77 -4.69 -2.48 -3.83
N GLU D 78 -5.89 -2.95 -3.51
CA GLU D 78 -6.31 -4.24 -4.05
C GLU D 78 -6.37 -4.19 -5.57
N ASN D 79 -6.90 -3.09 -6.11
CA ASN D 79 -6.87 -2.87 -7.54
C ASN D 79 -5.44 -2.91 -8.07
N LEU D 80 -4.53 -2.18 -7.41
CA LEU D 80 -3.14 -2.13 -7.87
C LEU D 80 -2.51 -3.51 -7.85
N ASN D 81 -2.76 -4.28 -6.79
CA ASN D 81 -2.23 -5.63 -6.68
C ASN D 81 -2.73 -6.49 -7.84
N LYS D 82 -4.03 -6.41 -8.13
CA LYS D 82 -4.58 -7.18 -9.24
C LYS D 82 -3.93 -6.79 -10.57
N LYS D 83 -3.81 -5.49 -10.83
CA LYS D 83 -3.23 -5.07 -12.11
C LYS D 83 -1.76 -5.48 -12.22
N MET D 84 -0.99 -5.37 -11.15
CA MET D 84 0.43 -5.72 -11.27
C MET D 84 0.60 -7.23 -11.45
N GLU D 85 -0.21 -8.03 -10.76
CA GLU D 85 -0.15 -9.47 -10.96
C GLU D 85 -0.50 -9.85 -12.39
N ASP D 86 -1.57 -9.25 -12.92
CA ASP D 86 -1.95 -9.52 -14.31
C ASP D 86 -0.86 -9.07 -15.28
N GLY D 87 -0.25 -7.92 -15.01
CA GLY D 87 0.82 -7.45 -15.87
C GLY D 87 2.02 -8.38 -15.89
N PHE D 88 2.42 -8.86 -14.72
CA PHE D 88 3.54 -9.80 -14.66
C PHE D 88 3.20 -11.08 -15.41
N LEU D 89 1.99 -11.60 -15.22
CA LEU D 89 1.59 -12.81 -15.94
C LEU D 89 1.63 -12.58 -17.45
N ASP D 90 1.11 -11.44 -17.91
CA ASP D 90 1.11 -11.15 -19.34
C ASP D 90 2.52 -11.04 -19.89
N VAL D 91 3.41 -10.38 -19.14
CA VAL D 91 4.79 -10.25 -19.58
C VAL D 91 5.43 -11.63 -19.73
N TRP D 92 5.22 -12.50 -18.75
CA TRP D 92 5.85 -13.82 -18.80
C TRP D 92 5.28 -14.67 -19.93
N THR D 93 3.97 -14.63 -20.16
CA THR D 93 3.42 -15.46 -21.24
C THR D 93 3.87 -14.94 -22.59
N TYR D 94 3.98 -13.62 -22.74
CA TYR D 94 4.51 -13.08 -24.00
C TYR D 94 5.94 -13.54 -24.22
N ASN D 95 6.77 -13.47 -23.18
CA ASN D 95 8.14 -13.96 -23.29
C ASN D 95 8.18 -15.42 -23.71
N ALA D 96 7.38 -16.26 -23.04
CA ALA D 96 7.39 -17.69 -23.31
C ALA D 96 6.96 -17.99 -24.73
N GLU D 97 5.87 -17.37 -25.19
CA GLU D 97 5.37 -17.61 -26.53
C GLU D 97 6.38 -17.15 -27.58
N LEU D 98 6.97 -15.97 -27.39
CA LEU D 98 7.87 -15.44 -28.41
C LEU D 98 9.15 -16.28 -28.45
N LEU D 99 9.61 -16.75 -27.28
CA LEU D 99 10.75 -17.63 -27.22
C LEU D 99 10.48 -18.96 -27.92
N VAL D 100 9.29 -19.52 -27.72
CA VAL D 100 8.92 -20.76 -28.41
C VAL D 100 8.94 -20.51 -29.92
N LEU D 101 8.49 -19.34 -30.35
CA LEU D 101 8.48 -19.02 -31.76
C LEU D 101 9.89 -19.00 -32.34
N MET D 102 10.82 -18.30 -31.68
CA MET D 102 12.19 -18.33 -32.20
C MET D 102 12.76 -19.74 -32.15
N GLU D 103 12.44 -20.52 -31.11
CA GLU D 103 13.00 -21.87 -31.04
C GLU D 103 12.54 -22.73 -32.21
N ASN D 104 11.25 -22.66 -32.56
CA ASN D 104 10.77 -23.43 -33.70
C ASN D 104 11.40 -22.93 -35.01
N GLU D 105 11.47 -21.61 -35.19
CA GLU D 105 12.04 -21.07 -36.42
C GLU D 105 13.50 -21.48 -36.57
N ARG D 106 14.26 -21.37 -35.48
CA ARG D 106 15.67 -21.74 -35.50
C ARG D 106 15.84 -23.25 -35.69
N THR D 107 14.93 -24.06 -35.16
CA THR D 107 15.02 -25.51 -35.36
C THR D 107 14.83 -25.86 -36.84
N LEU D 108 13.81 -25.28 -37.47
CA LEU D 108 13.63 -25.54 -38.90
C LEU D 108 14.80 -25.03 -39.71
N ASP D 109 15.31 -23.84 -39.36
CA ASP D 109 16.49 -23.31 -40.04
C ASP D 109 17.69 -24.22 -39.88
N PHE D 110 17.87 -24.76 -38.68
CA PHE D 110 18.99 -25.67 -38.42
C PHE D 110 18.86 -26.93 -39.27
N HIS D 111 17.64 -27.47 -39.37
CA HIS D 111 17.43 -28.68 -40.16
C HIS D 111 17.73 -28.44 -41.63
N ASP D 112 17.21 -27.36 -42.20
CA ASP D 112 17.55 -27.08 -43.59
C ASP D 112 19.02 -26.75 -43.74
N SER D 113 19.67 -26.23 -42.69
CA SER D 113 21.10 -26.01 -42.74
C SER D 113 21.85 -27.34 -42.88
N ASN D 114 21.43 -28.35 -42.11
CA ASN D 114 22.08 -29.64 -42.26
C ASN D 114 21.85 -30.21 -43.65
N VAL D 115 20.61 -30.20 -44.14
CA VAL D 115 20.38 -30.77 -45.46
C VAL D 115 21.25 -30.04 -46.49
N LYS D 116 21.39 -28.72 -46.35
CA LYS D 116 22.19 -27.94 -47.28
C LYS D 116 23.68 -28.31 -47.20
N ASN D 117 24.25 -28.39 -45.99
CA ASN D 117 25.70 -28.54 -45.95
C ASN D 117 26.13 -29.96 -46.31
N LEU D 118 25.39 -30.98 -45.84
CA LEU D 118 25.69 -32.32 -46.37
C LEU D 118 25.47 -32.38 -47.88
N TYR D 119 24.46 -31.67 -48.40
CA TYR D 119 24.28 -31.61 -49.84
C TYR D 119 25.54 -31.07 -50.52
N ASP D 120 26.12 -30.00 -49.98
CA ASP D 120 27.26 -29.43 -50.68
C ASP D 120 28.54 -30.26 -50.51
N LYS D 121 28.75 -30.92 -49.36
CA LYS D 121 29.92 -31.80 -49.33
C LYS D 121 29.75 -32.99 -50.26
N VAL D 122 28.56 -33.60 -50.31
CA VAL D 122 28.41 -34.74 -51.21
C VAL D 122 28.46 -34.28 -52.67
N ARG D 123 28.12 -33.02 -52.94
CA ARG D 123 28.28 -32.51 -54.31
C ARG D 123 29.74 -32.29 -54.66
N LEU D 124 30.51 -31.67 -53.75
CA LEU D 124 31.91 -31.41 -54.06
C LEU D 124 32.73 -32.69 -54.13
N GLN D 125 32.42 -33.67 -53.27
CA GLN D 125 33.11 -34.95 -53.31
C GLN D 125 32.41 -35.91 -54.26
N HIS E 24 41.78 -16.23 -41.57
CA HIS E 24 42.41 -15.61 -40.41
C HIS E 24 42.53 -16.60 -39.26
N ALA E 25 43.59 -16.46 -38.46
CA ALA E 25 43.82 -17.35 -37.33
C ALA E 25 44.85 -16.72 -36.41
N ASN E 26 44.64 -16.87 -35.11
CA ASN E 26 45.54 -16.31 -34.10
C ASN E 26 45.53 -17.25 -32.90
N ASN E 27 46.05 -16.78 -31.77
CA ASN E 27 46.09 -17.55 -30.54
C ASN E 27 45.57 -16.73 -29.38
N SER E 28 44.63 -17.29 -28.63
CA SER E 28 44.08 -16.67 -27.43
C SER E 28 43.52 -17.76 -26.53
N THR E 29 43.08 -17.37 -25.34
CA THR E 29 42.54 -18.33 -24.37
C THR E 29 41.30 -17.78 -23.69
N GLU E 30 40.40 -17.19 -24.47
CA GLU E 30 39.14 -16.66 -23.95
C GLU E 30 37.99 -17.59 -24.30
N GLN E 31 36.84 -17.31 -23.69
CA GLN E 31 35.63 -18.12 -23.88
C GLN E 31 34.41 -17.21 -23.94
N VAL E 32 33.33 -17.75 -24.51
CA VAL E 32 32.08 -17.00 -24.65
C VAL E 32 30.95 -18.01 -24.70
N ASP E 33 29.77 -17.60 -24.24
CA ASP E 33 28.58 -18.44 -24.25
C ASP E 33 27.67 -18.03 -25.40
N THR E 34 27.07 -19.03 -26.05
CA THR E 34 26.15 -18.81 -27.16
C THR E 34 24.90 -19.66 -26.94
N ILE E 35 23.95 -19.55 -27.88
CA ILE E 35 22.69 -20.27 -27.75
C ILE E 35 22.92 -21.77 -27.86
N MET E 36 23.85 -22.19 -28.72
CA MET E 36 24.08 -23.61 -28.93
C MET E 36 24.90 -24.22 -27.79
N GLU E 37 26.12 -23.71 -27.58
CA GLU E 37 27.03 -24.28 -26.61
C GLU E 37 27.35 -23.27 -25.52
N LYS E 38 27.73 -23.78 -24.35
CA LYS E 38 28.06 -22.94 -23.21
C LYS E 38 29.52 -23.05 -22.80
N ASN E 39 30.37 -23.63 -23.65
CA ASN E 39 31.78 -23.78 -23.34
C ASN E 39 32.67 -23.51 -24.55
N VAL E 40 32.21 -22.66 -25.47
CA VAL E 40 33.00 -22.34 -26.64
C VAL E 40 34.14 -21.39 -26.25
N THR E 41 35.36 -21.73 -26.65
CA THR E 41 36.53 -20.89 -26.41
C THR E 41 36.78 -20.02 -27.63
N VAL E 42 36.91 -18.72 -27.39
CA VAL E 42 36.98 -17.73 -28.46
C VAL E 42 38.25 -16.90 -28.29
N THR E 43 38.53 -16.06 -29.29
CA THR E 43 39.66 -15.16 -29.26
C THR E 43 39.38 -13.96 -28.38
N HIS E 44 40.19 -12.90 -28.51
CA HIS E 44 40.06 -11.72 -27.68
C HIS E 44 38.62 -11.21 -27.67
N ALA E 45 38.11 -10.97 -26.46
CA ALA E 45 36.75 -10.48 -26.26
C ALA E 45 36.81 -9.21 -25.40
N GLN E 46 35.63 -8.68 -25.10
CA GLN E 46 35.51 -7.46 -24.31
C GLN E 46 34.61 -7.73 -23.10
N ASP E 47 35.08 -7.35 -21.93
CA ASP E 47 34.33 -7.55 -20.70
C ASP E 47 33.30 -6.44 -20.51
N ILE E 48 32.15 -6.81 -19.96
CA ILE E 48 31.07 -5.86 -19.75
C ILE E 48 30.73 -5.79 -18.26
N LEU E 49 30.88 -6.92 -17.57
CA LEU E 49 30.58 -7.01 -16.15
C LEU E 49 31.78 -6.57 -15.33
N GLU E 50 31.51 -5.98 -14.16
CA GLU E 50 32.51 -5.36 -13.32
C GLU E 50 32.40 -5.94 -11.91
N LYS E 51 33.46 -6.59 -11.45
CA LYS E 51 33.41 -7.37 -10.21
C LYS E 51 34.30 -6.83 -9.09
N THR E 52 35.51 -6.38 -9.41
CA THR E 52 36.41 -5.88 -8.37
C THR E 52 35.83 -4.64 -7.71
N HIS E 53 36.02 -4.53 -6.39
CA HIS E 53 35.51 -3.38 -5.66
C HIS E 53 36.47 -3.03 -4.54
N ASN E 54 36.41 -1.77 -4.12
CA ASN E 54 37.22 -1.24 -3.03
C ASN E 54 36.34 -1.13 -1.79
N GLY E 55 36.69 -1.88 -0.75
CA GLY E 55 35.86 -1.94 0.44
C GLY E 55 36.17 -0.89 1.49
N LYS E 56 35.76 0.36 1.23
CA LYS E 56 35.99 1.44 2.17
C LYS E 56 35.11 2.62 1.80
N LEU E 57 34.42 3.17 2.78
CA LEU E 57 33.54 4.32 2.55
C LEU E 57 34.38 5.59 2.45
N CYS E 58 34.16 6.36 1.38
CA CYS E 58 34.93 7.57 1.15
C CYS E 58 34.05 8.70 0.62
N ASP E 59 34.67 9.80 0.21
CA ASP E 59 33.95 11.02 -0.13
C ASP E 59 33.32 10.95 -1.51
N LEU E 60 32.32 11.81 -1.74
CA LEU E 60 31.55 11.83 -2.98
C LEU E 60 31.66 13.22 -3.60
N ASN E 61 32.39 13.31 -4.73
CA ASN E 61 32.53 14.55 -5.51
C ASN E 61 33.08 15.70 -4.68
N GLY E 62 33.86 15.40 -3.65
CA GLY E 62 34.44 16.44 -2.82
C GLY E 62 33.72 16.63 -1.50
N VAL E 63 32.38 16.54 -1.53
CA VAL E 63 31.59 16.69 -0.31
C VAL E 63 31.80 15.46 0.56
N LYS E 64 31.94 15.69 1.86
CA LYS E 64 32.25 14.61 2.80
C LYS E 64 30.98 14.08 3.45
N PRO E 65 30.86 12.76 3.58
CA PRO E 65 29.60 12.17 4.04
C PRO E 65 29.35 12.37 5.53
N LEU E 66 28.26 11.78 6.02
CA LEU E 66 27.93 11.79 7.44
C LEU E 66 27.97 10.36 7.94
N ILE E 67 28.86 10.09 8.89
CA ILE E 67 29.03 8.75 9.46
C ILE E 67 28.50 8.79 10.88
N LEU E 68 27.28 8.29 11.07
CA LEU E 68 26.73 8.06 12.39
C LEU E 68 27.28 6.74 12.90
N LYS E 69 28.25 6.82 13.80
CA LYS E 69 29.03 5.66 14.21
C LYS E 69 28.17 4.55 14.79
N ASP E 70 27.53 4.81 15.93
CA ASP E 70 26.67 3.82 16.58
C ASP E 70 25.34 4.42 17.01
N CYS E 71 24.87 5.46 16.33
CA CYS E 71 23.60 6.09 16.64
C CYS E 71 22.60 5.85 15.51
N SER E 72 21.32 5.89 15.88
CA SER E 72 20.24 5.82 14.91
C SER E 72 19.86 7.23 14.48
N VAL E 73 18.77 7.36 13.71
CA VAL E 73 18.32 8.67 13.27
C VAL E 73 17.51 9.37 14.37
N ALA E 74 16.69 8.61 15.10
CA ALA E 74 15.90 9.19 16.18
C ALA E 74 16.82 9.77 17.26
N GLY E 75 17.88 9.04 17.61
CA GLY E 75 18.82 9.54 18.60
C GLY E 75 19.52 10.80 18.16
N TRP E 76 19.86 10.89 16.87
CA TRP E 76 20.49 12.10 16.36
C TRP E 76 19.54 13.29 16.41
N LEU E 77 18.33 13.11 15.89
CA LEU E 77 17.39 14.24 15.83
C LEU E 77 16.96 14.68 17.22
N LEU E 78 16.75 13.74 18.13
CA LEU E 78 16.28 14.09 19.46
C LEU E 78 17.40 14.53 20.40
N GLY E 79 18.66 14.31 20.05
CA GLY E 79 19.75 14.73 20.90
C GLY E 79 20.14 13.73 21.95
N ASN E 80 20.54 12.53 21.54
CA ASN E 80 20.95 11.50 22.48
C ASN E 80 22.19 11.97 23.24
N PRO E 81 22.21 11.86 24.58
CA PRO E 81 23.39 12.30 25.33
C PRO E 81 24.67 11.59 24.91
N MET E 82 24.61 10.31 24.54
CA MET E 82 25.78 9.57 24.11
C MET E 82 26.03 9.69 22.61
N CYS E 83 25.47 10.70 21.97
CA CYS E 83 25.69 10.95 20.55
C CYS E 83 25.94 12.44 20.32
N ASP E 84 26.77 13.03 21.16
CA ASP E 84 27.03 14.47 21.12
C ASP E 84 27.99 14.88 20.02
N GLU E 85 28.57 13.93 19.29
CA GLU E 85 29.54 14.24 18.26
C GLU E 85 28.93 14.92 17.04
N PHE E 86 27.61 14.92 16.91
CA PHE E 86 26.93 15.47 15.75
C PHE E 86 26.04 16.64 16.14
N ILE E 87 26.53 17.50 17.04
CA ILE E 87 25.76 18.67 17.44
C ILE E 87 25.82 19.77 16.38
N ARG E 88 26.78 19.71 15.45
CA ARG E 88 26.84 20.62 14.32
C ARG E 88 27.58 19.90 13.19
N VAL E 89 26.95 19.84 12.03
CA VAL E 89 27.50 19.07 10.91
C VAL E 89 27.45 19.90 9.63
N PRO E 90 28.53 19.95 8.86
CA PRO E 90 28.50 20.69 7.59
C PRO E 90 27.71 19.97 6.51
N GLU E 91 27.74 20.51 5.28
CA GLU E 91 27.02 19.89 4.19
C GLU E 91 27.57 18.50 3.89
N TRP E 92 26.67 17.55 3.63
CA TRP E 92 27.05 16.17 3.37
C TRP E 92 26.49 15.69 2.05
N SER E 93 26.61 14.39 1.79
CA SER E 93 26.04 13.77 0.60
C SER E 93 25.09 12.63 0.93
N TYR E 94 25.39 11.83 1.95
CA TYR E 94 24.55 10.69 2.29
C TYR E 94 24.70 10.38 3.77
N ILE E 95 23.75 9.62 4.30
CA ILE E 95 23.74 9.19 5.69
C ILE E 95 24.02 7.70 5.74
N VAL E 96 25.01 7.31 6.54
CA VAL E 96 25.41 5.92 6.69
C VAL E 96 25.12 5.48 8.12
N GLU E 97 24.43 4.35 8.26
CA GLU E 97 24.06 3.81 9.55
C GLU E 97 24.58 2.37 9.67
N ARG E 98 24.53 1.85 10.89
CA ARG E 98 24.95 0.49 11.18
C ARG E 98 23.77 -0.31 11.71
N ALA E 99 23.74 -1.60 11.36
CA ALA E 99 22.67 -2.47 11.83
C ALA E 99 22.74 -2.63 13.34
N ASN E 100 21.57 -2.89 13.93
CA ASN E 100 21.34 -2.96 15.37
C ASN E 100 22.16 -1.92 16.14
N PRO E 101 21.86 -0.63 15.95
CA PRO E 101 22.63 0.41 16.66
C PRO E 101 22.34 0.38 18.14
N ALA E 102 23.40 0.55 18.94
CA ALA E 102 23.28 0.36 20.38
C ALA E 102 22.50 1.49 21.04
N ASN E 103 22.82 2.75 20.69
CA ASN E 103 22.25 3.89 21.40
C ASN E 103 20.74 3.99 21.24
N ASP E 104 20.28 4.26 20.03
CA ASP E 104 18.85 4.33 19.69
C ASP E 104 18.14 5.26 20.68
N LEU E 105 16.87 4.99 20.98
CA LEU E 105 16.12 5.74 21.98
C LEU E 105 16.30 5.07 23.33
N CYS E 106 16.89 5.79 24.28
CA CYS E 106 17.11 5.24 25.61
C CYS E 106 15.78 5.01 26.32
N PHE E 107 14.97 6.04 26.44
CA PHE E 107 13.65 5.90 27.05
C PHE E 107 12.73 5.17 26.10
N PRO E 108 12.08 4.08 26.52
CA PRO E 108 11.21 3.34 25.60
C PRO E 108 10.07 4.20 25.10
N GLY E 109 9.70 3.99 23.84
CA GLY E 109 8.67 4.79 23.21
C GLY E 109 8.63 4.54 21.72
N SER E 110 8.03 5.47 20.99
CA SER E 110 7.91 5.34 19.55
C SER E 110 7.70 6.70 18.90
N LEU E 111 8.48 6.97 17.86
CA LEU E 111 8.24 8.12 16.99
C LEU E 111 7.13 7.76 16.01
N ASN E 112 6.07 8.56 16.00
CA ASN E 112 4.93 8.30 15.13
C ASN E 112 5.27 8.70 13.70
N ASP E 113 4.81 7.88 12.74
CA ASP E 113 5.15 8.05 11.33
C ASP E 113 6.67 8.09 11.14
N TYR E 114 7.37 7.20 11.84
CA TYR E 114 8.82 7.16 11.78
C TYR E 114 9.34 6.81 10.40
N GLU E 115 8.58 6.05 9.62
CA GLU E 115 9.00 5.68 8.27
C GLU E 115 8.78 6.79 7.26
N GLU E 116 7.89 7.74 7.55
CA GLU E 116 7.71 8.88 6.66
C GLU E 116 8.83 9.90 6.81
N LEU E 117 9.34 10.08 8.03
CA LEU E 117 10.45 11.00 8.25
C LEU E 117 11.69 10.55 7.50
N LYS E 118 11.98 9.25 7.53
CA LYS E 118 13.13 8.73 6.80
C LYS E 118 12.95 8.83 5.28
N HIS E 119 11.72 8.92 4.80
CA HIS E 119 11.48 9.19 3.39
C HIS E 119 11.59 10.67 3.07
N MET E 120 11.31 11.55 4.05
CA MET E 120 11.53 12.97 3.85
C MET E 120 13.01 13.28 3.67
N LEU E 121 13.86 12.67 4.51
CA LEU E 121 15.29 12.67 4.23
C LEU E 121 15.54 11.80 3.00
N SER E 122 16.78 11.88 2.50
CA SER E 122 17.22 11.46 1.17
C SER E 122 16.79 12.49 0.14
N ARG E 123 16.05 13.53 0.56
CA ARG E 123 15.78 14.69 -0.27
C ARG E 123 16.22 15.99 0.40
N ILE E 124 16.82 15.92 1.59
CA ILE E 124 17.37 17.07 2.29
C ILE E 124 18.87 16.90 2.37
N ASN E 125 19.62 17.91 1.92
CA ASN E 125 21.07 17.83 1.86
C ASN E 125 21.77 18.80 2.81
N HIS E 126 21.03 19.62 3.54
CA HIS E 126 21.65 20.56 4.47
C HIS E 126 20.67 20.88 5.58
N PHE E 127 21.21 21.19 6.75
CA PHE E 127 20.42 21.51 7.93
C PHE E 127 21.01 22.74 8.60
N GLU E 128 20.17 23.41 9.40
CA GLU E 128 20.62 24.53 10.20
C GLU E 128 19.84 24.54 11.50
N LYS E 129 20.54 24.45 12.62
CA LYS E 129 19.91 24.41 13.93
C LYS E 129 19.64 25.84 14.40
N ILE E 130 18.39 26.11 14.76
CA ILE E 130 17.96 27.44 15.16
C ILE E 130 17.26 27.34 16.51
N GLN E 131 17.46 28.37 17.34
CA GLN E 131 16.85 28.44 18.66
C GLN E 131 15.54 29.21 18.55
N ILE E 132 14.42 28.52 18.70
CA ILE E 132 13.11 29.13 18.56
C ILE E 132 12.49 29.46 19.91
N ILE E 133 12.64 28.60 20.91
CA ILE E 133 12.14 28.87 22.24
C ILE E 133 13.28 28.74 23.25
N PRO E 134 13.79 29.85 23.78
CA PRO E 134 14.89 29.77 24.74
C PRO E 134 14.40 29.40 26.13
N LYS E 135 15.36 29.06 27.00
CA LYS E 135 15.05 28.69 28.38
C LYS E 135 14.48 29.84 29.18
N SER E 136 14.60 31.08 28.70
CA SER E 136 14.11 32.25 29.42
C SER E 136 12.64 32.55 29.14
N SER E 137 11.98 31.72 28.34
CA SER E 137 10.56 31.90 28.03
C SER E 137 9.66 31.02 28.87
N TRP E 138 10.19 30.39 29.91
CA TRP E 138 9.42 29.52 30.82
C TRP E 138 9.60 30.06 32.22
N PRO E 139 8.88 31.13 32.59
CA PRO E 139 9.04 31.68 33.93
C PRO E 139 8.52 30.76 35.03
N ASN E 140 7.27 30.33 34.92
CA ASN E 140 6.65 29.46 35.93
C ASN E 140 6.66 28.01 35.46
N HIS E 141 7.86 27.47 35.24
CA HIS E 141 8.02 26.08 34.81
C HIS E 141 9.46 25.63 34.97
N GLU E 142 9.67 24.47 35.59
CA GLU E 142 11.01 23.94 35.76
C GLU E 142 11.51 23.33 34.45
N THR E 143 12.83 23.39 34.25
CA THR E 143 13.45 22.89 33.04
C THR E 143 14.70 22.04 33.26
N SER E 144 15.27 22.04 34.46
CA SER E 144 16.53 21.35 34.72
C SER E 144 16.37 20.11 35.59
N LEU E 145 15.14 19.69 35.87
CA LEU E 145 14.87 18.53 36.71
C LEU E 145 14.21 17.41 35.90
N GLY E 146 14.66 17.22 34.66
CA GLY E 146 14.07 16.23 33.79
C GLY E 146 15.02 15.13 33.38
N VAL E 147 15.83 14.66 34.33
CA VAL E 147 16.85 13.68 34.06
C VAL E 147 16.30 12.28 34.35
N SER E 148 16.98 11.27 33.83
CA SER E 148 16.58 9.89 34.06
C SER E 148 17.80 8.99 33.95
N ALA E 149 17.68 7.80 34.52
CA ALA E 149 18.75 6.80 34.46
C ALA E 149 18.77 6.01 33.16
N ALA E 150 17.76 6.20 32.30
CA ALA E 150 17.75 5.53 31.02
C ALA E 150 18.85 6.07 30.11
N CYS E 151 19.08 7.38 30.14
CA CYS E 151 20.11 8.04 29.34
C CYS E 151 21.05 8.80 30.27
N PRO E 152 22.10 8.16 30.76
CA PRO E 152 23.07 8.85 31.61
C PRO E 152 24.19 9.47 30.78
N TYR E 153 25.00 10.29 31.44
CA TYR E 153 26.17 10.90 30.83
C TYR E 153 27.31 10.85 31.83
N GLN E 154 28.34 10.05 31.54
CA GLN E 154 29.48 9.86 32.45
C GLN E 154 29.00 9.48 33.84
N GLY E 155 28.02 8.60 33.91
CA GLY E 155 27.44 8.18 35.17
C GLY E 155 26.26 9.00 35.64
N ALA E 156 26.36 10.32 35.55
CA ALA E 156 25.27 11.17 36.00
C ALA E 156 24.08 11.05 35.06
N PRO E 157 22.85 11.12 35.59
CA PRO E 157 21.67 11.05 34.73
C PRO E 157 21.55 12.29 33.84
N SER E 158 20.88 12.12 32.71
CA SER E 158 20.70 13.20 31.75
C SER E 158 19.44 12.92 30.93
N PHE E 159 19.27 13.66 29.85
CA PHE E 159 18.09 13.56 29.00
C PHE E 159 18.46 14.08 27.62
N PHE E 160 17.47 14.16 26.74
CA PHE E 160 17.72 14.63 25.37
C PHE E 160 18.13 16.10 25.38
N ARG E 161 18.76 16.52 24.29
CA ARG E 161 19.31 17.87 24.16
C ARG E 161 18.48 18.80 23.30
N ASN E 162 17.71 18.27 22.34
CA ASN E 162 16.94 19.10 21.43
C ASN E 162 15.50 19.30 21.88
N VAL E 163 15.09 18.74 23.02
CA VAL E 163 13.74 18.90 23.54
C VAL E 163 13.82 19.15 25.04
N VAL E 164 12.67 19.51 25.61
CA VAL E 164 12.57 19.87 27.02
C VAL E 164 11.48 19.02 27.67
N TRP E 165 11.76 18.52 28.87
CA TRP E 165 10.79 17.80 29.68
C TRP E 165 10.36 18.75 30.80
N LEU E 166 9.12 19.20 30.76
CA LEU E 166 8.61 20.16 31.73
C LEU E 166 8.02 19.44 32.94
N ILE E 167 8.17 20.07 34.10
CA ILE E 167 7.75 19.50 35.37
C ILE E 167 7.21 20.63 36.24
N LYS E 168 6.20 20.33 37.06
CA LYS E 168 5.58 21.34 37.90
C LYS E 168 6.62 22.04 38.77
N LYS E 169 6.37 23.33 39.03
CA LYS E 169 7.26 24.14 39.86
C LYS E 169 6.41 24.93 40.84
N ASN E 170 6.79 24.88 42.12
CA ASN E 170 6.03 25.48 43.20
C ASN E 170 4.61 24.92 43.26
N ASP E 171 4.48 23.62 42.97
CA ASP E 171 3.20 22.91 43.04
C ASP E 171 2.14 23.54 42.12
N ALA E 172 2.52 23.72 40.86
CA ALA E 172 1.60 24.31 39.89
C ALA E 172 2.08 23.97 38.48
N TYR E 173 1.10 23.74 37.60
CA TYR E 173 1.36 23.51 36.18
C TYR E 173 0.38 24.35 35.37
N PRO E 174 0.65 25.64 35.22
CA PRO E 174 -0.28 26.51 34.51
C PRO E 174 -0.42 26.14 33.04
N THR E 175 -1.58 26.46 32.48
CA THR E 175 -1.85 26.16 31.08
C THR E 175 -0.86 26.89 30.17
N ILE E 176 -0.47 26.22 29.10
CA ILE E 176 0.56 26.72 28.18
C ILE E 176 -0.12 27.24 26.93
N LYS E 177 0.25 28.46 26.52
CA LYS E 177 -0.26 29.07 25.28
C LYS E 177 0.90 29.78 24.61
N ILE E 178 1.50 29.14 23.61
CA ILE E 178 2.67 29.68 22.92
C ILE E 178 2.42 29.59 21.41
N SER E 179 3.16 30.41 20.67
CA SER E 179 3.00 30.46 19.22
C SER E 179 4.35 30.77 18.58
N TYR E 180 4.39 30.65 17.26
CA TYR E 180 5.60 30.96 16.50
C TYR E 180 5.21 31.27 15.06
N ASN E 181 5.81 32.32 14.50
CA ASN E 181 5.58 32.72 13.12
C ASN E 181 6.90 32.60 12.37
N ASN E 182 6.88 31.85 11.26
CA ASN E 182 8.10 31.56 10.51
C ASN E 182 8.43 32.76 9.64
N THR E 183 9.13 33.73 10.22
CA THR E 183 9.50 34.94 9.49
C THR E 183 10.54 34.67 8.42
N ASN E 184 11.28 33.58 8.53
CA ASN E 184 12.33 33.27 7.57
C ASN E 184 11.72 32.87 6.23
N ARG E 185 12.58 32.84 5.21
CA ARG E 185 12.18 32.44 3.87
C ARG E 185 12.29 30.94 3.64
N GLU E 186 12.52 30.17 4.70
CA GLU E 186 12.68 28.72 4.62
C GLU E 186 11.70 28.03 5.56
N ASP E 187 11.63 26.71 5.46
CA ASP E 187 10.73 25.90 6.24
C ASP E 187 11.42 25.41 7.51
N LEU E 188 10.63 24.77 8.37
CA LEU E 188 11.12 24.32 9.67
C LEU E 188 10.55 22.95 10.01
N LEU E 189 11.28 22.24 10.87
CA LEU E 189 10.85 20.96 11.42
C LEU E 189 10.71 21.11 12.93
N ILE E 190 9.55 20.73 13.46
CA ILE E 190 9.24 20.91 14.87
C ILE E 190 8.97 19.54 15.49
N LEU E 191 9.62 19.27 16.62
CA LEU E 191 9.49 18.01 17.34
C LEU E 191 8.94 18.28 18.73
N TRP E 192 7.87 17.59 19.09
CA TRP E 192 7.32 17.65 20.45
C TRP E 192 6.93 16.23 20.85
N GLY E 193 6.31 16.10 22.03
CA GLY E 193 5.97 14.77 22.50
C GLY E 193 4.96 14.80 23.62
N ILE E 194 4.55 13.59 24.04
CA ILE E 194 3.63 13.39 25.14
C ILE E 194 4.19 12.30 26.04
N HIS E 195 3.74 12.29 27.29
CA HIS E 195 4.22 11.35 28.30
C HIS E 195 3.13 10.36 28.65
N HIS E 196 3.47 9.06 28.56
CA HIS E 196 2.55 7.98 28.89
C HIS E 196 2.93 7.47 30.29
N SER E 197 2.31 8.07 31.31
CA SER E 197 2.64 7.73 32.68
C SER E 197 2.19 6.31 33.01
N ASN E 198 2.85 5.73 34.02
CA ASN E 198 2.60 4.33 34.37
C ASN E 198 1.37 4.17 35.25
N ASN E 199 1.37 4.81 36.42
CA ASN E 199 0.26 4.71 37.37
C ASN E 199 -0.38 6.08 37.58
N ALA E 200 -1.35 6.13 38.48
CA ALA E 200 -2.00 7.40 38.81
C ALA E 200 -1.14 8.25 39.71
N GLU E 201 -0.41 7.63 40.65
CA GLU E 201 0.40 8.38 41.60
C GLU E 201 1.51 9.14 40.88
N GLU E 202 2.10 8.53 39.85
CA GLU E 202 3.20 9.18 39.12
C GLU E 202 2.73 10.48 38.47
N GLN E 203 1.53 10.48 37.90
CA GLN E 203 1.03 11.68 37.23
C GLN E 203 0.80 12.81 38.22
N THR E 204 0.24 12.49 39.39
CA THR E 204 0.08 13.49 40.44
C THR E 204 1.38 13.84 41.14
N ASN E 205 2.46 13.09 40.87
CA ASN E 205 3.77 13.45 41.41
C ASN E 205 4.51 14.41 40.48
N LEU E 206 4.64 14.04 39.20
CA LEU E 206 5.29 14.93 38.24
C LEU E 206 4.45 16.17 37.99
N TYR E 207 3.16 15.99 37.71
CA TYR E 207 2.21 17.06 37.47
C TYR E 207 1.18 17.08 38.60
N LYS E 208 0.15 17.91 38.45
CA LYS E 208 -0.89 18.01 39.47
C LYS E 208 -2.29 17.66 38.98
N ASN E 209 -2.62 17.98 37.72
CA ASN E 209 -3.97 17.72 37.20
C ASN E 209 -4.08 16.27 36.72
N PRO E 210 -5.06 15.51 37.22
CA PRO E 210 -5.24 14.12 36.76
C PRO E 210 -5.54 14.02 35.27
N ILE E 211 -6.59 14.69 34.82
CA ILE E 211 -7.00 14.64 33.41
C ILE E 211 -6.18 15.66 32.63
N THR E 212 -5.63 15.22 31.50
CA THR E 212 -4.69 16.02 30.74
C THR E 212 -4.93 15.86 29.25
N TYR E 213 -4.53 16.88 28.48
CA TYR E 213 -4.68 16.88 27.03
C TYR E 213 -3.57 17.71 26.43
N ILE E 214 -3.40 17.57 25.11
CA ILE E 214 -2.41 18.33 24.35
C ILE E 214 -3.02 18.68 23.01
N SER E 215 -2.86 19.94 22.59
CA SER E 215 -3.41 20.42 21.33
C SER E 215 -2.34 21.13 20.52
N VAL E 216 -2.36 20.90 19.21
CA VAL E 216 -1.51 21.60 18.26
C VAL E 216 -2.38 22.07 17.10
N GLY E 217 -2.22 23.33 16.71
CA GLY E 217 -3.02 23.86 15.62
C GLY E 217 -2.23 24.70 14.63
N THR E 218 -2.26 24.30 13.35
CA THR E 218 -1.64 25.08 12.29
C THR E 218 -2.66 25.36 11.20
N SER E 219 -2.20 25.86 10.05
CA SER E 219 -3.11 26.16 8.95
C SER E 219 -3.75 24.90 8.39
N THR E 220 -3.00 23.80 8.27
CA THR E 220 -3.51 22.56 7.71
C THR E 220 -3.34 21.39 8.68
N LEU E 221 -3.39 21.65 9.98
CA LEU E 221 -3.26 20.60 10.99
C LEU E 221 -4.29 20.81 12.08
N ASN E 222 -4.67 19.70 12.72
CA ASN E 222 -5.60 19.73 13.85
C ASN E 222 -5.45 18.41 14.59
N GLN E 223 -5.13 18.49 15.87
CA GLN E 223 -4.78 17.28 16.62
C GLN E 223 -5.11 17.46 18.10
N ARG E 224 -5.62 16.41 18.72
CA ARG E 224 -5.87 16.36 20.15
C ARG E 224 -5.49 14.97 20.67
N LEU E 225 -4.78 14.93 21.79
CA LEU E 225 -4.27 13.67 22.33
C LEU E 225 -4.39 13.67 23.84
N ALA E 226 -4.46 12.45 24.40
CA ALA E 226 -4.56 12.24 25.83
C ALA E 226 -3.68 11.06 26.23
N PRO E 227 -3.20 11.04 27.48
CA PRO E 227 -2.26 9.97 27.88
C PRO E 227 -2.94 8.62 28.11
N LYS E 228 -2.14 7.61 28.45
CA LYS E 228 -2.63 6.26 28.73
C LYS E 228 -1.94 5.74 29.98
N ILE E 229 -2.74 5.16 30.89
CA ILE E 229 -2.24 4.68 32.18
C ILE E 229 -2.52 3.18 32.26
N ALA E 230 -1.46 2.39 32.40
CA ALA E 230 -1.58 0.94 32.44
C ALA E 230 -0.26 0.36 32.93
N THR E 231 -0.14 -0.97 32.88
CA THR E 231 1.07 -1.68 33.26
C THR E 231 1.69 -2.30 32.01
N ARG E 232 2.96 -2.01 31.77
CA ARG E 232 3.61 -2.36 30.50
C ARG E 232 4.96 -3.03 30.72
N SER E 233 5.03 -3.94 31.69
CA SER E 233 6.18 -4.84 31.88
C SER E 233 7.43 -3.99 32.16
N GLN E 234 8.55 -4.23 31.49
CA GLN E 234 9.81 -3.56 31.82
C GLN E 234 10.74 -3.63 30.63
N VAL E 235 11.17 -2.47 30.12
CA VAL E 235 12.18 -2.38 29.08
C VAL E 235 13.26 -1.42 29.55
N ASN E 236 14.52 -1.86 29.48
CA ASN E 236 15.68 -1.08 29.92
C ASN E 236 15.56 -0.63 31.36
N GLY E 237 14.73 -1.30 32.15
CA GLY E 237 14.49 -0.92 33.53
C GLY E 237 13.48 0.18 33.71
N GLN E 238 12.94 0.73 32.63
CA GLN E 238 11.93 1.78 32.70
C GLN E 238 10.60 1.21 32.23
N ARG E 239 9.55 1.46 33.01
CA ARG E 239 8.23 0.91 32.71
C ARG E 239 7.38 1.84 31.86
N GLY E 240 7.50 3.15 32.05
CA GLY E 240 6.71 4.11 31.29
C GLY E 240 7.20 4.25 29.86
N ARG E 241 6.43 5.02 29.10
CA ARG E 241 6.69 5.20 27.67
C ARG E 241 6.61 6.67 27.30
N MET E 242 6.97 6.96 26.06
CA MET E 242 6.90 8.30 25.49
C MET E 242 6.46 8.20 24.03
N ASP E 243 5.95 9.32 23.51
CA ASP E 243 5.49 9.36 22.13
C ASP E 243 5.78 10.74 21.55
N PHE E 244 6.44 10.78 20.40
CA PHE E 244 6.83 12.03 19.74
C PHE E 244 6.10 12.18 18.41
N PHE E 245 5.99 13.42 17.95
CA PHE E 245 5.31 13.75 16.71
C PHE E 245 6.09 14.83 15.98
N TRP E 246 5.84 14.96 14.68
CA TRP E 246 6.56 15.93 13.87
C TRP E 246 5.62 16.62 12.89
N THR E 247 6.09 17.73 12.32
CA THR E 247 5.31 18.53 11.39
C THR E 247 6.26 19.34 10.51
N ILE E 248 5.68 20.00 9.50
CA ILE E 248 6.41 20.91 8.63
C ILE E 248 5.67 22.24 8.61
N LEU E 249 6.42 23.34 8.75
CA LEU E 249 5.87 24.68 8.72
C LEU E 249 6.22 25.35 7.40
N LYS E 250 5.56 26.47 7.12
CA LYS E 250 5.70 27.22 5.89
C LYS E 250 5.92 28.69 6.20
N PRO E 251 6.51 29.44 5.27
CA PRO E 251 6.62 30.89 5.46
C PRO E 251 5.25 31.54 5.58
N ASP E 252 5.16 32.54 6.45
CA ASP E 252 3.95 33.28 6.81
C ASP E 252 2.94 32.42 7.58
N ASP E 253 3.25 31.16 7.87
CA ASP E 253 2.36 30.30 8.62
C ASP E 253 2.63 30.44 10.11
N ALA E 254 1.93 29.66 10.92
CA ALA E 254 2.08 29.72 12.37
C ALA E 254 1.73 28.37 12.97
N ILE E 255 2.23 28.14 14.19
CA ILE E 255 1.96 26.93 14.95
C ILE E 255 1.52 27.36 16.35
N HIS E 256 0.52 26.67 16.89
CA HIS E 256 -0.04 27.00 18.19
C HIS E 256 -0.06 25.77 19.08
N PHE E 257 0.45 25.92 20.30
CA PHE E 257 0.49 24.83 21.27
C PHE E 257 -0.33 25.19 22.49
N GLU E 258 -1.18 24.25 22.92
CA GLU E 258 -1.90 24.36 24.18
C GLU E 258 -1.82 23.03 24.89
N SER E 259 -1.54 23.06 26.19
CA SER E 259 -1.41 21.83 26.95
C SER E 259 -1.72 22.08 28.42
N ASN E 260 -2.02 21.00 29.12
CA ASN E 260 -2.29 21.02 30.55
C ASN E 260 -1.33 20.13 31.32
N GLY E 261 -0.34 19.55 30.67
CA GLY E 261 0.59 18.64 31.30
C GLY E 261 1.02 17.56 30.32
N ASN E 262 1.95 16.73 30.78
CA ASN E 262 2.53 15.66 29.97
C ASN E 262 3.05 16.21 28.65
N PHE E 263 3.71 17.36 28.72
CA PHE E 263 4.16 18.09 27.54
C PHE E 263 5.68 18.03 27.45
N ILE E 264 6.18 17.73 26.26
CA ILE E 264 7.60 17.74 25.95
C ILE E 264 7.83 18.87 24.95
N ALA E 265 8.19 20.04 25.46
CA ALA E 265 8.35 21.23 24.63
C ALA E 265 9.67 21.20 23.89
N PRO E 266 9.75 21.85 22.73
CA PRO E 266 11.00 21.88 21.97
C PRO E 266 11.89 23.05 22.36
N GLU E 267 13.19 22.88 22.06
CA GLU E 267 14.15 23.97 22.15
C GLU E 267 14.69 24.35 20.78
N TYR E 268 15.26 23.40 20.05
CA TYR E 268 15.89 23.68 18.76
C TYR E 268 15.06 23.09 17.63
N ALA E 269 15.02 23.82 16.51
CA ALA E 269 14.32 23.35 15.33
C ALA E 269 15.32 23.14 14.20
N TYR E 270 14.84 22.82 13.00
CA TYR E 270 15.72 22.53 11.88
C TYR E 270 15.25 23.30 10.65
N LYS E 271 16.20 23.92 9.96
CA LYS E 271 15.93 24.67 8.74
C LYS E 271 16.35 23.87 7.53
N ILE E 272 15.55 23.94 6.47
CA ILE E 272 15.86 23.30 5.20
C ILE E 272 16.36 24.38 4.26
N VAL E 273 17.60 24.24 3.79
CA VAL E 273 18.23 25.23 2.93
C VAL E 273 18.72 24.66 1.61
N LYS E 274 18.61 23.35 1.40
CA LYS E 274 19.04 22.75 0.15
C LYS E 274 18.32 21.43 -0.05
N LYS E 275 18.07 21.09 -1.32
CA LYS E 275 17.43 19.84 -1.68
C LYS E 275 18.23 19.15 -2.77
N GLY E 276 18.23 17.84 -2.76
CA GLY E 276 18.99 17.08 -3.73
C GLY E 276 18.83 15.59 -3.54
N ASP E 277 19.76 14.84 -4.11
CA ASP E 277 19.73 13.39 -4.07
C ASP E 277 20.64 12.89 -2.95
N SER E 278 20.11 12.00 -2.10
CA SER E 278 20.86 11.40 -1.01
C SER E 278 20.41 9.96 -0.87
N THR E 279 20.81 9.32 0.23
CA THR E 279 20.45 7.93 0.49
C THR E 279 20.74 7.61 1.95
N ILE E 280 19.79 6.96 2.61
CA ILE E 280 19.96 6.49 3.98
C ILE E 280 20.26 4.99 3.95
N MET E 281 21.54 4.63 3.96
CA MET E 281 21.97 3.25 3.80
C MET E 281 22.52 2.68 5.10
N LYS E 282 22.53 1.36 5.18
CA LYS E 282 23.04 0.62 6.33
C LYS E 282 24.25 -0.19 5.91
N SER E 283 25.32 -0.09 6.69
CA SER E 283 26.59 -0.74 6.34
C SER E 283 27.37 -0.98 7.62
N GLY E 284 28.60 -1.48 7.47
CA GLY E 284 29.47 -1.72 8.59
C GLY E 284 30.93 -1.40 8.32
N VAL E 285 31.22 -0.87 7.13
CA VAL E 285 32.58 -0.62 6.71
C VAL E 285 33.10 0.66 7.36
N GLU E 286 34.41 0.69 7.62
CA GLU E 286 35.04 1.83 8.26
C GLU E 286 35.17 3.00 7.28
N TYR E 287 35.82 4.07 7.73
CA TYR E 287 35.93 5.30 6.98
C TYR E 287 37.39 5.60 6.65
N GLY E 288 37.65 5.90 5.38
CA GLY E 288 38.98 6.32 4.96
C GLY E 288 38.87 7.36 3.87
N HIS E 289 39.91 8.19 3.77
CA HIS E 289 39.89 9.30 2.82
C HIS E 289 40.11 8.82 1.39
N CYS E 290 39.25 9.28 0.48
CA CYS E 290 39.31 8.88 -0.92
C CYS E 290 38.72 10.01 -1.75
N ASN E 291 38.38 9.71 -3.01
CA ASN E 291 37.45 10.50 -3.81
C ASN E 291 36.64 9.54 -4.66
N THR E 292 35.37 9.35 -4.32
CA THR E 292 34.51 8.36 -4.96
C THR E 292 33.36 9.04 -5.66
N LYS E 293 32.85 8.39 -6.72
CA LYS E 293 31.74 8.91 -7.51
C LYS E 293 30.45 8.14 -7.31
N CYS E 294 30.52 6.83 -7.05
CA CYS E 294 29.33 6.03 -6.79
C CYS E 294 29.64 5.10 -5.63
N GLN E 295 28.77 5.08 -4.62
CA GLN E 295 29.05 4.38 -3.37
C GLN E 295 28.06 3.22 -3.21
N THR E 296 28.51 2.02 -3.55
CA THR E 296 27.79 0.82 -3.17
C THR E 296 27.90 0.63 -1.65
N PRO E 297 26.82 0.20 -0.98
CA PRO E 297 26.82 0.25 0.50
C PRO E 297 27.72 -0.77 1.17
N VAL E 298 28.56 -1.45 0.41
CA VAL E 298 29.49 -2.42 0.99
C VAL E 298 30.90 -2.13 0.49
N GLY E 299 31.02 -1.27 -0.52
CA GLY E 299 32.32 -0.93 -1.07
C GLY E 299 32.27 0.06 -2.21
N ALA E 300 33.18 1.02 -2.22
CA ALA E 300 33.23 2.01 -3.28
C ALA E 300 33.60 1.36 -4.61
N ILE E 301 33.09 1.93 -5.69
CA ILE E 301 33.32 1.43 -7.03
C ILE E 301 33.66 2.61 -7.94
N ASN E 302 34.68 2.44 -8.78
CA ASN E 302 35.02 3.41 -9.82
C ASN E 302 35.40 2.62 -11.07
N SER E 303 34.49 2.55 -12.03
CA SER E 303 34.69 1.78 -13.25
C SER E 303 34.10 2.54 -14.43
N SER E 304 34.15 1.92 -15.60
CA SER E 304 33.62 2.51 -16.83
C SER E 304 32.72 1.60 -17.64
N MET E 305 32.85 0.27 -17.52
CA MET E 305 32.01 -0.66 -18.27
C MET E 305 30.59 -0.74 -17.70
N PRO E 306 29.60 -0.93 -18.58
CA PRO E 306 28.21 -0.59 -18.25
C PRO E 306 27.42 -1.59 -17.42
N PHE E 307 28.05 -2.53 -16.72
CA PHE E 307 27.28 -3.46 -15.89
C PHE E 307 28.07 -3.80 -14.64
N HIS E 308 27.36 -3.90 -13.51
CA HIS E 308 27.98 -4.24 -12.23
C HIS E 308 27.12 -5.28 -11.51
N ASN E 309 27.68 -5.83 -10.42
CA ASN E 309 27.10 -7.01 -9.78
C ASN E 309 27.10 -6.94 -8.25
N ILE E 310 27.59 -5.87 -7.64
CA ILE E 310 27.87 -5.89 -6.20
C ILE E 310 26.58 -5.83 -5.39
N HIS E 311 25.84 -4.73 -5.51
CA HIS E 311 24.67 -4.54 -4.66
C HIS E 311 23.71 -3.52 -5.29
N PRO E 312 22.41 -3.83 -5.34
CA PRO E 312 21.45 -2.98 -6.07
C PRO E 312 20.88 -1.83 -5.24
N LEU E 313 21.76 -1.05 -4.61
CA LEU E 313 21.32 0.16 -3.90
C LEU E 313 22.50 1.14 -3.93
N THR E 314 22.51 2.00 -4.95
CA THR E 314 23.66 2.86 -5.20
C THR E 314 23.26 4.33 -5.14
N ILE E 315 24.25 5.17 -4.84
CA ILE E 315 24.09 6.62 -4.81
C ILE E 315 25.12 7.22 -5.76
N GLY E 316 24.66 8.11 -6.64
CA GLY E 316 25.56 8.74 -7.58
C GLY E 316 25.27 8.38 -9.02
N GLU E 317 26.24 7.76 -9.70
CA GLU E 317 26.08 7.39 -11.10
C GLU E 317 26.85 6.07 -11.32
N CYS E 318 26.12 4.97 -11.24
CA CYS E 318 26.65 3.63 -11.43
C CYS E 318 25.97 2.95 -12.61
N PRO E 319 26.60 1.95 -13.21
CA PRO E 319 25.93 1.14 -14.23
C PRO E 319 24.78 0.33 -13.65
N LYS E 320 24.08 -0.43 -14.50
CA LYS E 320 22.92 -1.18 -14.06
C LYS E 320 23.36 -2.45 -13.32
N TYR E 321 22.39 -3.05 -12.63
CA TYR E 321 22.62 -4.21 -11.77
C TYR E 321 22.00 -5.46 -12.38
N VAL E 322 22.80 -6.52 -12.47
CA VAL E 322 22.35 -7.82 -12.95
C VAL E 322 22.89 -8.89 -12.00
N LYS E 323 22.19 -10.02 -11.95
CA LYS E 323 22.58 -11.14 -11.11
C LYS E 323 23.44 -12.16 -11.84
N SER E 324 23.72 -11.95 -13.13
CA SER E 324 24.53 -12.90 -13.88
C SER E 324 25.94 -12.95 -13.32
N ASN E 325 26.50 -14.16 -13.25
CA ASN E 325 27.86 -14.34 -12.75
C ASN E 325 28.91 -14.11 -13.83
N LYS E 326 28.50 -13.96 -15.09
CA LYS E 326 29.43 -13.78 -16.19
C LYS E 326 28.66 -13.18 -17.36
N LEU E 327 29.11 -12.04 -17.87
CA LEU E 327 28.40 -11.34 -18.93
C LEU E 327 29.36 -10.89 -20.02
N VAL E 328 30.28 -11.77 -20.40
CA VAL E 328 31.23 -11.45 -21.46
C VAL E 328 30.58 -11.66 -22.81
N LEU E 329 30.64 -10.64 -23.66
CA LEU E 329 30.13 -10.72 -25.02
C LEU E 329 31.30 -10.62 -25.99
N ALA E 330 31.38 -11.59 -26.90
CA ALA E 330 32.54 -11.71 -27.77
C ALA E 330 32.54 -10.63 -28.84
N THR E 331 33.74 -10.32 -29.32
CA THR E 331 33.92 -9.37 -30.42
C THR E 331 34.69 -10.01 -31.56
N GLY E 332 35.64 -10.88 -31.23
CA GLY E 332 36.49 -11.50 -32.22
C GLY E 332 35.82 -12.63 -32.97
N LEU E 333 36.61 -13.31 -33.79
CA LEU E 333 36.13 -14.39 -34.65
C LEU E 333 36.71 -15.72 -34.20
N ARG E 334 35.85 -16.72 -34.06
CA ARG E 334 36.21 -18.10 -33.74
C ARG E 334 36.87 -18.28 -32.38
N SER F 40 39.45 -4.16 -44.04
CA SER F 40 38.30 -5.01 -44.34
C SER F 40 37.33 -5.05 -43.15
N THR F 41 37.69 -5.82 -42.12
CA THR F 41 36.86 -5.88 -40.93
C THR F 41 36.84 -4.56 -40.18
N GLN F 42 37.91 -3.76 -40.30
CA GLN F 42 37.93 -2.44 -39.68
C GLN F 42 36.93 -1.49 -40.32
N LYS F 43 36.49 -1.77 -41.55
CA LYS F 43 35.51 -0.92 -42.19
C LYS F 43 34.18 -0.92 -41.43
N ALA F 44 33.73 -2.09 -40.99
CA ALA F 44 32.47 -2.20 -40.28
C ALA F 44 32.64 -2.66 -38.84
N ILE F 45 33.28 -3.81 -38.60
CA ILE F 45 33.29 -4.41 -37.27
C ILE F 45 34.02 -3.49 -36.28
N ASP F 46 35.22 -3.05 -36.65
CA ASP F 46 35.96 -2.15 -35.76
C ASP F 46 35.38 -0.75 -35.74
N GLY F 47 34.52 -0.42 -36.70
CA GLY F 47 33.88 0.89 -36.74
C GLY F 47 32.59 0.94 -35.94
N VAL F 48 31.90 -0.19 -35.82
CA VAL F 48 30.66 -0.26 -35.06
C VAL F 48 30.96 -0.78 -33.67
N THR F 49 32.24 -0.83 -33.30
CA THR F 49 32.61 -1.28 -31.97
C THR F 49 32.03 -0.38 -30.89
N ASN F 50 31.70 0.87 -31.23
CA ASN F 50 31.01 1.74 -30.27
C ASN F 50 29.61 1.24 -29.99
N LYS F 51 28.94 0.66 -31.00
CA LYS F 51 27.63 0.05 -30.77
C LYS F 51 27.75 -1.30 -30.06
N VAL F 52 28.82 -2.04 -30.31
CA VAL F 52 29.02 -3.31 -29.62
C VAL F 52 29.15 -3.09 -28.12
N ASN F 53 29.93 -2.10 -27.73
CA ASN F 53 29.95 -1.65 -26.34
C ASN F 53 28.86 -0.60 -26.16
N SER F 54 28.86 0.07 -25.01
CA SER F 54 27.87 1.11 -24.70
C SER F 54 26.45 0.58 -24.89
N ILE F 55 26.22 -0.66 -24.43
CA ILE F 55 24.91 -1.29 -24.54
C ILE F 55 23.85 -0.49 -23.78
N ILE F 56 24.26 0.32 -22.82
CA ILE F 56 23.36 1.14 -22.03
C ILE F 56 22.67 2.21 -22.89
N ASP F 57 23.02 2.27 -24.18
CA ASP F 57 22.30 3.16 -25.09
C ASP F 57 20.84 2.73 -25.20
N LYS F 58 20.58 1.43 -25.27
CA LYS F 58 19.23 0.91 -25.26
C LYS F 58 18.74 0.62 -23.85
N MET F 59 19.63 0.20 -22.96
CA MET F 59 19.32 0.04 -21.54
C MET F 59 19.63 1.30 -20.76
N ASN F 60 19.13 2.44 -21.25
CA ASN F 60 19.40 3.71 -20.59
C ASN F 60 18.55 3.92 -19.34
N THR F 61 17.31 3.44 -19.36
CA THR F 61 16.37 3.62 -18.26
C THR F 61 15.99 2.24 -17.72
N GLN F 62 16.66 1.83 -16.66
CA GLN F 62 16.39 0.58 -15.96
C GLN F 62 15.76 0.89 -14.62
N PHE F 63 14.93 -0.05 -14.13
CA PHE F 63 14.29 0.14 -12.83
C PHE F 63 15.35 0.28 -11.75
N GLU F 64 15.47 1.48 -11.19
CA GLU F 64 16.47 1.77 -10.17
C GLU F 64 15.89 1.44 -8.80
N ALA F 65 16.55 0.52 -8.09
CA ALA F 65 16.05 0.07 -6.80
C ALA F 65 16.24 1.16 -5.74
N VAL F 66 15.16 1.42 -4.98
CA VAL F 66 15.18 2.40 -3.91
C VAL F 66 14.69 1.72 -2.64
N GLY F 67 15.16 2.23 -1.50
CA GLY F 67 14.90 1.62 -0.21
C GLY F 67 13.76 2.30 0.53
N ARG F 68 12.71 1.53 0.81
CA ARG F 68 11.61 1.96 1.66
C ARG F 68 11.47 0.97 2.80
N GLU F 69 11.22 1.48 4.00
CA GLU F 69 11.10 0.66 5.20
C GLU F 69 9.68 0.74 5.74
N PHE F 70 9.09 -0.43 5.98
CA PHE F 70 7.76 -0.54 6.57
C PHE F 70 7.85 -1.13 7.96
N ASN F 71 6.88 -0.79 8.80
CA ASN F 71 6.90 -1.23 10.20
C ASN F 71 6.30 -2.63 10.32
N ASN F 72 6.05 -3.05 11.56
CA ASN F 72 5.65 -4.44 11.82
C ASN F 72 4.26 -4.74 11.27
N LEU F 73 3.31 -3.82 11.43
CA LEU F 73 1.92 -4.08 11.10
C LEU F 73 1.57 -3.74 9.66
N GLU F 74 2.55 -3.72 8.76
CA GLU F 74 2.33 -3.50 7.34
C GLU F 74 3.05 -4.57 6.53
N ARG F 75 2.87 -5.83 6.94
CA ARG F 75 3.59 -6.93 6.29
C ARG F 75 3.18 -7.11 4.84
N ARG F 76 1.88 -6.95 4.55
CA ARG F 76 1.39 -7.18 3.19
C ARG F 76 2.04 -6.24 2.19
N ILE F 77 2.11 -4.95 2.54
CA ILE F 77 2.67 -3.96 1.61
C ILE F 77 4.16 -4.19 1.41
N GLU F 78 4.89 -4.48 2.50
CA GLU F 78 6.31 -4.75 2.38
C GLU F 78 6.57 -6.02 1.57
N ASN F 79 5.73 -7.04 1.78
CA ASN F 79 5.83 -8.27 0.99
C ASN F 79 5.63 -7.98 -0.49
N LEU F 80 4.61 -7.16 -0.81
CA LEU F 80 4.35 -6.80 -2.19
C LEU F 80 5.53 -6.05 -2.80
N ASN F 81 6.09 -5.11 -2.03
CA ASN F 81 7.24 -4.33 -2.51
C ASN F 81 8.40 -5.25 -2.82
N LYS F 82 8.72 -6.16 -1.89
CA LYS F 82 9.81 -7.09 -2.10
C LYS F 82 9.60 -7.92 -3.36
N LYS F 83 8.40 -8.50 -3.51
CA LYS F 83 8.16 -9.36 -4.66
C LYS F 83 8.22 -8.62 -5.98
N MET F 84 7.67 -7.40 -6.06
CA MET F 84 7.70 -6.71 -7.35
C MET F 84 9.12 -6.25 -7.67
N GLU F 85 9.89 -5.85 -6.65
CA GLU F 85 11.27 -5.46 -6.89
C GLU F 85 12.09 -6.62 -7.44
N ASP F 86 11.94 -7.80 -6.80
CA ASP F 86 12.63 -8.98 -7.30
C ASP F 86 12.17 -9.34 -8.71
N GLY F 87 10.87 -9.19 -8.98
CA GLY F 87 10.36 -9.49 -10.31
C GLY F 87 10.96 -8.60 -11.37
N PHE F 88 11.03 -7.29 -11.10
CA PHE F 88 11.63 -6.37 -12.05
C PHE F 88 13.10 -6.69 -12.28
N LEU F 89 13.84 -6.97 -11.20
CA LEU F 89 15.25 -7.33 -11.35
C LEU F 89 15.41 -8.58 -12.20
N ASP F 90 14.55 -9.58 -11.98
CA ASP F 90 14.64 -10.82 -12.75
C ASP F 90 14.30 -10.58 -14.22
N VAL F 91 13.31 -9.73 -14.50
CA VAL F 91 12.96 -9.42 -15.87
C VAL F 91 14.14 -8.77 -16.59
N TRP F 92 14.78 -7.80 -15.93
CA TRP F 92 15.90 -7.13 -16.57
C TRP F 92 17.10 -8.05 -16.73
N THR F 93 17.32 -8.96 -15.77
CA THR F 93 18.40 -9.93 -15.92
C THR F 93 18.15 -10.86 -17.09
N TYR F 94 16.91 -11.34 -17.24
CA TYR F 94 16.56 -12.16 -18.38
C TYR F 94 16.81 -11.41 -19.68
N ASN F 95 16.39 -10.15 -19.75
CA ASN F 95 16.62 -9.35 -20.94
C ASN F 95 18.12 -9.25 -21.25
N ALA F 96 18.91 -8.91 -20.24
CA ALA F 96 20.35 -8.72 -20.48
C ALA F 96 20.98 -10.01 -21.00
N GLU F 97 20.68 -11.13 -20.35
CA GLU F 97 21.26 -12.40 -20.78
C GLU F 97 20.82 -12.76 -22.19
N LEU F 98 19.54 -12.53 -22.51
CA LEU F 98 19.04 -12.92 -23.81
C LEU F 98 19.70 -12.10 -24.91
N LEU F 99 19.80 -10.78 -24.73
CA LEU F 99 20.49 -9.97 -25.74
C LEU F 99 21.97 -10.31 -25.86
N VAL F 100 22.66 -10.59 -24.75
CA VAL F 100 24.08 -10.92 -24.92
C VAL F 100 24.22 -12.23 -25.69
N LEU F 101 23.32 -13.20 -25.45
CA LEU F 101 23.34 -14.43 -26.23
C LEU F 101 23.14 -14.16 -27.71
N MET F 102 22.12 -13.36 -28.05
CA MET F 102 21.86 -13.08 -29.46
C MET F 102 23.01 -12.30 -30.09
N GLU F 103 23.61 -11.37 -29.35
CA GLU F 103 24.72 -10.61 -29.90
C GLU F 103 25.90 -11.51 -30.21
N ASN F 104 26.24 -12.44 -29.31
CA ASN F 104 27.32 -13.38 -29.62
C ASN F 104 26.98 -14.23 -30.83
N GLU F 105 25.75 -14.75 -30.89
CA GLU F 105 25.36 -15.61 -32.00
C GLU F 105 25.45 -14.85 -33.33
N ARG F 106 24.88 -13.66 -33.38
CA ARG F 106 24.89 -12.88 -34.61
C ARG F 106 26.28 -12.38 -34.95
N THR F 107 27.15 -12.19 -33.95
CA THR F 107 28.53 -11.78 -34.23
C THR F 107 29.29 -12.91 -34.91
N LEU F 108 29.20 -14.12 -34.37
CA LEU F 108 29.86 -15.25 -35.03
C LEU F 108 29.26 -15.49 -36.41
N ASP F 109 27.94 -15.34 -36.53
CA ASP F 109 27.30 -15.49 -37.84
C ASP F 109 27.81 -14.44 -38.81
N PHE F 110 27.98 -13.20 -38.35
CA PHE F 110 28.50 -12.15 -39.21
C PHE F 110 29.89 -12.52 -39.70
N HIS F 111 30.76 -12.96 -38.79
CA HIS F 111 32.13 -13.32 -39.21
C HIS F 111 32.11 -14.45 -40.24
N ASP F 112 31.35 -15.51 -39.98
CA ASP F 112 31.40 -16.65 -40.90
C ASP F 112 30.78 -16.31 -42.25
N SER F 113 29.63 -15.62 -42.25
CA SER F 113 29.03 -15.21 -43.51
C SER F 113 29.92 -14.26 -44.28
N ASN F 114 30.59 -13.34 -43.56
CA ASN F 114 31.50 -12.41 -44.21
C ASN F 114 32.63 -13.16 -44.92
N VAL F 115 33.33 -14.03 -44.17
CA VAL F 115 34.45 -14.73 -44.78
C VAL F 115 33.97 -15.62 -45.91
N LYS F 116 32.75 -16.15 -45.80
CA LYS F 116 32.21 -16.96 -46.89
C LYS F 116 32.00 -16.12 -48.14
N ASN F 117 31.48 -14.89 -47.99
CA ASN F 117 31.24 -14.09 -49.19
C ASN F 117 32.54 -13.60 -49.83
N LEU F 118 33.52 -13.22 -49.00
CA LEU F 118 34.84 -12.93 -49.58
C LEU F 118 35.42 -14.15 -50.28
N TYR F 119 35.27 -15.34 -49.69
CA TYR F 119 35.79 -16.54 -50.34
C TYR F 119 35.14 -16.76 -51.69
N ASP F 120 33.81 -16.62 -51.77
CA ASP F 120 33.15 -16.89 -53.05
C ASP F 120 33.48 -15.82 -54.09
N LYS F 121 33.60 -14.55 -53.68
CA LYS F 121 33.93 -13.54 -54.67
C LYS F 121 35.36 -13.69 -55.18
N VAL F 122 36.31 -14.01 -54.29
CA VAL F 122 37.67 -14.22 -54.76
C VAL F 122 37.79 -15.52 -55.55
N ARG F 123 36.91 -16.49 -55.31
CA ARG F 123 36.93 -17.70 -56.13
C ARG F 123 36.39 -17.44 -57.52
N LEU F 124 35.29 -16.68 -57.63
CA LEU F 124 34.75 -16.37 -58.95
C LEU F 124 35.67 -15.43 -59.72
N GLN F 125 36.34 -14.51 -59.03
CA GLN F 125 37.30 -13.63 -59.69
C GLN F 125 38.64 -14.34 -59.87
N VAL G 2 31.27 36.98 13.69
CA VAL G 2 31.47 36.85 15.13
C VAL G 2 32.81 37.47 15.53
N GLN G 3 32.77 38.35 16.52
CA GLN G 3 33.96 39.02 17.04
C GLN G 3 34.25 38.50 18.44
N LEU G 4 35.53 38.36 18.75
CA LEU G 4 35.97 37.75 20.00
C LEU G 4 36.94 38.66 20.74
N VAL G 5 36.56 39.93 20.90
CA VAL G 5 37.37 40.84 21.71
C VAL G 5 37.40 40.34 23.15
N GLN G 6 38.58 40.36 23.76
CA GLN G 6 38.78 39.78 25.08
C GLN G 6 38.54 40.84 26.16
N SER G 7 38.91 40.53 27.40
CA SER G 7 38.54 41.37 28.53
C SER G 7 39.40 42.63 28.62
N GLY G 8 40.70 42.47 28.84
CA GLY G 8 41.57 43.62 29.02
C GLY G 8 42.94 43.29 29.53
N ALA G 9 43.38 43.99 30.58
CA ALA G 9 44.70 43.77 31.15
C ALA G 9 44.66 44.04 32.65
N GLU G 10 45.55 43.38 33.38
CA GLU G 10 45.67 43.56 34.81
C GLU G 10 47.05 43.08 35.26
N VAL G 11 47.45 43.51 36.46
CA VAL G 11 48.75 43.18 37.03
C VAL G 11 48.53 42.64 38.44
N LYS G 12 49.12 41.47 38.72
CA LYS G 12 49.03 40.87 40.04
C LYS G 12 50.22 39.95 40.26
N LYS G 13 50.68 39.89 41.50
CA LYS G 13 51.88 39.14 41.83
C LYS G 13 51.63 37.64 41.72
N PRO G 14 52.70 36.84 41.57
CA PRO G 14 52.54 35.38 41.45
C PRO G 14 51.78 34.74 42.62
N GLY G 15 51.25 33.55 42.39
CA GLY G 15 50.49 32.81 43.37
C GLY G 15 48.99 33.03 43.30
N SER G 16 48.54 34.10 42.65
CA SER G 16 47.13 34.45 42.62
C SER G 16 46.46 33.84 41.40
N SER G 17 45.25 34.29 41.10
CA SER G 17 44.49 33.82 39.94
C SER G 17 43.94 35.02 39.19
N VAL G 18 43.85 34.90 37.87
CA VAL G 18 43.27 35.94 37.02
C VAL G 18 42.09 35.36 36.26
N LYS G 19 41.02 36.15 36.14
CA LYS G 19 39.81 35.74 35.43
C LYS G 19 39.79 36.41 34.07
N VAL G 20 40.51 35.82 33.12
CA VAL G 20 40.54 36.34 31.76
C VAL G 20 39.28 35.89 31.04
N SER G 21 38.55 36.84 30.46
CA SER G 21 37.28 36.58 29.80
C SER G 21 37.45 36.65 28.28
N CYS G 22 36.58 35.92 27.58
CA CYS G 22 36.60 35.84 26.11
C CYS G 22 35.18 36.12 25.62
N LYS G 23 34.87 37.41 25.46
CA LYS G 23 33.53 37.84 25.10
C LYS G 23 33.29 37.74 23.60
N ALA G 24 32.06 37.42 23.23
CA ALA G 24 31.70 37.27 21.83
C ALA G 24 30.20 37.55 21.67
N SER G 25 29.78 37.72 20.41
CA SER G 25 28.39 37.95 20.09
C SER G 25 28.20 37.75 18.59
N GLY G 26 26.98 37.38 18.20
CA GLY G 26 26.65 37.27 16.79
C GLY G 26 26.27 35.89 16.31
N GLY G 27 25.66 35.08 17.16
CA GLY G 27 25.21 33.77 16.74
C GLY G 27 24.86 32.90 17.94
N THR G 28 24.63 31.62 17.65
CA THR G 28 24.29 30.64 18.68
C THR G 28 25.58 30.16 19.33
N PHE G 29 25.79 30.56 20.58
CA PHE G 29 27.01 30.30 21.32
C PHE G 29 27.02 28.92 21.97
N SER G 30 25.89 28.21 21.98
CA SER G 30 25.74 26.98 22.74
C SER G 30 26.18 25.73 22.01
N ILE G 31 26.57 25.82 20.74
CA ILE G 31 26.98 24.63 20.00
C ILE G 31 28.35 24.84 19.36
N TYR G 32 29.20 25.65 20.01
CA TYR G 32 30.50 26.00 19.47
C TYR G 32 31.62 25.55 20.40
N THR G 33 32.81 25.37 19.82
CA THR G 33 33.99 24.91 20.54
C THR G 33 34.87 26.10 20.91
N PHE G 34 35.27 26.18 22.17
CA PHE G 34 36.09 27.29 22.69
C PHE G 34 37.24 26.73 23.50
N THR G 35 38.42 27.31 23.31
CA THR G 35 39.65 26.84 23.93
C THR G 35 40.52 28.03 24.31
N TRP G 36 41.68 27.73 24.90
CA TRP G 36 42.62 28.74 25.36
C TRP G 36 44.03 28.41 24.89
N VAL G 37 44.79 29.45 24.56
CA VAL G 37 46.20 29.32 24.20
C VAL G 37 47.01 30.29 25.04
N ARG G 38 48.02 29.79 25.74
CA ARG G 38 48.85 30.58 26.63
C ARG G 38 50.21 30.84 25.99
N GLN G 39 50.73 32.05 26.19
CA GLN G 39 52.01 32.43 25.60
C GLN G 39 52.84 33.15 26.66
N ALA G 40 53.65 32.39 27.39
CA ALA G 40 54.75 32.95 28.14
C ALA G 40 55.81 33.43 27.15
N PRO G 41 56.72 34.35 27.56
CA PRO G 41 57.60 34.98 26.56
C PRO G 41 58.39 33.99 25.73
N GLY G 42 59.23 33.18 26.38
CA GLY G 42 59.98 32.17 25.69
C GLY G 42 59.36 30.78 25.71
N HIS G 43 58.09 30.66 25.33
CA HIS G 43 57.42 29.36 25.42
C HIS G 43 56.55 29.07 24.20
N GLY G 44 56.82 29.71 23.07
CA GLY G 44 56.14 29.42 21.82
C GLY G 44 54.62 29.46 21.90
N LEU G 45 53.98 28.34 21.61
CA LEU G 45 52.53 28.21 21.71
C LEU G 45 52.19 27.08 22.68
N GLU G 46 51.21 27.32 23.55
CA GLU G 46 50.77 26.32 24.52
C GLU G 46 49.27 26.10 24.43
N TRP G 47 48.73 25.31 25.36
CA TRP G 47 47.30 24.98 25.32
C TRP G 47 46.85 24.53 26.70
N MET G 48 45.58 24.79 26.99
CA MET G 48 44.96 24.38 28.24
C MET G 48 43.76 23.46 28.05
N GLY G 49 42.87 23.76 27.11
CA GLY G 49 41.61 23.07 26.98
C GLY G 49 40.47 24.05 26.88
N GLY G 50 39.26 23.63 27.21
CA GLY G 50 38.11 24.51 27.11
C GLY G 50 36.81 23.90 27.58
N ILE G 51 35.73 24.22 26.88
CA ILE G 51 34.40 23.78 27.28
C ILE G 51 33.46 23.87 26.08
N LEU G 52 32.62 22.85 25.92
CA LEU G 52 31.46 22.93 25.04
C LEU G 52 30.26 23.31 25.89
N PRO G 53 29.61 24.44 25.63
CA PRO G 53 28.67 25.01 26.62
C PRO G 53 27.37 24.24 26.76
N ILE G 54 27.09 23.25 25.92
CA ILE G 54 25.84 22.51 26.00
C ILE G 54 25.95 21.25 26.87
N SER G 55 27.17 20.81 27.19
CA SER G 55 27.35 19.60 27.99
C SER G 55 27.53 19.92 29.47
N GLY G 56 28.51 20.75 29.80
CA GLY G 56 28.75 21.12 31.18
C GLY G 56 29.90 20.39 31.82
N SER G 57 31.00 20.25 31.08
CA SER G 57 32.19 19.54 31.57
C SER G 57 33.41 20.33 31.10
N ALA G 58 34.58 19.70 31.18
CA ALA G 58 35.79 20.31 30.67
C ALA G 58 36.80 19.23 30.36
N LYS G 59 37.55 19.41 29.28
CA LYS G 59 38.62 18.51 28.88
C LYS G 59 39.94 19.24 29.09
N TYR G 60 40.52 19.04 30.27
CA TYR G 60 41.70 19.79 30.69
C TYR G 60 42.95 19.24 30.00
N ALA G 61 44.11 19.75 30.38
CA ALA G 61 45.37 19.43 29.72
C ALA G 61 46.14 18.41 30.53
N GLN G 62 46.48 17.27 29.90
CA GLN G 62 47.20 16.22 30.59
C GLN G 62 48.56 16.68 31.11
N LYS G 63 49.10 17.76 30.56
CA LYS G 63 50.33 18.33 31.09
C LYS G 63 50.14 18.84 32.51
N PHE G 64 49.05 19.58 32.75
CA PHE G 64 48.76 20.18 34.05
C PHE G 64 47.29 19.99 34.42
N LEU G 65 46.80 18.75 34.33
CA LEU G 65 45.39 18.41 34.48
C LEU G 65 44.74 18.98 35.75
N GLY G 66 45.54 19.43 36.70
CA GLY G 66 45.00 20.06 37.89
C GLY G 66 45.27 21.54 37.99
N ARG G 67 45.63 22.16 36.87
CA ARG G 67 46.04 23.56 36.89
C ARG G 67 44.85 24.51 36.85
N VAL G 68 44.07 24.44 35.78
CA VAL G 68 43.12 25.49 35.46
C VAL G 68 41.70 24.99 35.68
N THR G 69 40.74 25.91 35.66
CA THR G 69 39.32 25.59 35.73
C THR G 69 38.59 26.44 34.70
N ILE G 70 37.88 25.80 33.79
CA ILE G 70 37.22 26.47 32.67
C ILE G 70 35.72 26.25 32.80
N THR G 71 34.95 27.35 32.72
CA THR G 71 33.50 27.31 32.75
C THR G 71 32.95 28.25 31.68
N ALA G 72 31.67 28.06 31.34
CA ALA G 72 31.03 28.87 30.32
C ALA G 72 29.62 29.24 30.76
N ASP G 73 29.19 30.43 30.37
CA ASP G 73 27.82 30.89 30.56
C ASP G 73 27.18 31.08 29.19
N GLU G 74 26.12 30.33 28.91
CA GLU G 74 25.49 30.30 27.60
C GLU G 74 24.34 31.27 27.47
N SER G 75 24.10 32.11 28.49
CA SER G 75 23.07 33.13 28.42
C SER G 75 23.62 34.52 28.12
N THR G 76 24.94 34.69 28.10
CA THR G 76 25.54 36.00 27.82
C THR G 76 26.69 35.93 26.83
N SER G 77 27.00 34.74 26.27
CA SER G 77 28.05 34.58 25.27
C SER G 77 29.41 35.01 25.80
N THR G 78 29.82 34.37 26.90
CA THR G 78 31.13 34.61 27.48
C THR G 78 31.70 33.30 28.02
N VAL G 79 33.03 33.24 28.07
CA VAL G 79 33.75 32.09 28.58
C VAL G 79 34.75 32.59 29.62
N TYR G 80 35.12 31.70 30.54
CA TYR G 80 36.00 32.04 31.64
C TYR G 80 37.24 31.16 31.61
N MET G 81 38.14 31.39 32.57
CA MET G 81 39.31 30.55 32.83
C MET G 81 39.86 30.97 34.18
N GLU G 82 40.32 29.98 34.96
CA GLU G 82 40.79 30.23 36.32
C GLU G 82 42.02 29.36 36.57
N LEU G 83 43.20 29.93 36.37
CA LEU G 83 44.47 29.30 36.73
C LEU G 83 44.94 29.88 38.05
N SER G 84 45.34 29.01 38.97
CA SER G 84 45.71 29.41 40.31
C SER G 84 47.18 29.09 40.58
N SER G 85 47.71 29.72 41.62
CA SER G 85 49.10 29.53 42.06
C SER G 85 50.08 29.91 40.95
N LEU G 86 50.05 31.19 40.58
CA LEU G 86 50.99 31.71 39.60
C LEU G 86 52.42 31.67 40.14
N ARG G 87 53.37 31.57 39.22
CA ARG G 87 54.79 31.58 39.53
C ARG G 87 55.44 32.76 38.82
N SER G 88 56.77 32.80 38.86
CA SER G 88 57.51 33.76 38.05
C SER G 88 57.58 33.36 36.58
N GLU G 89 57.29 32.10 36.26
CA GLU G 89 57.34 31.64 34.88
C GLU G 89 56.17 32.20 34.07
N ASP G 90 54.96 32.13 34.62
CA ASP G 90 53.76 32.57 33.90
C ASP G 90 53.56 34.06 34.12
N THR G 91 53.99 34.85 33.14
CA THR G 91 54.00 36.30 33.24
C THR G 91 53.42 37.01 32.02
N ALA G 92 53.41 36.39 30.86
CA ALA G 92 53.08 37.07 29.60
C ALA G 92 51.62 36.85 29.21
N ILE G 93 51.29 37.24 27.99
CA ILE G 93 49.92 37.37 27.50
C ILE G 93 49.23 36.02 27.34
N TYR G 94 47.91 36.05 27.16
CA TYR G 94 47.08 34.88 26.93
C TYR G 94 46.16 35.16 25.75
N TYR G 95 45.66 34.09 25.12
CA TYR G 95 44.85 34.20 23.92
C TYR G 95 43.64 33.29 24.02
N CYS G 96 42.58 33.66 23.28
CA CYS G 96 41.37 32.87 23.16
C CYS G 96 41.08 32.63 21.68
N ALA G 97 40.32 31.58 21.38
CA ALA G 97 40.10 31.19 19.99
C ALA G 97 38.72 30.56 19.85
N ARG G 98 38.44 30.03 18.66
CA ARG G 98 37.17 29.42 18.32
C ARG G 98 37.40 28.42 17.20
N ASP G 99 36.72 27.27 17.28
CA ASP G 99 36.83 26.22 16.27
C ASP G 99 35.41 25.79 15.88
N PRO G 100 35.04 25.86 14.61
CA PRO G 100 33.69 25.49 14.19
C PRO G 100 33.56 23.99 13.94
N TYR G 101 32.30 23.55 13.84
CA TYR G 101 31.92 22.16 13.61
C TYR G 101 32.40 21.24 14.74
N SER G 102 31.85 20.04 14.78
CA SER G 102 32.13 19.11 15.87
C SER G 102 32.69 17.78 15.41
N ASN G 103 32.18 17.22 14.32
CA ASN G 103 32.64 15.93 13.84
C ASN G 103 33.85 16.04 12.91
N TYR G 104 34.34 17.24 12.67
CA TYR G 104 35.50 17.46 11.82
C TYR G 104 36.28 18.65 12.33
N PHE G 105 37.55 18.72 11.95
CA PHE G 105 38.46 19.79 12.36
C PHE G 105 38.93 20.54 11.12
N TYR G 106 38.46 21.77 10.96
CA TYR G 106 38.98 22.65 9.91
C TYR G 106 40.13 23.49 10.44
N GLY G 107 39.87 24.30 11.45
CA GLY G 107 40.92 25.07 12.08
C GLY G 107 40.35 26.17 12.95
N LEU G 108 41.19 26.70 13.82
CA LEU G 108 40.81 27.82 14.68
C LEU G 108 40.72 29.07 13.81
N ASP G 109 39.50 29.42 13.40
CA ASP G 109 39.33 30.44 12.38
C ASP G 109 39.48 31.85 12.95
N VAL G 110 38.60 32.24 13.86
CA VAL G 110 38.58 33.58 14.43
C VAL G 110 39.33 33.56 15.75
N TRP G 111 40.26 34.49 15.93
CA TRP G 111 41.17 34.48 17.07
C TRP G 111 40.94 35.64 18.02
N GLY G 112 41.05 36.88 17.53
CA GLY G 112 40.88 38.06 18.37
C GLY G 112 42.14 38.89 18.44
N GLN G 113 42.40 39.45 19.63
CA GLN G 113 43.57 40.30 19.84
C GLN G 113 44.36 39.99 21.11
N GLY G 114 43.75 39.38 22.13
CA GLY G 114 44.49 38.84 23.26
C GLY G 114 44.34 39.68 24.52
N THR G 115 44.93 39.15 25.59
CA THR G 115 44.93 39.78 26.91
C THR G 115 46.33 39.70 27.48
N THR G 116 46.83 40.83 27.99
CA THR G 116 48.19 40.91 28.51
C THR G 116 48.16 41.04 30.03
N VAL G 117 49.10 40.35 30.69
CA VAL G 117 49.20 40.35 32.14
C VAL G 117 50.66 40.61 32.51
N THR G 118 50.86 41.03 33.75
CA THR G 118 52.20 41.28 34.27
C THR G 118 52.36 40.59 35.61
N VAL G 119 53.47 39.86 35.77
CA VAL G 119 53.75 39.10 36.98
C VAL G 119 55.17 39.45 37.44
N SER G 120 55.31 39.80 38.71
CA SER G 120 56.60 40.14 39.27
C SER G 120 56.61 39.95 40.78
N GLU H 1 -28.38 41.04 -25.99
CA GLU H 1 -29.61 40.93 -26.76
C GLU H 1 -29.34 40.30 -28.12
N ILE H 2 -30.35 39.63 -28.67
CA ILE H 2 -30.21 38.90 -29.92
C ILE H 2 -31.49 39.11 -30.73
N VAL H 3 -31.34 39.43 -32.02
CA VAL H 3 -32.47 39.72 -32.90
C VAL H 3 -32.52 38.67 -34.01
N LEU H 4 -33.73 38.27 -34.38
CA LEU H 4 -33.95 37.22 -35.36
C LEU H 4 -35.03 37.63 -36.35
N THR H 5 -34.77 37.42 -37.64
CA THR H 5 -35.74 37.65 -38.69
C THR H 5 -35.89 36.38 -39.52
N GLN H 6 -37.12 36.00 -39.83
CA GLN H 6 -37.40 34.75 -40.51
C GLN H 6 -37.68 34.98 -41.99
N SER H 7 -38.09 33.91 -42.67
CA SER H 7 -38.46 33.99 -44.07
C SER H 7 -39.75 34.79 -44.22
N PRO H 8 -40.05 35.27 -45.45
CA PRO H 8 -41.27 36.07 -45.62
C PRO H 8 -42.51 35.32 -45.15
N VAL H 9 -43.42 36.06 -44.51
CA VAL H 9 -44.51 35.46 -43.77
C VAL H 9 -45.45 34.70 -44.69
N THR H 10 -45.78 35.28 -45.84
CA THR H 10 -46.72 34.68 -46.77
C THR H 10 -46.00 33.69 -47.67
N LEU H 11 -46.49 32.45 -47.68
CA LEU H 11 -45.94 31.42 -48.56
C LEU H 11 -47.05 30.41 -48.84
N SER H 12 -47.72 30.57 -49.98
CA SER H 12 -48.77 29.65 -50.40
C SER H 12 -48.16 28.43 -51.07
N LEU H 13 -48.81 27.29 -50.91
CA LEU H 13 -48.31 26.04 -51.49
C LEU H 13 -49.46 25.08 -51.66
N SER H 14 -49.23 24.05 -52.45
CA SER H 14 -50.20 22.98 -52.71
C SER H 14 -49.55 21.64 -52.42
N PRO H 15 -50.34 20.65 -51.99
CA PRO H 15 -49.76 19.35 -51.65
C PRO H 15 -49.08 18.68 -52.84
N GLY H 16 -47.98 18.00 -52.56
CA GLY H 16 -47.27 17.27 -53.60
C GLY H 16 -45.83 17.71 -53.79
N GLU H 17 -45.33 18.59 -52.93
CA GLU H 17 -43.96 19.09 -53.06
C GLU H 17 -43.43 19.42 -51.67
N ARG H 18 -42.29 20.10 -51.64
CA ARG H 18 -41.54 20.35 -50.41
C ARG H 18 -41.74 21.77 -49.92
N ALA H 19 -41.38 22.00 -48.66
CA ALA H 19 -41.38 23.32 -48.06
C ALA H 19 -40.17 23.45 -47.15
N THR H 20 -39.55 24.63 -47.15
CA THR H 20 -38.38 24.88 -46.32
C THR H 20 -38.50 26.27 -45.72
N LEU H 21 -38.05 26.41 -44.48
CA LEU H 21 -38.15 27.66 -43.75
C LEU H 21 -36.75 28.23 -43.53
N SER H 22 -36.70 29.40 -42.88
CA SER H 22 -35.43 30.07 -42.60
C SER H 22 -35.62 30.98 -41.40
N CYS H 23 -34.49 31.33 -40.77
CA CYS H 23 -34.51 32.13 -39.56
C CYS H 23 -33.10 32.66 -39.34
N ARG H 24 -32.97 33.99 -39.21
CA ARG H 24 -31.65 34.61 -39.16
C ARG H 24 -30.96 34.39 -37.82
N ALA H 25 -29.75 34.93 -37.66
CA ALA H 25 -28.95 34.63 -36.47
C ALA H 25 -28.45 35.86 -35.74
N SER H 26 -28.08 36.91 -36.47
CA SER H 26 -27.41 38.07 -35.90
C SER H 26 -26.11 37.64 -35.22
N GLN H 27 -25.90 38.07 -33.98
CA GLN H 27 -24.76 37.58 -33.22
C GLN H 27 -24.89 36.08 -32.98
N SER H 28 -23.75 35.40 -32.88
CA SER H 28 -23.74 33.95 -32.84
C SER H 28 -24.48 33.41 -31.63
N VAL H 29 -25.17 32.28 -31.84
CA VAL H 29 -25.97 31.65 -30.79
C VAL H 29 -25.55 30.19 -30.69
N SER H 30 -24.57 29.80 -31.52
CA SER H 30 -24.04 28.44 -31.54
C SER H 30 -25.13 27.41 -31.82
N ARG H 31 -25.44 26.57 -30.83
CA ARG H 31 -26.36 25.45 -31.00
C ARG H 31 -27.35 25.37 -29.84
N PHE H 32 -27.95 26.50 -29.49
CA PHE H 32 -28.88 26.59 -28.36
C PHE H 32 -30.22 27.18 -28.81
N LEU H 33 -30.77 26.64 -29.89
CA LEU H 33 -32.04 27.09 -30.45
C LEU H 33 -33.09 25.98 -30.36
N ALA H 34 -34.33 26.36 -30.66
CA ALA H 34 -35.46 25.44 -30.61
C ALA H 34 -36.47 25.80 -31.69
N TRP H 35 -37.26 24.81 -32.11
CA TRP H 35 -38.28 24.97 -33.12
C TRP H 35 -39.66 24.81 -32.49
N TYR H 36 -40.70 25.04 -33.29
CA TYR H 36 -42.08 24.94 -32.82
C TYR H 36 -43.06 24.80 -33.98
N GLN H 37 -44.34 24.60 -33.65
CA GLN H 37 -45.42 24.59 -34.63
C GLN H 37 -46.74 24.89 -33.92
N GLN H 38 -47.32 26.07 -34.17
CA GLN H 38 -48.53 26.50 -33.48
C GLN H 38 -49.71 26.47 -34.46
N LYS H 39 -50.71 25.66 -34.14
CA LYS H 39 -51.96 25.66 -34.87
C LYS H 39 -52.99 26.53 -34.17
N PRO H 40 -53.96 27.08 -34.91
CA PRO H 40 -54.89 28.04 -34.31
C PRO H 40 -55.70 27.47 -33.16
N GLY H 41 -55.50 28.00 -31.95
CA GLY H 41 -56.32 27.64 -30.81
C GLY H 41 -55.67 26.76 -29.77
N GLN H 42 -54.34 26.66 -29.76
CA GLN H 42 -53.65 25.87 -28.76
C GLN H 42 -52.18 26.28 -28.75
N ALA H 43 -51.46 25.74 -27.76
CA ALA H 43 -50.04 25.99 -27.55
C ALA H 43 -49.23 25.23 -28.60
N PRO H 44 -47.96 25.62 -28.86
CA PRO H 44 -47.20 24.92 -29.91
C PRO H 44 -46.70 23.56 -29.46
N ARG H 45 -45.94 22.90 -30.34
CA ARG H 45 -45.43 21.57 -30.05
C ARG H 45 -43.98 21.46 -30.53
N LEU H 46 -43.09 21.04 -29.64
CA LEU H 46 -41.67 20.97 -29.98
C LEU H 46 -41.45 19.97 -31.10
N LEU H 47 -41.14 20.46 -32.30
CA LEU H 47 -40.91 19.59 -33.45
C LEU H 47 -39.49 19.05 -33.44
N PHE H 48 -38.51 19.94 -33.53
CA PHE H 48 -37.10 19.59 -33.51
C PHE H 48 -36.39 20.44 -32.46
N TYR H 49 -35.30 19.90 -31.93
CA TYR H 49 -34.60 20.56 -30.83
C TYR H 49 -33.10 20.28 -30.99
N ASP H 50 -32.30 20.79 -30.05
CA ASP H 50 -30.85 20.92 -30.21
C ASP H 50 -30.49 21.64 -31.49
N ALA H 51 -31.42 22.45 -32.00
CA ALA H 51 -31.25 23.15 -33.27
C ALA H 51 -30.81 22.19 -34.38
N SER H 52 -31.36 20.99 -34.39
CA SER H 52 -30.98 19.94 -35.34
C SER H 52 -31.79 18.67 -35.15
N THR H 53 -31.61 17.98 -34.02
CA THR H 53 -32.21 16.66 -33.82
C THR H 53 -33.71 16.73 -33.59
N ARG H 54 -34.35 15.57 -33.45
CA ARG H 54 -35.80 15.48 -33.33
C ARG H 54 -36.15 14.74 -32.04
N ALA H 55 -37.43 14.76 -31.70
CA ALA H 55 -37.91 14.17 -30.45
C ALA H 55 -38.97 13.11 -30.79
N THR H 56 -39.60 12.57 -29.74
CA THR H 56 -40.58 11.50 -29.88
C THR H 56 -41.96 12.08 -30.20
N GLY H 57 -42.74 11.32 -30.97
CA GLY H 57 -44.06 11.73 -31.36
C GLY H 57 -44.13 12.59 -32.61
N ILE H 58 -43.00 13.12 -33.07
CA ILE H 58 -42.96 13.92 -34.28
C ILE H 58 -42.78 12.98 -35.47
N PRO H 59 -43.64 13.04 -36.48
CA PRO H 59 -43.50 12.12 -37.61
C PRO H 59 -42.19 12.31 -38.35
N ALA H 60 -41.73 11.24 -38.98
CA ALA H 60 -40.47 11.28 -39.73
C ALA H 60 -40.56 12.17 -40.96
N ARG H 61 -41.77 12.61 -41.32
CA ARG H 61 -41.95 13.45 -42.49
C ARG H 61 -41.21 14.78 -42.35
N PHE H 62 -41.08 15.29 -41.13
CA PHE H 62 -40.42 16.57 -40.90
C PHE H 62 -38.92 16.39 -40.71
N SER H 63 -38.16 17.39 -41.15
CA SER H 63 -36.71 17.37 -40.99
C SER H 63 -36.16 18.79 -40.88
N GLY H 64 -34.85 18.94 -41.04
CA GLY H 64 -34.22 20.25 -40.95
C GLY H 64 -32.88 20.21 -40.22
N THR H 65 -31.86 20.83 -40.80
CA THR H 65 -30.51 20.82 -40.24
C THR H 65 -29.95 22.24 -40.28
N GLY H 66 -28.68 22.37 -39.95
CA GLY H 66 -28.01 23.66 -39.91
C GLY H 66 -27.98 24.26 -38.52
N SER H 67 -26.76 24.50 -38.03
CA SER H 67 -26.58 25.03 -36.69
C SER H 67 -25.82 26.36 -36.68
N GLY H 68 -24.69 26.41 -37.38
CA GLY H 68 -23.81 27.56 -37.34
C GLY H 68 -24.45 28.89 -37.67
N THR H 69 -24.84 29.07 -38.93
CA THR H 69 -25.56 30.27 -39.34
C THR H 69 -26.72 29.97 -40.27
N ASP H 70 -26.94 28.71 -40.63
CA ASP H 70 -28.06 28.30 -41.46
C ASP H 70 -29.10 27.61 -40.60
N PHE H 71 -30.37 27.86 -40.92
CA PHE H 71 -31.49 27.26 -40.19
C PHE H 71 -32.57 26.89 -41.18
N THR H 72 -32.94 25.61 -41.18
CA THR H 72 -33.85 25.08 -42.20
C THR H 72 -34.83 24.12 -41.54
N LEU H 73 -35.91 23.81 -42.25
CA LEU H 73 -36.88 22.79 -41.85
C LEU H 73 -37.53 22.22 -43.10
N THR H 74 -37.09 21.04 -43.53
CA THR H 74 -37.49 20.49 -44.82
C THR H 74 -38.45 19.32 -44.64
N ILE H 75 -39.51 19.32 -45.44
CA ILE H 75 -40.48 18.25 -45.44
C ILE H 75 -40.27 17.41 -46.70
N SER H 76 -40.54 16.10 -46.59
CA SER H 76 -40.37 15.20 -47.72
C SER H 76 -41.56 15.30 -48.66
N GLY H 77 -42.76 15.02 -48.16
CA GLY H 77 -43.97 15.11 -48.96
C GLY H 77 -45.08 15.83 -48.24
N LEU H 78 -45.60 16.89 -48.85
CA LEU H 78 -46.63 17.71 -48.21
C LEU H 78 -47.88 16.89 -47.89
N GLU H 79 -48.28 16.88 -46.63
CA GLU H 79 -49.46 16.19 -46.15
C GLU H 79 -50.54 17.19 -45.78
N PRO H 80 -51.82 16.77 -45.81
CA PRO H 80 -52.91 17.72 -45.54
C PRO H 80 -52.95 18.26 -44.11
N GLU H 81 -52.12 17.75 -43.20
CA GLU H 81 -52.11 18.20 -41.82
C GLU H 81 -50.97 19.16 -41.51
N ASP H 82 -50.17 19.55 -42.51
CA ASP H 82 -49.03 20.43 -42.30
C ASP H 82 -49.43 21.87 -42.67
N PHE H 83 -50.25 22.47 -41.81
CA PHE H 83 -50.76 23.82 -42.04
C PHE H 83 -50.88 24.54 -40.70
N ALA H 84 -49.92 25.43 -40.42
CA ALA H 84 -49.88 26.17 -39.17
C ALA H 84 -48.88 27.32 -39.28
N VAL H 85 -48.57 27.96 -38.16
CA VAL H 85 -47.55 29.01 -38.10
C VAL H 85 -46.40 28.49 -37.22
N TYR H 86 -45.17 28.68 -37.69
CA TYR H 86 -43.99 28.14 -37.05
C TYR H 86 -43.04 29.26 -36.65
N TYR H 87 -42.30 29.05 -35.56
CA TYR H 87 -41.54 30.14 -34.96
C TYR H 87 -40.10 29.74 -34.64
N CYS H 88 -39.33 30.66 -34.06
CA CYS H 88 -37.90 30.50 -33.83
C CYS H 88 -37.57 30.95 -32.41
N GLN H 89 -36.57 30.34 -31.79
CA GLN H 89 -36.24 30.67 -30.41
C GLN H 89 -34.76 30.44 -30.15
N GLN H 90 -34.26 31.09 -29.09
CA GLN H 90 -32.88 30.97 -28.65
C GLN H 90 -32.81 31.16 -27.14
N ARG H 91 -31.61 30.97 -26.59
CA ARG H 91 -31.34 31.13 -25.17
C ARG H 91 -29.88 31.52 -24.97
N SER H 92 -29.63 32.44 -24.03
CA SER H 92 -28.30 33.00 -23.85
C SER H 92 -27.93 33.06 -22.38
N ASN H 93 -26.61 33.07 -22.13
CA ASN H 93 -26.00 33.18 -20.81
C ASN H 93 -26.41 32.04 -19.87
N TRP H 94 -25.81 31.99 -18.68
CA TRP H 94 -26.23 30.99 -17.70
C TRP H 94 -27.56 31.42 -17.08
N PRO H 95 -27.66 32.61 -16.46
CA PRO H 95 -28.97 33.05 -15.98
C PRO H 95 -29.92 33.22 -17.16
N PRO H 96 -31.00 32.45 -17.18
CA PRO H 96 -31.78 32.28 -18.42
C PRO H 96 -32.22 33.60 -19.04
N GLU H 97 -31.80 33.83 -20.28
CA GLU H 97 -32.28 34.92 -21.11
C GLU H 97 -32.81 34.35 -22.41
N TYR H 98 -33.92 34.91 -22.88
CA TYR H 98 -34.60 34.38 -24.06
C TYR H 98 -34.99 35.51 -24.99
N SER H 99 -35.47 35.13 -26.18
CA SER H 99 -35.97 36.05 -27.18
C SER H 99 -36.61 35.23 -28.29
N PHE H 100 -37.70 35.76 -28.85
CA PHE H 100 -38.44 35.06 -29.88
C PHE H 100 -38.41 35.83 -31.19
N GLY H 101 -38.87 35.18 -32.25
CA GLY H 101 -38.95 35.77 -33.56
C GLY H 101 -40.29 36.43 -33.82
N GLN H 102 -40.68 36.46 -35.10
CA GLN H 102 -41.95 37.04 -35.52
C GLN H 102 -42.94 36.02 -36.05
N GLY H 103 -42.46 34.99 -36.74
CA GLY H 103 -43.34 33.93 -37.21
C GLY H 103 -43.49 33.89 -38.72
N THR H 104 -43.86 32.72 -39.23
CA THR H 104 -44.07 32.52 -40.66
C THR H 104 -45.34 31.69 -40.87
N LYS H 105 -46.01 31.92 -42.00
CA LYS H 105 -47.27 31.27 -42.30
C LYS H 105 -47.14 30.47 -43.59
N LEU H 106 -47.57 29.22 -43.56
CA LEU H 106 -47.73 28.38 -44.74
C LEU H 106 -49.21 28.11 -44.93
N GLU H 107 -49.75 28.47 -46.09
CA GLU H 107 -51.19 28.44 -46.32
C GLU H 107 -51.49 27.73 -47.62
N ILE H 108 -52.68 27.11 -47.68
CA ILE H 108 -53.08 26.35 -48.85
C ILE H 108 -53.46 27.29 -49.99
N LYS H 109 -53.41 26.76 -51.21
CA LYS H 109 -53.82 27.52 -52.39
C LYS H 109 -55.17 27.02 -52.90
N GLU I 1 -26.37 -48.51 11.94
CA GLU I 1 -25.20 -49.24 12.40
C GLU I 1 -24.66 -50.15 11.30
N ILE I 2 -23.48 -50.72 11.53
CA ILE I 2 -22.84 -51.61 10.57
C ILE I 2 -22.43 -52.89 11.30
N VAL I 3 -22.75 -54.03 10.69
CA VAL I 3 -22.38 -55.33 11.25
C VAL I 3 -21.25 -55.91 10.41
N LEU I 4 -20.36 -56.63 11.08
CA LEU I 4 -19.18 -57.21 10.45
C LEU I 4 -19.10 -58.70 10.76
N THR I 5 -18.58 -59.47 9.81
CA THR I 5 -18.34 -60.89 9.97
C THR I 5 -16.88 -61.18 9.67
N GLN I 6 -16.27 -62.03 10.47
CA GLN I 6 -14.85 -62.33 10.35
C GLN I 6 -14.63 -63.72 9.75
N SER I 7 -13.36 -64.07 9.60
CA SER I 7 -13.00 -65.38 9.09
C SER I 7 -13.33 -66.46 10.11
N PRO I 8 -13.41 -67.72 9.68
CA PRO I 8 -13.71 -68.82 10.61
C PRO I 8 -12.92 -68.72 11.90
N VAL I 9 -13.62 -68.95 13.01
CA VAL I 9 -13.03 -68.74 14.34
C VAL I 9 -11.87 -69.71 14.57
N THR I 10 -12.03 -70.95 14.16
CA THR I 10 -11.02 -71.98 14.38
C THR I 10 -10.04 -72.00 13.21
N LEU I 11 -8.75 -71.86 13.52
CA LEU I 11 -7.70 -71.94 12.50
C LEU I 11 -6.40 -72.26 13.22
N SER I 12 -5.84 -73.44 12.94
CA SER I 12 -4.64 -73.91 13.61
C SER I 12 -3.51 -74.05 12.60
N LEU I 13 -2.28 -73.81 13.06
CA LEU I 13 -1.10 -73.91 12.23
C LEU I 13 0.11 -74.17 13.12
N SER I 14 1.27 -74.30 12.48
CA SER I 14 2.54 -74.55 13.16
C SER I 14 3.55 -73.50 12.73
N PRO I 15 4.55 -73.22 13.56
CA PRO I 15 5.54 -72.19 13.21
C PRO I 15 6.28 -72.53 11.93
N GLY I 16 6.59 -71.49 11.15
CA GLY I 16 7.28 -71.64 9.89
C GLY I 16 6.46 -71.30 8.66
N GLU I 17 5.33 -70.62 8.81
CA GLU I 17 4.44 -70.34 7.69
C GLU I 17 3.93 -68.91 7.84
N ARG I 18 2.86 -68.59 7.11
CA ARG I 18 2.21 -67.29 7.19
C ARG I 18 0.75 -67.47 7.58
N ALA I 19 0.23 -66.52 8.35
CA ALA I 19 -1.15 -66.52 8.80
C ALA I 19 -1.85 -65.26 8.31
N THR I 20 -3.03 -65.42 7.72
CA THR I 20 -3.80 -64.31 7.19
C THR I 20 -5.19 -64.31 7.80
N LEU I 21 -5.79 -63.12 7.87
CA LEU I 21 -7.10 -62.92 8.48
C LEU I 21 -8.03 -62.22 7.50
N SER I 22 -9.28 -62.03 7.91
CA SER I 22 -10.27 -61.39 7.06
C SER I 22 -11.37 -60.79 7.93
N CYS I 23 -11.79 -59.57 7.57
CA CYS I 23 -12.88 -58.89 8.26
C CYS I 23 -13.76 -58.25 7.19
N ARG I 24 -15.05 -58.58 7.21
CA ARG I 24 -15.95 -58.19 6.12
C ARG I 24 -16.50 -56.78 6.36
N ALA I 25 -17.47 -56.39 5.54
CA ALA I 25 -18.12 -55.08 5.65
C ALA I 25 -19.56 -55.22 5.19
N SER I 26 -20.42 -54.31 5.65
CA SER I 26 -21.84 -54.39 5.33
C SER I 26 -22.32 -53.24 4.45
N GLN I 27 -22.21 -51.99 4.90
CA GLN I 27 -22.64 -50.89 4.06
C GLN I 27 -21.46 -50.15 3.43
N SER I 28 -20.64 -49.51 4.27
CA SER I 28 -19.41 -48.86 3.85
C SER I 28 -18.65 -48.37 5.09
N VAL I 29 -17.34 -48.60 5.13
CA VAL I 29 -16.52 -48.11 6.23
C VAL I 29 -15.39 -47.22 5.75
N SER I 30 -15.11 -47.18 4.45
CA SER I 30 -13.99 -46.42 3.89
C SER I 30 -12.67 -46.83 4.55
N ARG I 31 -12.11 -45.96 5.36
CA ARG I 31 -10.80 -46.20 5.99
C ARG I 31 -10.82 -45.78 7.45
N PHE I 32 -11.85 -46.17 8.19
CA PHE I 32 -11.98 -45.81 9.59
C PHE I 32 -12.02 -47.04 10.49
N LEU I 33 -11.10 -47.98 10.29
CA LEU I 33 -11.05 -49.23 11.04
C LEU I 33 -9.81 -49.29 11.92
N ALA I 34 -9.80 -50.27 12.82
CA ALA I 34 -8.71 -50.48 13.75
C ALA I 34 -8.51 -51.98 13.97
N TRP I 35 -7.44 -52.33 14.67
CA TRP I 35 -7.11 -53.72 14.94
C TRP I 35 -6.73 -53.89 16.41
N TYR I 36 -6.96 -55.09 16.94
CA TYR I 36 -6.58 -55.44 18.30
C TYR I 36 -6.28 -56.92 18.37
N GLN I 37 -5.46 -57.29 19.35
CA GLN I 37 -5.27 -58.68 19.75
C GLN I 37 -5.35 -58.77 21.25
N GLN I 38 -5.87 -59.88 21.75
CA GLN I 38 -6.12 -60.05 23.18
C GLN I 38 -5.58 -61.40 23.65
N LYS I 39 -4.36 -61.39 24.20
CA LYS I 39 -3.87 -62.56 24.90
C LYS I 39 -4.68 -62.77 26.18
N PRO I 40 -4.85 -64.02 26.61
CA PRO I 40 -5.77 -64.29 27.72
C PRO I 40 -5.28 -63.67 29.02
N GLY I 41 -6.16 -62.91 29.68
CA GLY I 41 -5.90 -62.38 31.00
C GLY I 41 -5.40 -60.97 31.08
N GLN I 42 -5.43 -60.21 29.98
CA GLN I 42 -4.94 -58.83 30.01
C GLN I 42 -5.74 -58.00 29.01
N ALA I 43 -5.49 -56.70 29.01
CA ALA I 43 -6.20 -55.77 28.15
C ALA I 43 -5.77 -55.97 26.70
N PRO I 44 -6.61 -55.54 25.73
CA PRO I 44 -6.25 -55.71 24.33
C PRO I 44 -5.04 -54.88 23.92
N ARG I 45 -4.53 -55.12 22.71
CA ARG I 45 -3.38 -54.38 22.20
C ARG I 45 -3.75 -53.70 20.90
N LEU I 46 -2.78 -53.06 20.24
CA LEU I 46 -3.05 -52.29 19.02
C LEU I 46 -2.03 -52.67 17.96
N LEU I 47 -2.46 -53.48 16.99
CA LEU I 47 -1.68 -53.80 15.81
C LEU I 47 -1.80 -52.66 14.80
N PHE I 48 -1.44 -52.93 13.54
CA PHE I 48 -1.58 -51.98 12.44
C PHE I 48 -2.90 -51.22 12.52
N TYR I 49 -2.81 -49.89 12.56
CA TYR I 49 -3.99 -49.04 12.69
C TYR I 49 -4.27 -48.33 11.36
N ASP I 50 -5.26 -47.44 11.38
CA ASP I 50 -5.68 -46.63 10.23
C ASP I 50 -6.10 -47.57 9.08
N ALA I 51 -6.52 -48.78 9.43
CA ALA I 51 -6.96 -49.80 8.47
C ALA I 51 -5.90 -50.06 7.40
N SER I 52 -4.63 -49.90 7.78
CA SER I 52 -3.51 -50.09 6.87
C SER I 52 -2.16 -49.89 7.55
N THR I 53 -1.84 -48.66 7.92
CA THR I 53 -0.51 -48.32 8.41
C THR I 53 -0.25 -48.98 9.77
N ARG I 54 0.96 -48.76 10.28
CA ARG I 54 1.43 -49.39 11.50
C ARG I 54 1.86 -48.35 12.52
N ALA I 55 1.99 -48.79 13.76
CA ALA I 55 2.36 -47.92 14.87
C ALA I 55 3.69 -48.38 15.48
N THR I 56 4.19 -47.58 16.40
CA THR I 56 5.46 -47.88 17.06
C THR I 56 5.30 -49.00 18.07
N GLY I 57 6.34 -49.81 18.21
CA GLY I 57 6.37 -50.92 19.14
C GLY I 57 6.02 -52.27 18.53
N ILE I 58 5.11 -52.27 17.56
CA ILE I 58 4.72 -53.54 16.93
C ILE I 58 5.88 -54.05 16.08
N PRO I 59 6.30 -55.30 16.24
CA PRO I 59 7.42 -55.81 15.44
C PRO I 59 7.06 -55.92 13.97
N ALA I 60 8.10 -55.90 13.13
CA ALA I 60 7.91 -55.94 11.69
C ALA I 60 7.34 -57.27 11.20
N ARG I 61 7.31 -58.30 12.04
CA ARG I 61 6.75 -59.59 11.63
C ARG I 61 5.29 -59.46 11.27
N PHE I 62 4.53 -58.72 12.06
CA PHE I 62 3.12 -58.47 11.73
C PHE I 62 3.01 -57.53 10.54
N SER I 63 2.02 -57.77 9.69
CA SER I 63 1.80 -56.95 8.51
C SER I 63 0.38 -57.15 8.04
N GLY I 64 -0.05 -56.29 7.11
CA GLY I 64 -1.38 -56.39 6.56
C GLY I 64 -1.77 -55.21 5.69
N THR I 65 -2.66 -55.46 4.72
CA THR I 65 -3.18 -54.42 3.85
C THR I 65 -4.70 -54.43 3.88
N GLY I 66 -5.35 -53.68 2.99
CA GLY I 66 -6.80 -53.66 2.99
C GLY I 66 -7.43 -52.40 2.41
N SER I 67 -8.29 -51.76 3.21
CA SER I 67 -9.15 -50.67 2.78
C SER I 67 -10.13 -51.17 1.73
N GLY I 68 -10.69 -50.26 0.94
CA GLY I 68 -11.69 -50.64 -0.05
C GLY I 68 -12.87 -51.39 0.54
N THR I 69 -12.98 -52.68 0.22
CA THR I 69 -14.01 -53.53 0.80
C THR I 69 -13.49 -54.84 1.36
N ASP I 70 -12.21 -55.17 1.15
CA ASP I 70 -11.59 -56.38 1.67
C ASP I 70 -10.47 -56.00 2.63
N PHE I 71 -10.44 -56.63 3.79
CA PHE I 71 -9.44 -56.36 4.81
C PHE I 71 -8.67 -57.64 5.12
N THR I 72 -7.36 -57.52 5.30
CA THR I 72 -6.49 -58.67 5.52
C THR I 72 -5.43 -58.32 6.55
N LEU I 73 -4.71 -59.35 6.99
CA LEU I 73 -3.60 -59.19 7.93
C LEU I 73 -2.55 -60.25 7.58
N THR I 74 -1.57 -59.87 6.77
CA THR I 74 -0.57 -60.81 6.26
C THR I 74 0.56 -60.98 7.27
N ILE I 75 0.25 -61.71 8.34
CA ILE I 75 1.24 -62.04 9.35
C ILE I 75 2.07 -63.21 8.85
N SER I 76 3.36 -62.96 8.61
CA SER I 76 4.26 -63.94 8.03
C SER I 76 5.36 -64.29 9.01
N GLY I 77 5.95 -65.47 8.82
CA GLY I 77 7.01 -65.93 9.69
C GLY I 77 6.53 -66.20 11.09
N LEU I 78 5.69 -67.23 11.26
CA LEU I 78 5.12 -67.54 12.56
C LEU I 78 6.18 -67.74 13.62
N GLU I 79 6.11 -66.95 14.67
CA GLU I 79 6.97 -66.98 15.84
C GLU I 79 6.27 -67.67 16.99
N PRO I 80 7.00 -68.10 18.02
CA PRO I 80 6.35 -68.83 19.13
C PRO I 80 5.65 -67.91 20.13
N GLU I 81 5.37 -66.67 19.73
CA GLU I 81 4.67 -65.73 20.60
C GLU I 81 3.32 -65.28 20.06
N ASP I 82 2.91 -65.75 18.88
CA ASP I 82 1.70 -65.25 18.23
C ASP I 82 0.53 -66.21 18.48
N PHE I 83 0.07 -66.21 19.73
CA PHE I 83 -1.13 -66.95 20.12
C PHE I 83 -2.04 -66.04 20.92
N ALA I 84 -3.14 -65.61 20.32
CA ALA I 84 -4.12 -64.72 20.96
C ALA I 84 -5.37 -64.72 20.09
N VAL I 85 -6.31 -63.83 20.40
CA VAL I 85 -7.54 -63.66 19.66
C VAL I 85 -7.58 -62.23 19.12
N TYR I 86 -7.88 -62.09 17.83
CA TYR I 86 -7.84 -60.80 17.13
C TYR I 86 -9.26 -60.40 16.72
N TYR I 87 -9.54 -59.10 16.82
CA TYR I 87 -10.90 -58.58 16.64
C TYR I 87 -10.88 -57.41 15.68
N CYS I 88 -12.07 -56.88 15.37
CA CYS I 88 -12.27 -55.84 14.36
C CYS I 88 -13.06 -54.69 14.95
N GLN I 89 -12.91 -53.50 14.38
CA GLN I 89 -13.60 -52.32 14.88
C GLN I 89 -13.80 -51.30 13.76
N GLN I 90 -14.87 -50.52 13.86
CA GLN I 90 -15.18 -49.46 12.89
C GLN I 90 -15.81 -48.28 13.62
N ARG I 91 -15.81 -47.13 12.96
CA ARG I 91 -16.29 -45.87 13.53
C ARG I 91 -17.21 -45.16 12.55
N SER I 92 -18.01 -44.24 13.07
CA SER I 92 -19.08 -43.58 12.33
C SER I 92 -18.84 -42.08 12.24
N ASN I 93 -19.88 -41.35 11.82
CA ASN I 93 -19.84 -39.93 11.51
C ASN I 93 -19.81 -39.08 12.78
N TRP I 94 -20.13 -37.78 12.66
CA TRP I 94 -20.11 -36.87 13.80
C TRP I 94 -21.12 -37.38 14.83
N PRO I 95 -21.27 -36.78 16.01
CA PRO I 95 -20.89 -37.50 17.24
C PRO I 95 -21.08 -38.99 17.09
N PRO I 96 -20.02 -39.76 17.24
CA PRO I 96 -19.93 -41.07 16.59
C PRO I 96 -20.50 -42.21 17.41
N GLU I 97 -20.80 -43.29 16.70
CA GLU I 97 -21.19 -44.56 17.28
C GLU I 97 -20.26 -45.64 16.75
N TYR I 98 -19.94 -46.61 17.61
CA TYR I 98 -19.00 -47.67 17.27
C TYR I 98 -19.71 -49.00 17.19
N SER I 99 -19.00 -50.00 16.65
CA SER I 99 -19.51 -51.35 16.51
C SER I 99 -18.38 -52.34 16.34
N PHE I 100 -18.26 -53.29 17.26
CA PHE I 100 -17.17 -54.25 17.26
C PHE I 100 -17.55 -55.51 16.49
N GLY I 101 -16.54 -56.35 16.25
CA GLY I 101 -16.72 -57.61 15.55
C GLY I 101 -17.02 -58.76 16.50
N GLN I 102 -16.57 -59.95 16.12
CA GLN I 102 -16.81 -61.15 16.91
C GLN I 102 -15.54 -61.88 17.33
N GLY I 103 -14.44 -61.72 16.61
CA GLY I 103 -13.17 -62.30 17.02
C GLY I 103 -12.82 -63.54 16.21
N THR I 104 -11.51 -63.77 16.10
CA THR I 104 -10.97 -64.94 15.41
C THR I 104 -9.78 -65.48 16.16
N LYS I 105 -9.71 -66.81 16.27
CA LYS I 105 -8.69 -67.48 17.07
C LYS I 105 -7.71 -68.22 16.17
N LEU I 106 -6.42 -67.96 16.36
CA LEU I 106 -5.35 -68.74 15.75
C LEU I 106 -4.65 -69.53 16.85
N GLU I 107 -4.70 -70.85 16.75
CA GLU I 107 -4.21 -71.74 17.79
C GLU I 107 -3.07 -72.61 17.26
N ILE I 108 -2.51 -73.41 18.16
CA ILE I 108 -1.39 -74.28 17.83
C ILE I 108 -1.91 -75.67 17.49
N LYS I 109 -1.13 -76.40 16.70
CA LYS I 109 -1.48 -77.76 16.32
C LYS I 109 -0.67 -78.77 17.13
N GLU J 1 48.92 11.85 24.85
CA GLU J 1 49.24 13.11 24.19
C GLU J 1 50.11 12.88 22.96
N ILE J 2 50.33 13.93 22.17
CA ILE J 2 51.11 13.86 20.95
C ILE J 2 52.11 15.02 20.96
N VAL J 3 53.37 14.72 20.67
CA VAL J 3 54.43 15.71 20.64
C VAL J 3 54.91 15.86 19.20
N LEU J 4 55.24 17.09 18.82
CA LEU J 4 55.68 17.41 17.47
C LEU J 4 57.00 18.16 17.52
N THR J 5 57.85 17.88 16.53
CA THR J 5 59.11 18.60 16.35
C THR J 5 59.18 19.13 14.93
N GLN J 6 59.67 20.36 14.78
CA GLN J 6 59.66 21.06 13.52
C GLN J 6 61.07 21.17 12.94
N SER J 7 61.13 21.65 11.70
CA SER J 7 62.39 21.97 11.08
C SER J 7 63.01 23.18 11.77
N PRO J 8 64.30 23.43 11.58
CA PRO J 8 65.03 24.23 12.57
C PRO J 8 64.71 25.72 12.60
N VAL J 9 64.92 26.30 13.79
CA VAL J 9 64.37 27.61 14.11
C VAL J 9 64.99 28.69 13.22
N THR J 10 66.29 28.62 12.99
CA THR J 10 66.99 29.62 12.19
C THR J 10 67.05 29.16 10.74
N LEU J 11 66.58 30.00 9.83
CA LEU J 11 66.67 29.72 8.39
C LEU J 11 66.69 31.05 7.66
N SER J 12 67.88 31.51 7.30
CA SER J 12 68.02 32.75 6.55
C SER J 12 67.40 32.58 5.16
N LEU J 13 66.82 33.67 4.65
CA LEU J 13 66.10 33.62 3.39
C LEU J 13 66.25 34.95 2.68
N SER J 14 66.38 34.91 1.36
CA SER J 14 66.45 36.09 0.52
C SER J 14 65.48 35.98 -0.63
N PRO J 15 64.93 37.10 -1.11
CA PRO J 15 63.98 37.04 -2.22
C PRO J 15 64.61 36.44 -3.47
N GLY J 16 63.79 35.69 -4.21
CA GLY J 16 64.24 35.03 -5.42
C GLY J 16 64.24 33.52 -5.32
N GLU J 17 64.72 33.01 -4.18
CA GLU J 17 64.73 31.58 -3.91
C GLU J 17 63.38 31.17 -3.33
N ARG J 18 63.29 29.95 -2.79
CA ARG J 18 62.05 29.42 -2.25
C ARG J 18 62.34 28.66 -0.96
N ALA J 19 61.46 28.81 0.03
CA ALA J 19 61.60 28.18 1.33
C ALA J 19 60.43 27.23 1.60
N THR J 20 60.70 26.20 2.40
CA THR J 20 59.71 25.18 2.71
C THR J 20 59.90 24.75 4.16
N LEU J 21 58.79 24.51 4.85
CA LEU J 21 58.77 24.17 6.27
C LEU J 21 58.37 22.70 6.44
N SER J 22 58.40 22.23 7.69
CA SER J 22 57.99 20.87 8.02
C SER J 22 57.94 20.71 9.54
N CYS J 23 57.00 19.87 9.99
CA CYS J 23 56.92 19.46 11.38
C CYS J 23 56.44 18.02 11.43
N ARG J 24 57.03 17.22 12.32
CA ARG J 24 56.91 15.77 12.30
C ARG J 24 56.08 15.27 13.48
N ALA J 25 55.26 14.24 13.22
CA ALA J 25 54.39 13.64 14.21
C ALA J 25 55.12 12.60 15.05
N SER J 26 54.46 12.12 16.11
CA SER J 26 55.07 11.14 17.00
C SER J 26 54.37 9.79 16.95
N GLN J 27 53.09 9.71 17.30
CA GLN J 27 52.40 8.42 17.23
C GLN J 27 51.58 8.29 15.94
N SER J 28 50.54 9.10 15.82
CA SER J 28 49.70 9.14 14.62
C SER J 28 48.72 10.29 14.67
N VAL J 29 48.64 11.08 13.60
CA VAL J 29 47.59 12.07 13.41
C VAL J 29 47.06 11.87 11.99
N SER J 30 45.79 11.53 11.87
CA SER J 30 45.25 11.16 10.56
C SER J 30 45.29 12.32 9.57
N ARG J 31 44.46 13.34 9.77
CA ARG J 31 44.46 14.52 8.92
C ARG J 31 44.14 15.78 9.73
N PHE J 32 44.51 15.79 11.01
CA PHE J 32 44.18 16.91 11.90
C PHE J 32 45.43 17.72 12.15
N LEU J 33 45.69 18.69 11.27
CA LEU J 33 46.84 19.57 11.44
C LEU J 33 46.54 20.90 10.76
N ALA J 34 46.55 21.98 11.53
CA ALA J 34 46.28 23.33 11.06
C ALA J 34 47.57 24.14 11.03
N TRP J 35 47.48 25.36 10.51
CA TRP J 35 48.63 26.21 10.33
C TRP J 35 48.33 27.61 10.84
N TYR J 36 49.38 28.31 11.25
CA TYR J 36 49.28 29.71 11.64
C TYR J 36 50.55 30.44 11.22
N GLN J 37 50.42 31.74 11.01
CA GLN J 37 51.55 32.63 10.74
C GLN J 37 51.41 33.84 11.67
N GLN J 38 52.39 34.03 12.55
CA GLN J 38 52.33 35.09 13.56
C GLN J 38 53.40 36.13 13.28
N LYS J 39 53.00 37.23 12.64
CA LYS J 39 53.88 38.37 12.53
C LYS J 39 54.04 39.04 13.89
N PRO J 40 55.21 39.64 14.16
CA PRO J 40 55.47 40.16 15.51
C PRO J 40 54.57 41.34 15.84
N GLY J 41 53.84 41.22 16.95
CA GLY J 41 53.03 42.32 17.43
C GLY J 41 51.54 42.04 17.49
N GLN J 42 51.01 41.31 16.51
CA GLN J 42 49.58 41.10 16.39
C GLN J 42 49.22 39.66 16.80
N ALA J 43 47.94 39.35 16.72
CA ALA J 43 47.40 38.05 17.10
C ALA J 43 47.74 37.00 16.05
N PRO J 44 47.67 35.71 16.40
CA PRO J 44 47.92 34.68 15.40
C PRO J 44 46.91 34.73 14.27
N ARG J 45 47.37 34.38 13.07
CA ARG J 45 46.55 34.46 11.87
C ARG J 45 46.44 33.07 11.25
N LEU J 46 45.34 32.84 10.54
CA LEU J 46 45.06 31.55 9.93
C LEU J 46 45.83 31.41 8.62
N LEU J 47 45.96 30.18 8.16
CA LEU J 47 46.64 29.82 6.92
C LEU J 47 45.94 28.58 6.38
N PHE J 48 46.61 27.86 5.48
CA PHE J 48 46.15 26.55 5.03
C PHE J 48 45.72 25.70 6.22
N TYR J 49 44.65 24.94 6.04
CA TYR J 49 44.13 24.08 7.10
C TYR J 49 43.90 22.68 6.53
N ASP J 50 43.62 21.73 7.43
CA ASP J 50 43.45 20.32 7.11
C ASP J 50 44.73 19.72 6.52
N ALA J 51 45.84 20.45 6.63
CA ALA J 51 47.17 20.06 6.18
C ALA J 51 47.29 20.07 4.66
N SER J 52 46.16 20.23 3.96
CA SER J 52 46.18 20.35 2.50
C SER J 52 45.23 21.40 1.94
N THR J 53 44.17 21.78 2.65
CA THR J 53 43.11 22.57 2.05
C THR J 53 43.42 24.06 2.11
N ARG J 54 42.86 24.79 1.15
CA ARG J 54 43.00 26.24 1.08
C ARG J 54 41.90 26.90 1.91
N ALA J 55 41.93 28.24 1.94
CA ALA J 55 40.90 29.00 2.64
C ALA J 55 40.83 30.38 2.03
N THR J 56 39.72 31.07 2.29
CA THR J 56 39.51 32.40 1.73
C THR J 56 40.46 33.42 2.36
N GLY J 57 40.84 34.40 1.56
CA GLY J 57 41.73 35.46 2.01
C GLY J 57 43.21 35.25 1.74
N ILE J 58 43.72 34.07 2.05
CA ILE J 58 45.14 33.78 1.80
C ILE J 58 45.39 33.78 0.30
N PRO J 59 46.43 34.46 -0.19
CA PRO J 59 46.70 34.46 -1.63
C PRO J 59 47.18 33.11 -2.12
N ALA J 60 47.17 32.95 -3.44
CA ALA J 60 47.60 31.72 -4.07
C ALA J 60 49.11 31.53 -3.99
N ARG J 61 49.86 32.53 -3.53
CA ARG J 61 51.32 32.41 -3.46
C ARG J 61 51.74 31.27 -2.54
N PHE J 62 51.09 31.15 -1.39
CA PHE J 62 51.44 30.11 -0.43
C PHE J 62 50.74 28.80 -0.78
N SER J 63 51.41 27.69 -0.51
CA SER J 63 50.89 26.37 -0.80
C SER J 63 51.55 25.36 0.13
N GLY J 64 51.32 24.09 -0.12
CA GLY J 64 51.89 23.01 0.67
C GLY J 64 51.02 21.78 0.63
N THR J 65 51.66 20.63 0.74
CA THR J 65 51.00 19.33 0.75
C THR J 65 51.29 18.62 2.08
N GLY J 66 50.89 17.36 2.17
CA GLY J 66 51.01 16.62 3.40
C GLY J 66 50.07 15.44 3.51
N SER J 67 49.32 15.38 4.60
CA SER J 67 48.36 14.31 4.87
C SER J 67 49.07 12.95 4.95
N GLY J 68 49.94 12.84 5.96
CA GLY J 68 50.69 11.62 6.16
C GLY J 68 51.76 11.83 7.22
N THR J 69 52.79 10.98 7.16
CA THR J 69 53.91 11.12 8.08
C THR J 69 54.65 12.43 7.84
N ASP J 70 54.81 12.83 6.58
CA ASP J 70 55.54 14.04 6.22
C ASP J 70 54.56 15.17 5.96
N PHE J 71 54.83 16.32 6.58
CA PHE J 71 54.04 17.53 6.40
C PHE J 71 54.92 18.61 5.80
N THR J 72 54.38 19.37 4.85
CA THR J 72 55.16 20.34 4.10
C THR J 72 54.34 21.60 3.86
N LEU J 73 55.04 22.67 3.48
CA LEU J 73 54.42 23.94 3.13
C LEU J 73 55.38 24.66 2.19
N THR J 74 55.04 24.73 0.90
CA THR J 74 55.96 25.15 -0.14
C THR J 74 55.54 26.50 -0.71
N ILE J 75 56.47 27.45 -0.73
CA ILE J 75 56.23 28.74 -1.38
C ILE J 75 56.60 28.64 -2.86
N SER J 76 56.11 29.60 -3.64
CA SER J 76 56.39 29.66 -5.07
C SER J 76 57.29 30.84 -5.42
N GLY J 77 56.90 32.06 -5.06
CA GLY J 77 57.70 33.23 -5.32
C GLY J 77 57.76 34.14 -4.11
N LEU J 78 58.97 34.45 -3.64
CA LEU J 78 59.12 35.24 -2.42
C LEU J 78 58.55 36.64 -2.59
N GLU J 79 57.99 37.15 -1.51
CA GLU J 79 57.39 38.47 -1.41
C GLU J 79 57.91 39.16 -0.17
N PRO J 80 57.95 40.50 -0.16
CA PRO J 80 58.48 41.22 1.01
C PRO J 80 57.51 41.23 2.19
N GLU J 81 56.49 40.38 2.17
CA GLU J 81 55.52 40.28 3.25
C GLU J 81 55.46 38.87 3.85
N ASP J 82 56.55 38.10 3.73
CA ASP J 82 56.57 36.70 4.14
C ASP J 82 57.58 36.46 5.25
N PHE J 83 57.61 37.34 6.26
CA PHE J 83 58.52 37.18 7.40
C PHE J 83 57.71 37.12 8.68
N ALA J 84 57.65 35.94 9.29
CA ALA J 84 56.94 35.68 10.54
C ALA J 84 57.35 34.31 11.03
N VAL J 85 56.67 33.83 12.08
CA VAL J 85 56.88 32.49 12.63
C VAL J 85 55.63 31.66 12.36
N TYR J 86 55.83 30.37 12.07
CA TYR J 86 54.77 29.46 11.66
C TYR J 86 54.78 28.20 12.52
N TYR J 87 53.60 27.66 12.83
CA TYR J 87 53.48 26.64 13.86
C TYR J 87 52.67 25.42 13.40
N CYS J 88 52.39 24.50 14.32
CA CYS J 88 51.62 23.28 14.03
C CYS J 88 50.61 23.05 15.16
N GLN J 89 49.56 22.28 14.84
CA GLN J 89 48.52 21.96 15.81
C GLN J 89 47.85 20.64 15.41
N GLN J 90 47.24 19.98 16.39
CA GLN J 90 46.47 18.76 16.17
C GLN J 90 45.37 18.63 17.21
N ARG J 91 44.42 17.74 16.95
CA ARG J 91 43.26 17.55 17.81
C ARG J 91 43.05 16.06 18.10
N SER J 92 42.58 15.78 19.31
CA SER J 92 42.43 14.41 19.81
C SER J 92 41.02 13.89 19.56
N ASN J 93 40.65 12.81 20.25
CA ASN J 93 39.38 12.11 20.07
C ASN J 93 38.24 12.94 20.68
N TRP J 94 37.06 12.30 20.81
CA TRP J 94 35.85 13.05 21.13
C TRP J 94 35.98 13.89 22.39
N PRO J 95 36.55 13.41 23.49
CA PRO J 95 37.02 14.35 24.52
C PRO J 95 38.23 15.10 24.01
N PRO J 96 38.06 16.37 23.61
CA PRO J 96 39.07 17.00 22.77
C PRO J 96 40.21 17.63 23.55
N GLU J 97 41.42 17.10 23.36
CA GLU J 97 42.63 17.67 23.95
C GLU J 97 43.61 18.01 22.84
N TYR J 98 44.32 19.12 23.01
CA TYR J 98 45.19 19.68 21.99
C TYR J 98 46.64 19.61 22.43
N SER J 99 47.52 20.13 21.58
CA SER J 99 48.94 20.31 21.86
C SER J 99 49.54 21.11 20.71
N PHE J 100 50.55 21.92 21.04
CA PHE J 100 51.18 22.79 20.08
C PHE J 100 52.66 22.46 19.94
N GLY J 101 53.24 22.89 18.83
CA GLY J 101 54.66 22.72 18.60
C GLY J 101 55.48 23.80 19.27
N GLN J 102 56.76 23.83 18.92
CA GLN J 102 57.68 24.82 19.47
C GLN J 102 57.88 26.02 18.56
N GLY J 103 57.51 25.93 17.30
CA GLY J 103 57.58 27.08 16.42
C GLY J 103 58.87 27.15 15.63
N THR J 104 58.78 27.80 14.47
CA THR J 104 59.93 27.96 13.58
C THR J 104 60.03 29.41 13.16
N LYS J 105 61.24 29.94 13.15
CA LYS J 105 61.50 31.33 12.80
C LYS J 105 62.05 31.44 11.39
N LEU J 106 61.93 32.63 10.82
CA LEU J 106 62.45 32.94 9.50
C LEU J 106 62.90 34.40 9.47
N GLU J 107 64.08 34.64 8.92
CA GLU J 107 64.63 35.99 8.90
C GLU J 107 65.31 36.23 7.56
N ILE J 108 65.43 37.51 7.20
CA ILE J 108 66.03 37.88 5.92
C ILE J 108 67.51 37.54 5.95
N LYS J 109 67.98 36.91 4.88
CA LYS J 109 69.39 36.60 4.72
C LYS J 109 70.19 37.90 4.63
N VAL K 2 -45.26 15.41 -15.56
CA VAL K 2 -45.74 16.61 -14.90
C VAL K 2 -46.72 17.36 -15.81
N GLN K 3 -47.96 17.49 -15.36
CA GLN K 3 -48.99 18.18 -16.11
C GLN K 3 -49.15 19.61 -15.60
N LEU K 4 -49.41 20.53 -16.52
CA LEU K 4 -49.48 21.95 -16.19
C LEU K 4 -50.88 22.48 -16.47
N VAL K 5 -51.44 23.19 -15.49
CA VAL K 5 -52.72 23.87 -15.64
C VAL K 5 -52.59 25.25 -14.99
N GLN K 6 -53.24 26.25 -15.59
CA GLN K 6 -53.10 27.63 -15.15
C GLN K 6 -54.33 28.05 -14.36
N SER K 7 -54.42 29.35 -14.05
CA SER K 7 -55.45 29.85 -13.15
C SER K 7 -56.81 29.90 -13.84
N GLY K 8 -56.94 30.72 -14.88
CA GLY K 8 -58.22 30.91 -15.52
C GLY K 8 -58.31 32.16 -16.36
N ALA K 9 -59.36 32.96 -16.15
CA ALA K 9 -59.55 34.18 -16.92
C ALA K 9 -60.17 35.25 -16.02
N GLU K 10 -59.85 36.50 -16.34
CA GLU K 10 -60.40 37.64 -15.60
C GLU K 10 -60.25 38.89 -16.45
N VAL K 11 -61.14 39.86 -16.23
CA VAL K 11 -61.15 41.13 -16.95
C VAL K 11 -61.10 42.25 -15.93
N LYS K 12 -60.09 43.12 -16.07
CA LYS K 12 -59.93 44.26 -15.18
C LYS K 12 -59.55 45.49 -16.00
N LYS K 13 -59.61 46.65 -15.35
CA LYS K 13 -59.30 47.90 -16.02
C LYS K 13 -57.81 47.93 -16.41
N PRO K 14 -57.47 48.63 -17.49
CA PRO K 14 -56.07 48.65 -17.94
C PRO K 14 -55.18 49.45 -16.99
N GLY K 15 -53.89 49.10 -17.01
CA GLY K 15 -52.92 49.69 -16.13
C GLY K 15 -52.74 48.98 -14.80
N SER K 16 -53.59 48.01 -14.49
CA SER K 16 -53.52 47.27 -13.23
C SER K 16 -52.68 46.02 -13.43
N SER K 17 -52.70 45.12 -12.45
CA SER K 17 -51.90 43.91 -12.46
C SER K 17 -52.78 42.67 -12.37
N VAL K 18 -52.31 41.58 -12.96
CA VAL K 18 -53.00 40.30 -12.93
C VAL K 18 -52.01 39.23 -12.49
N LYS K 19 -52.44 38.37 -11.57
CA LYS K 19 -51.59 37.29 -11.04
C LYS K 19 -51.96 35.99 -11.75
N VAL K 20 -51.17 35.62 -12.74
CA VAL K 20 -51.37 34.38 -13.48
C VAL K 20 -50.47 33.31 -12.90
N SER K 21 -51.04 32.14 -12.62
CA SER K 21 -50.33 31.05 -11.98
C SER K 21 -49.94 29.99 -13.01
N CYS K 22 -49.01 29.13 -12.61
CA CYS K 22 -48.43 28.09 -13.46
C CYS K 22 -48.37 26.77 -12.69
N LYS K 23 -49.49 26.40 -12.07
CA LYS K 23 -49.53 25.24 -11.19
C LYS K 23 -49.17 23.95 -11.92
N ALA K 24 -48.38 23.11 -11.26
CA ALA K 24 -47.99 21.81 -11.78
C ALA K 24 -47.90 20.83 -10.63
N SER K 25 -47.69 19.56 -10.98
CA SER K 25 -47.57 18.50 -9.98
C SER K 25 -46.98 17.26 -10.63
N GLY K 26 -46.22 16.50 -9.86
CA GLY K 26 -45.71 15.23 -10.33
C GLY K 26 -44.20 15.11 -10.44
N GLY K 27 -43.47 15.79 -9.55
CA GLY K 27 -42.03 15.66 -9.55
C GLY K 27 -41.39 16.66 -8.61
N THR K 28 -40.06 16.70 -8.66
CA THR K 28 -39.28 17.63 -7.85
C THR K 28 -39.26 18.98 -8.55
N PHE K 29 -40.05 19.92 -8.04
CA PHE K 29 -40.21 21.22 -8.67
C PHE K 29 -39.05 22.16 -8.37
N SER K 30 -38.25 21.87 -7.35
CA SER K 30 -37.26 22.82 -6.85
C SER K 30 -36.03 22.98 -7.73
N ILE K 31 -35.85 22.15 -8.77
CA ILE K 31 -34.66 22.25 -9.59
C ILE K 31 -35.03 22.40 -11.06
N TYR K 32 -36.18 23.01 -11.34
CA TYR K 32 -36.68 23.14 -12.70
C TYR K 32 -36.77 24.60 -13.11
N THR K 33 -36.57 24.85 -14.40
CA THR K 33 -36.56 26.20 -14.97
C THR K 33 -37.91 26.51 -15.58
N PHE K 34 -38.53 27.61 -15.16
CA PHE K 34 -39.81 28.05 -15.67
C PHE K 34 -39.70 29.45 -16.26
N THR K 35 -40.40 29.65 -17.38
CA THR K 35 -40.39 30.94 -18.07
C THR K 35 -41.82 31.44 -18.27
N TRP K 36 -41.97 32.54 -19.01
CA TRP K 36 -43.27 33.08 -19.36
C TRP K 36 -43.25 33.54 -20.80
N VAL K 37 -44.30 33.21 -21.55
CA VAL K 37 -44.45 33.59 -22.95
C VAL K 37 -45.79 34.28 -23.10
N ARG K 38 -45.80 35.45 -23.75
CA ARG K 38 -47.01 36.24 -23.89
C ARG K 38 -47.39 36.37 -25.36
N GLN K 39 -48.68 36.64 -25.57
CA GLN K 39 -49.21 36.85 -26.92
C GLN K 39 -50.31 37.89 -26.81
N ALA K 40 -49.98 39.15 -27.04
CA ALA K 40 -50.94 40.24 -26.93
C ALA K 40 -51.73 40.41 -28.22
N GLY K 44 -46.31 37.77 -32.88
CA GLY K 44 -45.63 36.51 -32.67
C GLY K 44 -45.53 36.12 -31.20
N LEU K 45 -44.37 35.60 -30.80
CA LEU K 45 -44.13 35.19 -29.43
C LEU K 45 -43.22 36.19 -28.73
N GLU K 46 -43.38 36.28 -27.42
CA GLU K 46 -42.59 37.21 -26.61
C GLU K 46 -42.15 36.51 -25.33
N TRP K 47 -41.27 37.18 -24.58
CA TRP K 47 -40.63 36.58 -23.42
C TRP K 47 -40.53 37.60 -22.29
N MET K 48 -40.54 37.09 -21.06
CA MET K 48 -40.37 37.91 -19.87
C MET K 48 -39.27 37.41 -18.94
N GLY K 49 -39.13 36.10 -18.79
CA GLY K 49 -38.23 35.51 -17.83
C GLY K 49 -38.97 34.84 -16.68
N GLY K 50 -38.20 34.13 -15.87
CA GLY K 50 -38.78 33.37 -14.77
C GLY K 50 -37.90 33.25 -13.55
N ILE K 51 -37.82 32.06 -12.97
CA ILE K 51 -37.06 31.85 -11.74
C ILE K 51 -36.69 30.38 -11.58
N LEU K 52 -35.43 30.12 -11.24
CA LEU K 52 -35.05 28.83 -10.70
C LEU K 52 -35.35 28.83 -9.20
N PRO K 53 -36.25 27.99 -8.71
CA PRO K 53 -36.76 28.16 -7.33
C PRO K 53 -35.72 27.91 -6.25
N ILE K 54 -34.62 27.22 -6.55
CA ILE K 54 -33.64 26.91 -5.52
C ILE K 54 -32.70 28.08 -5.24
N SER K 55 -32.66 29.09 -6.12
CA SER K 55 -31.77 30.22 -5.95
C SER K 55 -32.45 31.44 -5.36
N GLY K 56 -33.70 31.70 -5.73
CA GLY K 56 -34.41 32.86 -5.22
C GLY K 56 -34.01 34.16 -5.88
N SER K 57 -34.22 34.27 -7.18
CA SER K 57 -33.88 35.46 -7.94
C SER K 57 -34.74 35.48 -9.20
N ALA K 58 -34.37 36.33 -10.15
CA ALA K 58 -35.06 36.37 -11.44
C ALA K 58 -34.14 37.02 -12.46
N LYS K 59 -34.39 36.70 -13.73
CA LYS K 59 -33.67 37.28 -14.86
C LYS K 59 -34.72 37.91 -15.79
N TYR K 60 -35.03 39.18 -15.52
CA TYR K 60 -36.08 39.86 -16.26
C TYR K 60 -35.63 40.19 -17.68
N ALA K 61 -36.61 40.43 -18.55
CA ALA K 61 -36.33 40.64 -19.96
C ALA K 61 -35.81 42.05 -20.20
N GLN K 62 -34.73 42.16 -20.98
CA GLN K 62 -34.11 43.46 -21.24
C GLN K 62 -35.04 44.39 -22.03
N LYS K 63 -36.06 43.85 -22.69
CA LYS K 63 -37.02 44.71 -23.38
C LYS K 63 -37.77 45.60 -22.40
N PHE K 64 -38.18 45.05 -21.27
CA PHE K 64 -38.93 45.78 -20.24
C PHE K 64 -38.37 45.47 -18.86
N LEU K 65 -37.05 45.64 -18.71
CA LEU K 65 -36.29 45.18 -17.55
C LEU K 65 -36.87 45.58 -16.19
N GLY K 66 -37.80 46.53 -16.18
CA GLY K 66 -38.44 46.89 -14.93
C GLY K 66 -39.92 46.60 -14.89
N ARG K 67 -40.41 45.81 -15.84
CA ARG K 67 -41.85 45.60 -15.97
C ARG K 67 -42.37 44.51 -15.02
N VAL K 68 -41.90 43.28 -15.20
CA VAL K 68 -42.53 42.12 -14.59
C VAL K 68 -41.89 41.84 -13.24
N THR K 69 -42.60 41.06 -12.43
CA THR K 69 -42.09 40.54 -11.16
C THR K 69 -42.45 39.06 -11.08
N ILE K 70 -41.44 38.22 -10.87
CA ILE K 70 -41.59 36.77 -10.88
C ILE K 70 -41.14 36.22 -9.53
N THR K 71 -41.95 35.32 -8.97
CA THR K 71 -41.61 34.64 -7.73
C THR K 71 -42.13 33.20 -7.77
N ALA K 72 -41.55 32.36 -6.94
CA ALA K 72 -41.90 30.94 -6.89
C ALA K 72 -41.91 30.44 -5.46
N ASP K 73 -42.84 29.55 -5.14
CA ASP K 73 -42.95 28.92 -3.84
C ASP K 73 -42.69 27.43 -4.00
N GLU K 74 -41.75 26.90 -3.22
CA GLU K 74 -41.29 25.52 -3.39
C GLU K 74 -41.96 24.55 -2.43
N SER K 75 -43.16 24.89 -1.94
CA SER K 75 -43.94 23.97 -1.12
C SER K 75 -45.29 23.63 -1.75
N THR K 76 -45.65 24.27 -2.87
CA THR K 76 -46.93 24.01 -3.51
C THR K 76 -46.85 23.88 -5.02
N SER K 77 -45.67 24.03 -5.63
CA SER K 77 -45.48 23.89 -7.08
C SER K 77 -46.33 24.91 -7.84
N THR K 78 -46.05 26.19 -7.60
CA THR K 78 -46.79 27.27 -8.23
C THR K 78 -45.87 28.46 -8.42
N VAL K 79 -45.96 29.08 -9.60
CA VAL K 79 -45.17 30.27 -9.94
C VAL K 79 -46.11 31.42 -10.22
N TYR K 80 -45.73 32.60 -9.73
CA TYR K 80 -46.55 33.80 -9.83
C TYR K 80 -45.96 34.75 -10.86
N MET K 81 -46.72 35.80 -11.17
CA MET K 81 -46.26 36.87 -12.04
C MET K 81 -47.06 38.12 -11.74
N GLU K 82 -46.39 39.26 -11.70
CA GLU K 82 -47.02 40.55 -11.37
C GLU K 82 -46.80 41.50 -12.53
N LEU K 83 -47.87 41.77 -13.30
CA LEU K 83 -47.79 42.66 -14.46
C LEU K 83 -48.36 44.02 -14.07
N SER K 84 -47.54 44.81 -13.40
CA SER K 84 -47.94 46.15 -12.97
C SER K 84 -47.31 47.22 -13.86
N SER K 88 -50.95 50.55 -22.18
CA SER K 88 -51.77 49.53 -21.53
C SER K 88 -52.68 48.84 -22.53
N GLU K 89 -52.08 48.20 -23.54
CA GLU K 89 -52.82 47.49 -24.56
C GLU K 89 -52.88 45.99 -24.31
N ASP K 90 -52.44 45.52 -23.14
CA ASP K 90 -52.47 44.09 -22.84
C ASP K 90 -53.90 43.59 -22.72
N THR K 91 -54.38 42.90 -23.74
CA THR K 91 -55.76 42.45 -23.81
C THR K 91 -55.83 41.04 -24.39
N ALA K 92 -54.92 40.16 -23.98
CA ALA K 92 -54.84 38.86 -24.63
C ALA K 92 -54.17 37.85 -23.67
N ILE K 93 -53.72 36.72 -24.24
CA ILE K 93 -53.41 35.54 -23.45
C ILE K 93 -51.96 35.53 -22.99
N TYR K 94 -51.67 34.68 -22.00
CA TYR K 94 -50.34 34.50 -21.43
C TYR K 94 -50.15 33.02 -21.14
N TYR K 95 -49.09 32.43 -21.70
CA TYR K 95 -48.83 31.00 -21.56
C TYR K 95 -47.81 30.73 -20.46
N CYS K 96 -47.37 29.47 -20.36
CA CYS K 96 -46.31 29.04 -19.46
C CYS K 96 -45.61 27.84 -20.08
N ALA K 97 -44.40 27.56 -19.61
CA ALA K 97 -43.58 26.54 -20.25
C ALA K 97 -42.58 25.97 -19.24
N ARG K 98 -41.76 25.03 -19.71
CA ARG K 98 -40.76 24.37 -18.88
C ARG K 98 -39.71 23.70 -19.77
N ASP K 99 -38.43 23.97 -19.50
CA ASP K 99 -37.38 23.20 -20.15
C ASP K 99 -36.53 22.49 -19.11
N PRO K 100 -36.13 21.25 -19.37
CA PRO K 100 -35.38 20.49 -18.37
C PRO K 100 -33.88 20.72 -18.48
N TYR K 101 -33.16 20.24 -17.47
CA TYR K 101 -31.70 20.28 -17.40
C TYR K 101 -31.18 21.70 -17.27
N SER K 102 -29.95 21.84 -16.79
CA SER K 102 -29.36 23.14 -16.48
C SER K 102 -28.22 23.53 -17.40
N ASN K 103 -27.21 22.67 -17.53
CA ASN K 103 -26.02 23.03 -18.28
C ASN K 103 -26.20 22.96 -19.80
N TYR K 104 -27.30 22.37 -20.28
CA TYR K 104 -27.56 22.29 -21.70
C TYR K 104 -29.03 22.57 -21.96
N PHE K 105 -29.32 23.03 -23.18
CA PHE K 105 -30.67 23.42 -23.58
C PHE K 105 -31.19 22.42 -24.59
N TYR K 106 -32.37 21.86 -24.31
CA TYR K 106 -33.06 20.97 -25.23
C TYR K 106 -34.28 21.63 -25.84
N GLY K 107 -35.19 22.13 -25.01
CA GLY K 107 -36.36 22.80 -25.49
C GLY K 107 -37.48 22.73 -24.49
N LEU K 108 -38.40 23.69 -24.58
CA LEU K 108 -39.53 23.71 -23.66
C LEU K 108 -40.52 22.62 -24.04
N ASP K 109 -40.31 21.41 -23.49
CA ASP K 109 -41.10 20.26 -23.90
C ASP K 109 -42.54 20.36 -23.40
N VAL K 110 -42.72 20.68 -22.12
CA VAL K 110 -44.04 20.69 -21.49
C VAL K 110 -44.59 22.10 -21.60
N TRP K 111 -45.66 22.26 -22.38
CA TRP K 111 -46.32 23.53 -22.57
C TRP K 111 -47.69 23.52 -21.88
N GLY K 112 -48.21 24.71 -21.62
CA GLY K 112 -49.47 24.87 -20.94
C GLY K 112 -50.66 24.82 -21.87
N GLN K 113 -51.76 25.43 -21.41
CA GLN K 113 -53.00 25.48 -22.17
C GLN K 113 -53.46 26.89 -22.48
N GLY K 114 -53.25 27.84 -21.58
CA GLY K 114 -53.52 29.24 -21.84
C GLY K 114 -54.24 29.93 -20.70
N THR K 115 -54.19 31.26 -20.72
CA THR K 115 -54.89 32.09 -19.75
C THR K 115 -55.13 33.45 -20.39
N THR K 116 -56.39 33.84 -20.52
CA THR K 116 -56.77 35.07 -21.21
C THR K 116 -57.16 36.14 -20.20
N VAL K 117 -56.63 37.35 -20.39
CA VAL K 117 -56.98 38.50 -19.57
C VAL K 117 -57.21 39.68 -20.49
N THR K 118 -58.37 40.33 -20.34
CA THR K 118 -58.74 41.43 -21.21
C THR K 118 -59.01 42.70 -20.41
N VAL L 2 -0.60 -40.17 29.42
CA VAL L 2 -1.81 -40.38 30.19
C VAL L 2 -1.97 -41.85 30.55
N GLN L 3 -2.25 -42.12 31.82
CA GLN L 3 -2.42 -43.47 32.33
C GLN L 3 -3.87 -43.66 32.77
N LEU L 4 -4.38 -44.88 32.58
CA LEU L 4 -5.76 -45.21 32.92
C LEU L 4 -5.77 -46.23 34.06
N VAL L 5 -6.51 -45.91 35.12
CA VAL L 5 -6.80 -46.85 36.20
C VAL L 5 -8.29 -46.76 36.49
N GLN L 6 -8.87 -47.87 36.90
CA GLN L 6 -10.31 -47.97 37.07
C GLN L 6 -10.67 -48.27 38.52
N SER L 7 -11.97 -48.44 38.78
CA SER L 7 -12.47 -48.55 40.15
C SER L 7 -11.93 -49.80 40.84
N GLY L 8 -12.29 -50.98 40.34
CA GLY L 8 -11.95 -52.21 41.03
C GLY L 8 -12.95 -53.33 40.78
N ALA L 9 -13.48 -53.92 41.85
CA ALA L 9 -14.43 -55.01 41.72
C ALA L 9 -15.55 -54.84 42.74
N GLU L 10 -16.74 -55.31 42.37
CA GLU L 10 -17.91 -55.27 43.24
C GLU L 10 -18.91 -56.31 42.78
N VAL L 11 -19.80 -56.69 43.70
CA VAL L 11 -20.80 -57.73 43.45
C VAL L 11 -22.17 -57.18 43.85
N LYS L 12 -23.16 -57.33 42.97
CA LYS L 12 -24.51 -56.86 43.24
C LYS L 12 -25.52 -57.77 42.56
N LYS L 13 -26.71 -57.84 43.15
CA LYS L 13 -27.75 -58.76 42.69
C LYS L 13 -28.34 -58.28 41.36
N PRO L 14 -28.98 -59.18 40.61
CA PRO L 14 -29.45 -58.83 39.26
C PRO L 14 -30.45 -57.68 39.25
N GLY L 15 -30.34 -56.84 38.22
CA GLY L 15 -31.24 -55.73 38.00
C GLY L 15 -30.70 -54.39 38.47
N SER L 16 -29.70 -54.39 39.33
CA SER L 16 -29.15 -53.16 39.88
C SER L 16 -28.19 -52.53 38.87
N SER L 17 -27.51 -51.45 39.29
CA SER L 17 -26.62 -50.69 38.43
C SER L 17 -25.21 -50.70 39.00
N VAL L 18 -24.26 -50.21 38.20
CA VAL L 18 -22.87 -50.10 38.59
C VAL L 18 -22.35 -48.73 38.18
N LYS L 19 -21.24 -48.32 38.79
CA LYS L 19 -20.68 -46.97 38.64
C LYS L 19 -19.19 -47.04 38.37
N VAL L 20 -18.79 -47.85 37.38
CA VAL L 20 -17.39 -47.97 37.04
C VAL L 20 -16.83 -46.63 36.59
N SER L 21 -15.60 -46.32 37.01
CA SER L 21 -14.94 -45.07 36.71
C SER L 21 -13.71 -45.31 35.85
N CYS L 22 -13.18 -44.22 35.30
CA CYS L 22 -12.05 -44.25 34.36
C CYS L 22 -11.04 -43.18 34.73
N LYS L 23 -10.64 -43.15 36.00
CA LYS L 23 -9.72 -42.13 36.50
C LYS L 23 -8.43 -42.09 35.69
N ALA L 24 -7.96 -40.88 35.41
CA ALA L 24 -6.79 -40.67 34.58
C ALA L 24 -6.15 -39.34 34.92
N SER L 25 -4.97 -39.11 34.35
CA SER L 25 -4.23 -37.87 34.53
C SER L 25 -3.13 -37.82 33.49
N GLY L 26 -2.67 -36.61 33.16
CA GLY L 26 -1.56 -36.46 32.24
C GLY L 26 -1.62 -35.32 31.26
N GLY L 27 -2.68 -34.52 31.28
CA GLY L 27 -2.74 -33.38 30.38
C GLY L 27 -4.17 -32.87 30.23
N THR L 28 -4.37 -32.12 29.15
CA THR L 28 -5.68 -31.53 28.86
C THR L 28 -6.71 -32.61 28.57
N PHE L 29 -7.62 -32.82 29.51
CA PHE L 29 -8.59 -33.90 29.47
C PHE L 29 -9.90 -33.52 28.80
N SER L 30 -10.07 -32.23 28.45
CA SER L 30 -11.34 -31.73 27.95
C SER L 30 -11.49 -31.82 26.44
N ILE L 31 -10.49 -32.31 25.71
CA ILE L 31 -10.57 -32.34 24.26
C ILE L 31 -10.28 -33.75 23.74
N TYR L 32 -10.62 -34.77 24.53
CA TYR L 32 -10.32 -36.15 24.18
C TYR L 32 -11.60 -36.99 24.13
N THR L 33 -11.53 -38.08 23.39
CA THR L 33 -12.67 -38.96 23.15
C THR L 33 -12.55 -40.19 24.05
N PHE L 34 -13.61 -40.47 24.81
CA PHE L 34 -13.65 -41.59 25.75
C PHE L 34 -14.88 -42.44 25.50
N THR L 35 -14.70 -43.76 25.58
CA THR L 35 -15.79 -44.69 25.35
C THR L 35 -15.70 -45.90 26.27
N TRP L 36 -16.61 -46.84 26.12
CA TRP L 36 -16.67 -48.02 26.99
C TRP L 36 -16.82 -49.27 26.15
N VAL L 37 -16.18 -50.36 26.59
CA VAL L 37 -16.21 -51.64 25.91
C VAL L 37 -16.56 -52.72 26.92
N ARG L 38 -17.48 -53.61 26.55
CA ARG L 38 -17.96 -54.67 27.42
C ARG L 38 -17.46 -56.02 26.92
N GLN L 39 -17.02 -56.87 27.85
CA GLN L 39 -16.39 -58.15 27.54
C GLN L 39 -16.99 -59.26 28.39
N ALA L 40 -18.32 -59.37 28.37
CA ALA L 40 -18.96 -60.52 28.99
C ALA L 40 -18.43 -61.80 28.36
N PRO L 41 -18.27 -62.88 29.14
CA PRO L 41 -17.59 -64.09 28.66
C PRO L 41 -17.98 -64.53 27.25
N GLY L 42 -19.26 -64.81 27.04
CA GLY L 42 -19.73 -65.21 25.72
C GLY L 42 -20.24 -64.06 24.88
N HIS L 43 -19.47 -62.97 24.80
CA HIS L 43 -19.93 -61.79 24.07
C HIS L 43 -18.85 -61.13 23.23
N GLY L 44 -17.63 -61.68 23.20
CA GLY L 44 -16.57 -61.11 22.39
C GLY L 44 -16.24 -59.67 22.77
N LEU L 45 -16.37 -58.76 21.82
CA LEU L 45 -16.17 -57.34 22.06
C LEU L 45 -17.45 -56.58 21.71
N GLU L 46 -17.85 -55.68 22.60
CA GLU L 46 -19.06 -54.89 22.42
C GLU L 46 -18.76 -53.42 22.66
N TRP L 47 -19.81 -52.60 22.60
CA TRP L 47 -19.65 -51.15 22.68
C TRP L 47 -20.91 -50.53 23.29
N MET L 48 -20.71 -49.44 24.01
CA MET L 48 -21.82 -48.76 24.68
C MET L 48 -21.89 -47.26 24.45
N GLY L 49 -20.77 -46.58 24.17
CA GLY L 49 -20.78 -45.14 23.96
C GLY L 49 -19.92 -44.41 24.98
N GLY L 50 -19.90 -43.09 24.84
CA GLY L 50 -19.10 -42.25 25.71
C GLY L 50 -19.51 -40.79 25.69
N ILE L 51 -18.55 -39.88 25.87
CA ILE L 51 -18.84 -38.46 25.93
C ILE L 51 -17.60 -37.63 25.63
N LEU L 52 -17.75 -36.63 24.76
CA LEU L 52 -16.76 -35.57 24.66
C LEU L 52 -17.03 -34.54 25.75
N PRO L 53 -16.05 -34.21 26.60
CA PRO L 53 -16.37 -33.47 27.83
C PRO L 53 -16.77 -32.03 27.60
N ILE L 54 -16.31 -31.39 26.52
CA ILE L 54 -16.66 -30.00 26.28
C ILE L 54 -18.13 -29.87 25.89
N SER L 55 -18.59 -30.74 24.98
CA SER L 55 -19.93 -30.59 24.43
C SER L 55 -21.00 -30.80 25.50
N GLY L 56 -20.88 -31.87 26.28
CA GLY L 56 -21.85 -32.15 27.32
C GLY L 56 -23.05 -32.94 26.84
N SER L 57 -22.80 -34.07 26.20
CA SER L 57 -23.85 -34.94 25.70
C SER L 57 -23.30 -36.36 25.62
N ALA L 58 -24.04 -37.24 24.94
CA ALA L 58 -23.57 -38.61 24.76
C ALA L 58 -24.27 -39.20 23.54
N LYS L 59 -23.52 -40.01 22.78
CA LYS L 59 -24.07 -40.75 21.65
C LYS L 59 -24.20 -42.21 22.05
N TYR L 60 -25.36 -42.53 22.61
CA TYR L 60 -25.58 -43.86 23.17
C TYR L 60 -25.72 -44.90 22.05
N ALA L 61 -25.61 -46.17 22.45
CA ALA L 61 -25.58 -47.26 21.50
C ALA L 61 -26.97 -47.50 20.91
N GLN L 62 -26.99 -48.23 19.79
CA GLN L 62 -28.23 -48.61 19.13
C GLN L 62 -28.59 -50.08 19.31
N LYS L 63 -27.66 -50.90 19.81
CA LYS L 63 -28.00 -52.28 20.15
C LYS L 63 -28.83 -52.32 21.44
N PHE L 64 -28.27 -51.81 22.53
CA PHE L 64 -29.04 -51.53 23.73
C PHE L 64 -29.43 -50.05 23.72
N LEU L 65 -30.34 -49.72 22.81
CA LEU L 65 -30.72 -48.33 22.59
C LEU L 65 -31.32 -47.73 23.86
N GLY L 66 -30.85 -46.53 24.21
CA GLY L 66 -31.35 -45.85 25.40
C GLY L 66 -31.18 -46.62 26.69
N ARG L 67 -30.17 -47.48 26.77
CA ARG L 67 -29.98 -48.33 27.94
C ARG L 67 -29.16 -47.65 29.03
N VAL L 68 -27.94 -47.27 28.70
CA VAL L 68 -26.99 -46.81 29.71
C VAL L 68 -26.96 -45.28 29.74
N THR L 69 -26.40 -44.74 30.82
CA THR L 69 -26.22 -43.31 30.99
C THR L 69 -24.75 -43.01 31.19
N ILE L 70 -24.21 -42.08 30.42
CA ILE L 70 -22.79 -41.75 30.42
C ILE L 70 -22.64 -40.27 30.74
N THR L 71 -21.77 -39.95 31.71
CA THR L 71 -21.47 -38.58 32.08
C THR L 71 -19.99 -38.45 32.39
N ALA L 72 -19.52 -37.21 32.38
CA ALA L 72 -18.09 -36.93 32.61
C ALA L 72 -17.94 -35.60 33.32
N ASP L 73 -16.93 -35.53 34.19
CA ASP L 73 -16.58 -34.31 34.90
C ASP L 73 -15.19 -33.87 34.49
N GLU L 74 -15.05 -32.60 34.10
CA GLU L 74 -13.81 -32.09 33.53
C GLU L 74 -12.91 -31.41 34.53
N SER L 75 -13.29 -31.39 35.81
CA SER L 75 -12.45 -30.79 36.84
C SER L 75 -11.58 -31.80 37.58
N THR L 76 -11.75 -33.09 37.32
CA THR L 76 -10.99 -34.12 38.01
C THR L 76 -10.50 -35.24 37.11
N SER L 77 -10.75 -35.17 35.80
CA SER L 77 -10.31 -36.19 34.84
C SER L 77 -10.86 -37.56 35.20
N THR L 78 -12.19 -37.67 35.17
CA THR L 78 -12.86 -38.92 35.49
C THR L 78 -14.16 -39.02 34.71
N VAL L 79 -14.36 -40.15 34.03
CA VAL L 79 -15.58 -40.41 33.30
C VAL L 79 -16.43 -41.37 34.12
N TYR L 80 -17.73 -41.41 33.82
CA TYR L 80 -18.67 -42.26 34.54
C TYR L 80 -19.45 -43.10 33.54
N MET L 81 -20.27 -44.00 34.08
CA MET L 81 -21.21 -44.80 33.28
C MET L 81 -22.22 -45.42 34.24
N GLU L 82 -23.49 -45.38 33.84
CA GLU L 82 -24.59 -45.92 34.64
C GLU L 82 -25.31 -46.98 33.81
N LEU L 83 -25.26 -48.23 34.28
CA LEU L 83 -25.88 -49.35 33.59
C LEU L 83 -26.98 -49.91 34.47
N SER L 84 -28.18 -49.35 34.33
CA SER L 84 -29.34 -49.79 35.09
C SER L 84 -30.36 -50.47 34.19
N GLU L 89 -26.76 -62.56 32.92
CA GLU L 89 -26.43 -61.97 31.63
C GLU L 89 -25.60 -60.70 31.81
N ASP L 90 -25.72 -60.07 32.97
CA ASP L 90 -24.98 -58.84 33.25
C ASP L 90 -23.62 -59.09 33.88
N THR L 91 -23.29 -60.33 34.22
CA THR L 91 -22.00 -60.65 34.80
C THR L 91 -20.90 -60.47 33.75
N ALA L 92 -20.16 -59.37 33.86
CA ALA L 92 -19.19 -59.02 32.81
C ALA L 92 -18.10 -58.15 33.40
N ILE L 93 -16.98 -58.10 32.69
CA ILE L 93 -15.91 -57.16 32.98
C ILE L 93 -16.00 -56.03 31.97
N TYR L 94 -15.65 -54.83 32.40
CA TYR L 94 -15.85 -53.62 31.60
C TYR L 94 -14.53 -52.85 31.53
N TYR L 95 -14.09 -52.54 30.32
CA TYR L 95 -12.84 -51.85 30.09
C TYR L 95 -13.10 -50.37 29.81
N CYS L 96 -12.02 -49.60 29.68
CA CYS L 96 -12.07 -48.20 29.30
C CYS L 96 -11.03 -47.95 28.22
N ALA L 97 -11.30 -46.95 27.37
CA ALA L 97 -10.47 -46.73 26.19
C ALA L 97 -10.19 -45.24 26.04
N ARG L 98 -9.48 -44.90 24.96
CA ARG L 98 -9.06 -43.54 24.68
C ARG L 98 -8.74 -43.41 23.20
N ASP L 99 -9.37 -42.46 22.52
CA ASP L 99 -9.13 -42.22 21.10
C ASP L 99 -8.64 -40.80 20.91
N PRO L 100 -7.42 -40.60 20.42
CA PRO L 100 -6.92 -39.23 20.21
C PRO L 100 -7.50 -38.62 18.95
N TYR L 101 -7.34 -37.30 18.85
CA TYR L 101 -7.66 -36.52 17.65
C TYR L 101 -9.16 -36.46 17.42
N SER L 102 -9.61 -35.50 16.62
CA SER L 102 -11.03 -35.24 16.42
C SER L 102 -11.50 -35.54 15.01
N ASN L 103 -10.87 -34.96 13.99
CA ASN L 103 -11.34 -35.09 12.62
C ASN L 103 -10.79 -36.32 11.91
N TYR L 104 -10.00 -37.14 12.60
CA TYR L 104 -9.47 -38.37 12.02
C TYR L 104 -9.50 -39.47 13.07
N PHE L 105 -9.48 -40.72 12.60
CA PHE L 105 -9.50 -41.89 13.47
C PHE L 105 -8.23 -42.69 13.25
N TYR L 106 -7.36 -42.69 14.25
CA TYR L 106 -6.15 -43.52 14.23
C TYR L 106 -6.36 -44.85 14.94
N GLY L 107 -6.74 -44.80 16.20
CA GLY L 107 -7.06 -46.01 16.93
C GLY L 107 -7.15 -45.72 18.40
N LEU L 108 -7.77 -46.67 19.12
CA LEU L 108 -7.88 -46.58 20.58
C LEU L 108 -6.54 -46.99 21.16
N ASP L 109 -5.60 -46.04 21.15
CA ASP L 109 -4.22 -46.34 21.51
C ASP L 109 -4.08 -46.66 22.99
N VAL L 110 -4.64 -45.82 23.86
CA VAL L 110 -4.48 -45.96 25.30
C VAL L 110 -5.61 -46.84 25.83
N TRP L 111 -5.25 -47.95 26.46
CA TRP L 111 -6.22 -48.89 27.02
C TRP L 111 -5.99 -49.02 28.52
N GLY L 112 -7.04 -49.40 29.22
CA GLY L 112 -7.01 -49.58 30.66
C GLY L 112 -6.56 -50.97 31.06
N GLN L 113 -7.01 -51.40 32.24
CA GLN L 113 -6.69 -52.74 32.74
C GLN L 113 -7.91 -53.58 33.09
N GLY L 114 -9.05 -52.99 33.38
CA GLY L 114 -10.29 -53.73 33.53
C GLY L 114 -10.99 -53.46 34.85
N THR L 115 -12.23 -53.94 34.91
CA THR L 115 -13.05 -53.86 36.12
C THR L 115 -14.09 -54.96 36.04
N THR L 116 -14.11 -55.85 37.03
CA THR L 116 -14.99 -57.00 37.03
C THR L 116 -16.15 -56.80 38.00
N VAL L 117 -17.34 -57.18 37.56
CA VAL L 117 -18.55 -57.08 38.37
C VAL L 117 -19.27 -58.42 38.32
N THR L 118 -19.57 -58.97 39.48
CA THR L 118 -20.25 -60.26 39.59
C THR L 118 -21.70 -60.03 39.95
N VAL L 119 -22.59 -60.80 39.32
CA VAL L 119 -24.03 -60.66 39.55
C VAL L 119 -24.51 -61.82 40.42
N SER L 120 -24.37 -63.04 39.91
CA SER L 120 -24.74 -64.27 40.64
C SER L 120 -26.20 -64.17 41.08
N SER L 121 -26.52 -64.73 42.25
CA SER L 121 -27.88 -64.69 42.76
C SER L 121 -27.89 -64.78 44.29
#